data_4BHR
# 
_entry.id   4BHR 
# 
_audit_conform.dict_name       mmcif_pdbx.dic 
_audit_conform.dict_version    5.397 
_audit_conform.dict_location   http://mmcif.pdb.org/dictionaries/ascii/mmcif_pdbx.dic 
# 
loop_
_database_2.database_id 
_database_2.database_code 
_database_2.pdbx_database_accession 
_database_2.pdbx_DOI 
PDB   4BHR         pdb_00004bhr 10.2210/pdb4bhr/pdb 
PDBE  EBI-56253    ?            ?                   
WWPDB D_1290056253 ?            ?                   
# 
loop_
_pdbx_audit_revision_history.ordinal 
_pdbx_audit_revision_history.data_content_type 
_pdbx_audit_revision_history.major_revision 
_pdbx_audit_revision_history.minor_revision 
_pdbx_audit_revision_history.revision_date 
1 'Structure model' 1 0 2013-11-20 
2 'Structure model' 1 1 2013-12-11 
3 'Structure model' 1 2 2024-10-16 
# 
_pdbx_audit_revision_details.ordinal             1 
_pdbx_audit_revision_details.revision_ordinal    1 
_pdbx_audit_revision_details.data_content_type   'Structure model' 
_pdbx_audit_revision_details.provider            repository 
_pdbx_audit_revision_details.type                'Initial release' 
_pdbx_audit_revision_details.description         ? 
_pdbx_audit_revision_details.details             ? 
# 
loop_
_pdbx_audit_revision_group.ordinal 
_pdbx_audit_revision_group.revision_ordinal 
_pdbx_audit_revision_group.data_content_type 
_pdbx_audit_revision_group.group 
1 2 'Structure model' 'Database references'  
2 3 'Structure model' 'Data collection'      
3 3 'Structure model' 'Database references'  
4 3 'Structure model' 'Derived calculations' 
5 3 'Structure model' Other                  
6 3 'Structure model' 'Structure summary'    
# 
loop_
_pdbx_audit_revision_category.ordinal 
_pdbx_audit_revision_category.revision_ordinal 
_pdbx_audit_revision_category.data_content_type 
_pdbx_audit_revision_category.category 
1 3 'Structure model' chem_comp_atom            
2 3 'Structure model' chem_comp_bond            
3 3 'Structure model' database_2                
4 3 'Structure model' pdbx_database_status      
5 3 'Structure model' pdbx_entry_details        
6 3 'Structure model' pdbx_modification_feature 
7 3 'Structure model' struct_site               
# 
loop_
_pdbx_audit_revision_item.ordinal 
_pdbx_audit_revision_item.revision_ordinal 
_pdbx_audit_revision_item.data_content_type 
_pdbx_audit_revision_item.item 
1 3 'Structure model' '_database_2.pdbx_DOI'                         
2 3 'Structure model' '_database_2.pdbx_database_accession'          
3 3 'Structure model' '_pdbx_database_status.status_code_sf'         
4 3 'Structure model' '_pdbx_entry_details.has_protein_modification' 
5 3 'Structure model' '_struct_site.pdbx_auth_asym_id'               
6 3 'Structure model' '_struct_site.pdbx_auth_comp_id'               
7 3 'Structure model' '_struct_site.pdbx_auth_seq_id'                
# 
_pdbx_database_status.status_code                     REL 
_pdbx_database_status.entry_id                        4BHR 
_pdbx_database_status.deposit_site                    PDBE 
_pdbx_database_status.process_site                    PDBE 
_pdbx_database_status.SG_entry                        . 
_pdbx_database_status.recvd_initial_deposition_date   2013-04-05 
_pdbx_database_status.pdb_format_compatible           Y 
_pdbx_database_status.status_code_sf                  REL 
_pdbx_database_status.status_code_mr                  ? 
_pdbx_database_status.status_code_cs                  ? 
_pdbx_database_status.methods_development_category    ? 
_pdbx_database_status.status_code_nmr_data            ? 
# 
_pdbx_database_related.db_name        PDB 
_pdbx_database_related.db_id          4BHQ 
_pdbx_database_related.content_type   unspecified 
_pdbx_database_related.details        
'STRUCTURE OF THE PERIPLASMIC DOMAIN OF THE PILN TYPE IV PILUS BIOGENESIS PROTEIN FROM THERMUS THERMOPHILUS' 
# 
loop_
_audit_author.name 
_audit_author.pdbx_ordinal 
'Karuppiah, V.'      1 
'Collins, R.F.'      2 
'Gao, Y.'            3 
'Thistlethwaite, A.' 4 
'Derrick, J.P.'      5 
# 
_citation.id                        primary 
_citation.title                     
'Structure and Assembly of an Inner Membrane Platform for Initiation of Type Iv Pilus Biogenesis' 
_citation.journal_abbrev            Proc.Natl.Acad.Sci.USA 
_citation.journal_volume            110 
_citation.page_first                E4638 
_citation.page_last                 ? 
_citation.year                      2013 
_citation.journal_id_ASTM           PNASA6 
_citation.country                   US 
_citation.journal_id_ISSN           0027-8424 
_citation.journal_id_CSD            0040 
_citation.book_publisher            ? 
_citation.pdbx_database_id_PubMed   24218553 
_citation.pdbx_database_id_DOI      10.1073/PNAS.1312313110 
# 
loop_
_citation_author.citation_id 
_citation_author.name 
_citation_author.ordinal 
_citation_author.identifier_ORCID 
primary 'Karuppiah, V.'      1 ? 
primary 'Collins, R.F.'      2 ? 
primary 'Thistlethwaite, A.' 3 ? 
primary 'Gao, Y.'            4 ? 
primary 'Derrick, J.P.'      5 ? 
# 
loop_
_entity.id 
_entity.type 
_entity.src_method 
_entity.pdbx_description 
_entity.formula_weight 
_entity.pdbx_number_of_molecules 
_entity.pdbx_ec 
_entity.pdbx_mutation 
_entity.pdbx_fragment 
_entity.details 
1 polymer     man 'PILIN, TYPE IV' 10134.958 2   ? ? 'RESIDUES 37-122' ? 
2 non-polymer syn 'SULFATE ION'    96.063    1   ? ? ?                 ? 
3 water       nat water            18.015    133 ? ? ?                 ? 
# 
_entity_poly.entity_id                      1 
_entity_poly.type                           'polypeptide(L)' 
_entity_poly.nstd_linkage                   no 
_entity_poly.nstd_monomer                   no 
_entity_poly.pdbx_seq_one_letter_code       
;MANTTAAQAYVRNVATAVEAERDPTTGALPQLPQACDQFVANPPASVTQCNVTANNDGVNFTVTAQLTGARYGSVSFDSS
TGQFSFQLEHHHHHH
;
_entity_poly.pdbx_seq_one_letter_code_can   
;MANTTAAQAYVRNVATAVEAERDPTTGALPQLPQACDQFVANPPASVTQCNVTANNDGVNFTVTAQLTGARYGSVSFDSS
TGQFSFQLEHHHHHH
;
_entity_poly.pdbx_strand_id                 A,B 
_entity_poly.pdbx_target_identifier         ? 
# 
loop_
_pdbx_entity_nonpoly.entity_id 
_pdbx_entity_nonpoly.name 
_pdbx_entity_nonpoly.comp_id 
2 'SULFATE ION' SO4 
3 water         HOH 
# 
loop_
_entity_poly_seq.entity_id 
_entity_poly_seq.num 
_entity_poly_seq.mon_id 
_entity_poly_seq.hetero 
1 1  MET n 
1 2  ALA n 
1 3  ASN n 
1 4  THR n 
1 5  THR n 
1 6  ALA n 
1 7  ALA n 
1 8  GLN n 
1 9  ALA n 
1 10 TYR n 
1 11 VAL n 
1 12 ARG n 
1 13 ASN n 
1 14 VAL n 
1 15 ALA n 
1 16 THR n 
1 17 ALA n 
1 18 VAL n 
1 19 GLU n 
1 20 ALA n 
1 21 GLU n 
1 22 ARG n 
1 23 ASP n 
1 24 PRO n 
1 25 THR n 
1 26 THR n 
1 27 GLY n 
1 28 ALA n 
1 29 LEU n 
1 30 PRO n 
1 31 GLN n 
1 32 LEU n 
1 33 PRO n 
1 34 GLN n 
1 35 ALA n 
1 36 CYS n 
1 37 ASP n 
1 38 GLN n 
1 39 PHE n 
1 40 VAL n 
1 41 ALA n 
1 42 ASN n 
1 43 PRO n 
1 44 PRO n 
1 45 ALA n 
1 46 SER n 
1 47 VAL n 
1 48 THR n 
1 49 GLN n 
1 50 CYS n 
1 51 ASN n 
1 52 VAL n 
1 53 THR n 
1 54 ALA n 
1 55 ASN n 
1 56 ASN n 
1 57 ASP n 
1 58 GLY n 
1 59 VAL n 
1 60 ASN n 
1 61 PHE n 
1 62 THR n 
1 63 VAL n 
1 64 THR n 
1 65 ALA n 
1 66 GLN n 
1 67 LEU n 
1 68 THR n 
1 69 GLY n 
1 70 ALA n 
1 71 ARG n 
1 72 TYR n 
1 73 GLY n 
1 74 SER n 
1 75 VAL n 
1 76 SER n 
1 77 PHE n 
1 78 ASP n 
1 79 SER n 
1 80 SER n 
1 81 THR n 
1 82 GLY n 
1 83 GLN n 
1 84 PHE n 
1 85 SER n 
1 86 PHE n 
1 87 GLN n 
1 88 LEU n 
1 89 GLU n 
1 90 HIS n 
1 91 HIS n 
1 92 HIS n 
1 93 HIS n 
1 94 HIS n 
1 95 HIS n 
# 
_entity_src_gen.entity_id                          1 
_entity_src_gen.pdbx_src_id                        1 
_entity_src_gen.pdbx_alt_source_flag               sample 
_entity_src_gen.pdbx_seq_type                      ? 
_entity_src_gen.pdbx_beg_seq_num                   ? 
_entity_src_gen.pdbx_end_seq_num                   ? 
_entity_src_gen.gene_src_common_name               ? 
_entity_src_gen.gene_src_genus                     ? 
_entity_src_gen.pdbx_gene_src_gene                 ? 
_entity_src_gen.gene_src_species                   ? 
_entity_src_gen.gene_src_strain                    HB8 
_entity_src_gen.gene_src_tissue                    ? 
_entity_src_gen.gene_src_tissue_fraction           ? 
_entity_src_gen.gene_src_details                   ? 
_entity_src_gen.pdbx_gene_src_fragment             ? 
_entity_src_gen.pdbx_gene_src_scientific_name      'THERMUS THERMOPHILUS' 
_entity_src_gen.pdbx_gene_src_ncbi_taxonomy_id     300852 
_entity_src_gen.pdbx_gene_src_variant              ? 
_entity_src_gen.pdbx_gene_src_cell_line            ? 
_entity_src_gen.pdbx_gene_src_atcc                 ? 
_entity_src_gen.pdbx_gene_src_organ                ? 
_entity_src_gen.pdbx_gene_src_organelle            ? 
_entity_src_gen.pdbx_gene_src_cell                 ? 
_entity_src_gen.pdbx_gene_src_cellular_location    ? 
_entity_src_gen.host_org_common_name               ? 
_entity_src_gen.pdbx_host_org_scientific_name      'ESCHERICHIA COLI' 
_entity_src_gen.pdbx_host_org_ncbi_taxonomy_id     562 
_entity_src_gen.host_org_genus                     ? 
_entity_src_gen.pdbx_host_org_gene                 ? 
_entity_src_gen.pdbx_host_org_organ                ? 
_entity_src_gen.host_org_species                   ? 
_entity_src_gen.pdbx_host_org_tissue               ? 
_entity_src_gen.pdbx_host_org_tissue_fraction      ? 
_entity_src_gen.pdbx_host_org_strain               ? 
_entity_src_gen.pdbx_host_org_variant              ? 
_entity_src_gen.pdbx_host_org_cell_line            ? 
_entity_src_gen.pdbx_host_org_atcc                 ? 
_entity_src_gen.pdbx_host_org_culture_collection   ? 
_entity_src_gen.pdbx_host_org_cell                 ? 
_entity_src_gen.pdbx_host_org_organelle            ? 
_entity_src_gen.pdbx_host_org_cellular_location    ? 
_entity_src_gen.pdbx_host_org_vector_type          PLASMID 
_entity_src_gen.pdbx_host_org_vector               PET22B 
_entity_src_gen.host_org_details                   ? 
_entity_src_gen.expression_system_id               ? 
_entity_src_gen.plasmid_name                       ? 
_entity_src_gen.plasmid_details                    ? 
_entity_src_gen.pdbx_description                   ? 
# 
loop_
_chem_comp.id 
_chem_comp.type 
_chem_comp.mon_nstd_flag 
_chem_comp.name 
_chem_comp.pdbx_synonyms 
_chem_comp.formula 
_chem_comp.formula_weight 
ALA 'L-peptide linking' y ALANINE         ? 'C3 H7 N O2'     89.093  
ARG 'L-peptide linking' y ARGININE        ? 'C6 H15 N4 O2 1' 175.209 
ASN 'L-peptide linking' y ASPARAGINE      ? 'C4 H8 N2 O3'    132.118 
ASP 'L-peptide linking' y 'ASPARTIC ACID' ? 'C4 H7 N O4'     133.103 
CYS 'L-peptide linking' y CYSTEINE        ? 'C3 H7 N O2 S'   121.158 
GLN 'L-peptide linking' y GLUTAMINE       ? 'C5 H10 N2 O3'   146.144 
GLU 'L-peptide linking' y 'GLUTAMIC ACID' ? 'C5 H9 N O4'     147.129 
GLY 'peptide linking'   y GLYCINE         ? 'C2 H5 N O2'     75.067  
HIS 'L-peptide linking' y HISTIDINE       ? 'C6 H10 N3 O2 1' 156.162 
HOH non-polymer         . WATER           ? 'H2 O'           18.015  
LEU 'L-peptide linking' y LEUCINE         ? 'C6 H13 N O2'    131.173 
MET 'L-peptide linking' y METHIONINE      ? 'C5 H11 N O2 S'  149.211 
PHE 'L-peptide linking' y PHENYLALANINE   ? 'C9 H11 N O2'    165.189 
PRO 'L-peptide linking' y PROLINE         ? 'C5 H9 N O2'     115.130 
SER 'L-peptide linking' y SERINE          ? 'C3 H7 N O3'     105.093 
SO4 non-polymer         . 'SULFATE ION'   ? 'O4 S -2'        96.063  
THR 'L-peptide linking' y THREONINE       ? 'C4 H9 N O3'     119.119 
TYR 'L-peptide linking' y TYROSINE        ? 'C9 H11 N O3'    181.189 
VAL 'L-peptide linking' y VALINE          ? 'C5 H11 N O2'    117.146 
# 
loop_
_pdbx_poly_seq_scheme.asym_id 
_pdbx_poly_seq_scheme.entity_id 
_pdbx_poly_seq_scheme.seq_id 
_pdbx_poly_seq_scheme.mon_id 
_pdbx_poly_seq_scheme.ndb_seq_num 
_pdbx_poly_seq_scheme.pdb_seq_num 
_pdbx_poly_seq_scheme.auth_seq_num 
_pdbx_poly_seq_scheme.pdb_mon_id 
_pdbx_poly_seq_scheme.auth_mon_id 
_pdbx_poly_seq_scheme.pdb_strand_id 
_pdbx_poly_seq_scheme.pdb_ins_code 
_pdbx_poly_seq_scheme.hetero 
A 1 1  MET 1  36  ?   ?   ?   A . n 
A 1 2  ALA 2  37  ?   ?   ?   A . n 
A 1 3  ASN 3  38  ?   ?   ?   A . n 
A 1 4  THR 4  39  ?   ?   ?   A . n 
A 1 5  THR 5  40  40  THR THR A . n 
A 1 6  ALA 6  41  41  ALA ALA A . n 
A 1 7  ALA 7  42  42  ALA ALA A . n 
A 1 8  GLN 8  43  43  GLN GLN A . n 
A 1 9  ALA 9  44  44  ALA ALA A . n 
A 1 10 TYR 10 45  45  TYR TYR A . n 
A 1 11 VAL 11 46  46  VAL VAL A . n 
A 1 12 ARG 12 47  47  ARG ARG A . n 
A 1 13 ASN 13 48  48  ASN ASN A . n 
A 1 14 VAL 14 49  49  VAL VAL A . n 
A 1 15 ALA 15 50  50  ALA ALA A . n 
A 1 16 THR 16 51  51  THR THR A . n 
A 1 17 ALA 17 52  52  ALA ALA A . n 
A 1 18 VAL 18 53  53  VAL VAL A . n 
A 1 19 GLU 19 54  54  GLU GLU A . n 
A 1 20 ALA 20 55  55  ALA ALA A . n 
A 1 21 GLU 21 56  56  GLU GLU A . n 
A 1 22 ARG 22 57  57  ARG ARG A . n 
A 1 23 ASP 23 58  58  ASP ASP A . n 
A 1 24 PRO 24 59  59  PRO PRO A . n 
A 1 25 THR 25 60  60  THR THR A . n 
A 1 26 THR 26 61  61  THR THR A . n 
A 1 27 GLY 27 62  62  GLY GLY A . n 
A 1 28 ALA 28 63  63  ALA ALA A . n 
A 1 29 LEU 29 64  64  LEU LEU A . n 
A 1 30 PRO 30 65  65  PRO PRO A . n 
A 1 31 GLN 31 66  66  GLN GLN A . n 
A 1 32 LEU 32 67  67  LEU LEU A . n 
A 1 33 PRO 33 68  68  PRO PRO A . n 
A 1 34 GLN 34 69  69  GLN GLN A . n 
A 1 35 ALA 35 70  70  ALA ALA A . n 
A 1 36 CYS 36 71  71  CYS CYS A . n 
A 1 37 ASP 37 72  72  ASP ASP A . n 
A 1 38 GLN 38 73  73  GLN GLN A . n 
A 1 39 PHE 39 74  74  PHE PHE A . n 
A 1 40 VAL 40 75  75  VAL VAL A . n 
A 1 41 ALA 41 76  76  ALA ALA A . n 
A 1 42 ASN 42 77  77  ASN ASN A . n 
A 1 43 PRO 43 78  78  PRO PRO A . n 
A 1 44 PRO 44 79  79  PRO PRO A . n 
A 1 45 ALA 45 80  80  ALA ALA A . n 
A 1 46 SER 46 81  81  SER SER A . n 
A 1 47 VAL 47 82  82  VAL VAL A . n 
A 1 48 THR 48 83  83  THR THR A . n 
A 1 49 GLN 49 84  84  GLN GLN A . n 
A 1 50 CYS 50 85  85  CYS CYS A . n 
A 1 51 ASN 51 86  86  ASN ASN A . n 
A 1 52 VAL 52 87  87  VAL VAL A . n 
A 1 53 THR 53 88  88  THR THR A . n 
A 1 54 ALA 54 89  89  ALA ALA A . n 
A 1 55 ASN 55 90  90  ASN ASN A . n 
A 1 56 ASN 56 91  91  ASN ASN A . n 
A 1 57 ASP 57 92  92  ASP ASP A . n 
A 1 58 GLY 58 93  93  GLY GLY A . n 
A 1 59 VAL 59 94  94  VAL VAL A . n 
A 1 60 ASN 60 95  95  ASN ASN A . n 
A 1 61 PHE 61 96  96  PHE PHE A . n 
A 1 62 THR 62 97  97  THR THR A . n 
A 1 63 VAL 63 98  98  VAL VAL A . n 
A 1 64 THR 64 99  99  THR THR A . n 
A 1 65 ALA 65 100 100 ALA ALA A . n 
A 1 66 GLN 66 101 101 GLN GLN A . n 
A 1 67 LEU 67 102 102 LEU LEU A . n 
A 1 68 THR 68 103 103 THR THR A . n 
A 1 69 GLY 69 104 ?   ?   ?   A . n 
A 1 70 ALA 70 105 ?   ?   ?   A . n 
A 1 71 ARG 71 106 ?   ?   ?   A . n 
A 1 72 TYR 72 107 107 TYR TYR A . n 
A 1 73 GLY 73 108 108 GLY GLY A . n 
A 1 74 SER 74 109 109 SER SER A . n 
A 1 75 VAL 75 110 110 VAL VAL A . n 
A 1 76 SER 76 111 111 SER SER A . n 
A 1 77 PHE 77 112 112 PHE PHE A . n 
A 1 78 ASP 78 113 113 ASP ASP A . n 
A 1 79 SER 79 114 114 SER SER A . n 
A 1 80 SER 80 115 115 SER SER A . n 
A 1 81 THR 81 116 116 THR THR A . n 
A 1 82 GLY 82 117 117 GLY GLY A . n 
A 1 83 GLN 83 118 118 GLN GLN A . n 
A 1 84 PHE 84 119 119 PHE PHE A . n 
A 1 85 SER 85 120 120 SER SER A . n 
A 1 86 PHE 86 121 121 PHE PHE A . n 
A 1 87 GLN 87 122 122 GLN GLN A . n 
A 1 88 LEU 88 123 123 LEU LEU A . n 
A 1 89 GLU 89 124 ?   ?   ?   A . n 
A 1 90 HIS 90 125 ?   ?   ?   A . n 
A 1 91 HIS 91 126 ?   ?   ?   A . n 
A 1 92 HIS 92 127 ?   ?   ?   A . n 
A 1 93 HIS 93 128 ?   ?   ?   A . n 
A 1 94 HIS 94 129 ?   ?   ?   A . n 
A 1 95 HIS 95 130 ?   ?   ?   A . n 
B 1 1  MET 1  36  ?   ?   ?   B . n 
B 1 2  ALA 2  37  37  ALA ALA B . n 
B 1 3  ASN 3  38  38  ASN ASN B . n 
B 1 4  THR 4  39  39  THR THR B . n 
B 1 5  THR 5  40  40  THR THR B . n 
B 1 6  ALA 6  41  41  ALA ALA B . n 
B 1 7  ALA 7  42  42  ALA ALA B . n 
B 1 8  GLN 8  43  43  GLN GLN B . n 
B 1 9  ALA 9  44  44  ALA ALA B . n 
B 1 10 TYR 10 45  45  TYR TYR B . n 
B 1 11 VAL 11 46  46  VAL VAL B . n 
B 1 12 ARG 12 47  47  ARG ARG B . n 
B 1 13 ASN 13 48  48  ASN ASN B . n 
B 1 14 VAL 14 49  49  VAL VAL B . n 
B 1 15 ALA 15 50  50  ALA ALA B . n 
B 1 16 THR 16 51  51  THR THR B . n 
B 1 17 ALA 17 52  52  ALA ALA B . n 
B 1 18 VAL 18 53  53  VAL VAL B . n 
B 1 19 GLU 19 54  54  GLU GLU B . n 
B 1 20 ALA 20 55  55  ALA ALA B . n 
B 1 21 GLU 21 56  56  GLU GLU B . n 
B 1 22 ARG 22 57  57  ARG ARG B . n 
B 1 23 ASP 23 58  58  ASP ASP B . n 
B 1 24 PRO 24 59  59  PRO PRO B . n 
B 1 25 THR 25 60  60  THR THR B . n 
B 1 26 THR 26 61  61  THR THR B . n 
B 1 27 GLY 27 62  62  GLY GLY B . n 
B 1 28 ALA 28 63  63  ALA ALA B . n 
B 1 29 LEU 29 64  64  LEU LEU B . n 
B 1 30 PRO 30 65  65  PRO PRO B . n 
B 1 31 GLN 31 66  66  GLN GLN B . n 
B 1 32 LEU 32 67  67  LEU LEU B . n 
B 1 33 PRO 33 68  68  PRO PRO B . n 
B 1 34 GLN 34 69  69  GLN GLN B . n 
B 1 35 ALA 35 70  70  ALA ALA B . n 
B 1 36 CYS 36 71  71  CYS CYS B . n 
B 1 37 ASP 37 72  72  ASP ASP B . n 
B 1 38 GLN 38 73  73  GLN GLN B . n 
B 1 39 PHE 39 74  74  PHE PHE B . n 
B 1 40 VAL 40 75  75  VAL VAL B . n 
B 1 41 ALA 41 76  76  ALA ALA B . n 
B 1 42 ASN 42 77  77  ASN ASN B . n 
B 1 43 PRO 43 78  78  PRO PRO B . n 
B 1 44 PRO 44 79  79  PRO PRO B . n 
B 1 45 ALA 45 80  80  ALA ALA B . n 
B 1 46 SER 46 81  81  SER SER B . n 
B 1 47 VAL 47 82  82  VAL VAL B . n 
B 1 48 THR 48 83  83  THR THR B . n 
B 1 49 GLN 49 84  84  GLN GLN B . n 
B 1 50 CYS 50 85  85  CYS CYS B . n 
B 1 51 ASN 51 86  86  ASN ASN B . n 
B 1 52 VAL 52 87  87  VAL VAL B . n 
B 1 53 THR 53 88  88  THR THR B . n 
B 1 54 ALA 54 89  89  ALA ALA B . n 
B 1 55 ASN 55 90  90  ASN ASN B . n 
B 1 56 ASN 56 91  91  ASN ASN B . n 
B 1 57 ASP 57 92  92  ASP ASP B . n 
B 1 58 GLY 58 93  93  GLY GLY B . n 
B 1 59 VAL 59 94  94  VAL VAL B . n 
B 1 60 ASN 60 95  95  ASN ASN B . n 
B 1 61 PHE 61 96  96  PHE PHE B . n 
B 1 62 THR 62 97  97  THR THR B . n 
B 1 63 VAL 63 98  98  VAL VAL B . n 
B 1 64 THR 64 99  99  THR THR B . n 
B 1 65 ALA 65 100 100 ALA ALA B . n 
B 1 66 GLN 66 101 101 GLN GLN B . n 
B 1 67 LEU 67 102 102 LEU LEU B . n 
B 1 68 THR 68 103 103 THR THR B . n 
B 1 69 GLY 69 104 104 GLY GLY B . n 
B 1 70 ALA 70 105 105 ALA ALA B . n 
B 1 71 ARG 71 106 106 ARG ARG B . n 
B 1 72 TYR 72 107 107 TYR TYR B . n 
B 1 73 GLY 73 108 108 GLY GLY B . n 
B 1 74 SER 74 109 109 SER SER B . n 
B 1 75 VAL 75 110 110 VAL VAL B . n 
B 1 76 SER 76 111 111 SER SER B . n 
B 1 77 PHE 77 112 112 PHE PHE B . n 
B 1 78 ASP 78 113 113 ASP ASP B . n 
B 1 79 SER 79 114 114 SER SER B . n 
B 1 80 SER 80 115 115 SER SER B . n 
B 1 81 THR 81 116 116 THR THR B . n 
B 1 82 GLY 82 117 117 GLY GLY B . n 
B 1 83 GLN 83 118 118 GLN GLN B . n 
B 1 84 PHE 84 119 119 PHE PHE B . n 
B 1 85 SER 85 120 120 SER SER B . n 
B 1 86 PHE 86 121 121 PHE PHE B . n 
B 1 87 GLN 87 122 122 GLN GLN B . n 
B 1 88 LEU 88 123 123 LEU LEU B . n 
B 1 89 GLU 89 124 ?   ?   ?   B . n 
B 1 90 HIS 90 125 ?   ?   ?   B . n 
B 1 91 HIS 91 126 ?   ?   ?   B . n 
B 1 92 HIS 92 127 ?   ?   ?   B . n 
B 1 93 HIS 93 128 ?   ?   ?   B . n 
B 1 94 HIS 94 129 ?   ?   ?   B . n 
B 1 95 HIS 95 130 ?   ?   ?   B . n 
# 
loop_
_pdbx_nonpoly_scheme.asym_id 
_pdbx_nonpoly_scheme.entity_id 
_pdbx_nonpoly_scheme.mon_id 
_pdbx_nonpoly_scheme.ndb_seq_num 
_pdbx_nonpoly_scheme.pdb_seq_num 
_pdbx_nonpoly_scheme.auth_seq_num 
_pdbx_nonpoly_scheme.pdb_mon_id 
_pdbx_nonpoly_scheme.auth_mon_id 
_pdbx_nonpoly_scheme.pdb_strand_id 
_pdbx_nonpoly_scheme.pdb_ins_code 
C 2 SO4 1  1124 1124 SO4 SO4 B . 
D 3 HOH 1  2001 2001 HOH HOH A . 
D 3 HOH 2  2002 2002 HOH HOH A . 
D 3 HOH 3  2003 2003 HOH HOH A . 
D 3 HOH 4  2004 2004 HOH HOH A . 
D 3 HOH 5  2005 2005 HOH HOH A . 
D 3 HOH 6  2006 2006 HOH HOH A . 
D 3 HOH 7  2007 2007 HOH HOH A . 
D 3 HOH 8  2008 2008 HOH HOH A . 
D 3 HOH 9  2009 2009 HOH HOH A . 
D 3 HOH 10 2010 2010 HOH HOH A . 
D 3 HOH 11 2011 2011 HOH HOH A . 
D 3 HOH 12 2012 2012 HOH HOH A . 
D 3 HOH 13 2013 2013 HOH HOH A . 
D 3 HOH 14 2014 2014 HOH HOH A . 
D 3 HOH 15 2015 2015 HOH HOH A . 
D 3 HOH 16 2016 2016 HOH HOH A . 
D 3 HOH 17 2017 2017 HOH HOH A . 
D 3 HOH 18 2018 2018 HOH HOH A . 
D 3 HOH 19 2019 2019 HOH HOH A . 
D 3 HOH 20 2020 2020 HOH HOH A . 
D 3 HOH 21 2021 2021 HOH HOH A . 
D 3 HOH 22 2022 2022 HOH HOH A . 
D 3 HOH 23 2023 2023 HOH HOH A . 
D 3 HOH 24 2024 2024 HOH HOH A . 
D 3 HOH 25 2025 2025 HOH HOH A . 
D 3 HOH 26 2026 2026 HOH HOH A . 
D 3 HOH 27 2027 2027 HOH HOH A . 
D 3 HOH 28 2028 2028 HOH HOH A . 
D 3 HOH 29 2029 2029 HOH HOH A . 
D 3 HOH 30 2030 2030 HOH HOH A . 
D 3 HOH 31 2031 2031 HOH HOH A . 
D 3 HOH 32 2032 2032 HOH HOH A . 
D 3 HOH 33 2033 2033 HOH HOH A . 
D 3 HOH 34 2034 2034 HOH HOH A . 
D 3 HOH 35 2035 2035 HOH HOH A . 
D 3 HOH 36 2036 2036 HOH HOH A . 
D 3 HOH 37 2037 2037 HOH HOH A . 
D 3 HOH 38 2038 2038 HOH HOH A . 
D 3 HOH 39 2039 2039 HOH HOH A . 
D 3 HOH 40 2040 2040 HOH HOH A . 
D 3 HOH 41 2041 2041 HOH HOH A . 
D 3 HOH 42 2042 2042 HOH HOH A . 
D 3 HOH 43 2043 2043 HOH HOH A . 
D 3 HOH 44 2044 2044 HOH HOH A . 
D 3 HOH 45 2045 2045 HOH HOH A . 
D 3 HOH 46 2046 2046 HOH HOH A . 
D 3 HOH 47 2047 2047 HOH HOH A . 
D 3 HOH 48 2048 2048 HOH HOH A . 
D 3 HOH 49 2049 2049 HOH HOH A . 
D 3 HOH 50 2050 2050 HOH HOH A . 
D 3 HOH 51 2051 2051 HOH HOH A . 
D 3 HOH 52 2052 2052 HOH HOH A . 
D 3 HOH 53 2053 2053 HOH HOH A . 
D 3 HOH 54 2054 2054 HOH HOH A . 
D 3 HOH 55 2055 2055 HOH HOH A . 
D 3 HOH 56 2056 2056 HOH HOH A . 
D 3 HOH 57 2057 2057 HOH HOH A . 
D 3 HOH 58 2058 2058 HOH HOH A . 
D 3 HOH 59 2059 2059 HOH HOH A . 
D 3 HOH 60 2060 2060 HOH HOH A . 
D 3 HOH 61 2061 2061 HOH HOH A . 
D 3 HOH 62 2062 2062 HOH HOH A . 
D 3 HOH 63 2063 2063 HOH HOH A . 
D 3 HOH 64 2064 2064 HOH HOH A . 
D 3 HOH 65 2065 2065 HOH HOH A . 
D 3 HOH 66 2066 2066 HOH HOH A . 
D 3 HOH 67 2067 2067 HOH HOH A . 
D 3 HOH 68 2068 2068 HOH HOH A . 
D 3 HOH 69 2069 2069 HOH HOH A . 
D 3 HOH 70 2070 2070 HOH HOH A . 
D 3 HOH 71 2071 2071 HOH HOH A . 
D 3 HOH 72 2072 2072 HOH HOH A . 
D 3 HOH 73 2073 2073 HOH HOH A . 
D 3 HOH 74 2074 2074 HOH HOH A . 
D 3 HOH 75 2075 2075 HOH HOH A . 
D 3 HOH 76 2076 2076 HOH HOH A . 
D 3 HOH 77 2077 2077 HOH HOH A . 
D 3 HOH 78 2078 2078 HOH HOH A . 
E 3 HOH 1  2001 2001 HOH HOH B . 
E 3 HOH 2  2002 2002 HOH HOH B . 
E 3 HOH 3  2003 2003 HOH HOH B . 
E 3 HOH 4  2004 2004 HOH HOH B . 
E 3 HOH 5  2005 2005 HOH HOH B . 
E 3 HOH 6  2006 2006 HOH HOH B . 
E 3 HOH 7  2007 2007 HOH HOH B . 
E 3 HOH 8  2008 2008 HOH HOH B . 
E 3 HOH 9  2009 2009 HOH HOH B . 
E 3 HOH 10 2010 2010 HOH HOH B . 
E 3 HOH 11 2011 2011 HOH HOH B . 
E 3 HOH 12 2012 2012 HOH HOH B . 
E 3 HOH 13 2013 2013 HOH HOH B . 
E 3 HOH 14 2014 2014 HOH HOH B . 
E 3 HOH 15 2015 2015 HOH HOH B . 
E 3 HOH 16 2016 2016 HOH HOH B . 
E 3 HOH 17 2017 2017 HOH HOH B . 
E 3 HOH 18 2018 2018 HOH HOH B . 
E 3 HOH 19 2019 2019 HOH HOH B . 
E 3 HOH 20 2020 2020 HOH HOH B . 
E 3 HOH 21 2021 2021 HOH HOH B . 
E 3 HOH 22 2022 2022 HOH HOH B . 
E 3 HOH 23 2023 2023 HOH HOH B . 
E 3 HOH 24 2024 2024 HOH HOH B . 
E 3 HOH 25 2025 2025 HOH HOH B . 
E 3 HOH 26 2026 2026 HOH HOH B . 
E 3 HOH 27 2027 2027 HOH HOH B . 
E 3 HOH 28 2028 2028 HOH HOH B . 
E 3 HOH 29 2029 2029 HOH HOH B . 
E 3 HOH 30 2030 2030 HOH HOH B . 
E 3 HOH 31 2031 2031 HOH HOH B . 
E 3 HOH 32 2032 2032 HOH HOH B . 
E 3 HOH 33 2033 2033 HOH HOH B . 
E 3 HOH 34 2034 2034 HOH HOH B . 
E 3 HOH 35 2035 2035 HOH HOH B . 
E 3 HOH 36 2036 2036 HOH HOH B . 
E 3 HOH 37 2037 2037 HOH HOH B . 
E 3 HOH 38 2038 2038 HOH HOH B . 
E 3 HOH 39 2039 2039 HOH HOH B . 
E 3 HOH 40 2040 2040 HOH HOH B . 
E 3 HOH 41 2041 2041 HOH HOH B . 
E 3 HOH 42 2042 2042 HOH HOH B . 
E 3 HOH 43 2043 2043 HOH HOH B . 
E 3 HOH 44 2044 2044 HOH HOH B . 
E 3 HOH 45 2045 2045 HOH HOH B . 
E 3 HOH 46 2046 2046 HOH HOH B . 
E 3 HOH 47 2047 2047 HOH HOH B . 
E 3 HOH 48 2048 2048 HOH HOH B . 
E 3 HOH 49 2049 2049 HOH HOH B . 
E 3 HOH 50 2050 2050 HOH HOH B . 
E 3 HOH 51 2051 2051 HOH HOH B . 
E 3 HOH 52 2052 2052 HOH HOH B . 
E 3 HOH 53 2053 2053 HOH HOH B . 
E 3 HOH 54 2054 2054 HOH HOH B . 
E 3 HOH 55 2055 2055 HOH HOH B . 
# 
loop_
_pdbx_unobs_or_zero_occ_atoms.id 
_pdbx_unobs_or_zero_occ_atoms.PDB_model_num 
_pdbx_unobs_or_zero_occ_atoms.polymer_flag 
_pdbx_unobs_or_zero_occ_atoms.occupancy_flag 
_pdbx_unobs_or_zero_occ_atoms.auth_asym_id 
_pdbx_unobs_or_zero_occ_atoms.auth_comp_id 
_pdbx_unobs_or_zero_occ_atoms.auth_seq_id 
_pdbx_unobs_or_zero_occ_atoms.PDB_ins_code 
_pdbx_unobs_or_zero_occ_atoms.auth_atom_id 
_pdbx_unobs_or_zero_occ_atoms.label_alt_id 
_pdbx_unobs_or_zero_occ_atoms.label_asym_id 
_pdbx_unobs_or_zero_occ_atoms.label_comp_id 
_pdbx_unobs_or_zero_occ_atoms.label_seq_id 
_pdbx_unobs_or_zero_occ_atoms.label_atom_id 
1 1 Y 1 A GLN 84  ? CG  ? A GLN 49 CG  
2 1 Y 1 A GLN 84  ? CD  ? A GLN 49 CD  
3 1 Y 1 A GLN 84  ? OE1 ? A GLN 49 OE1 
4 1 Y 1 A GLN 84  ? NE2 ? A GLN 49 NE2 
5 1 Y 1 A LEU 123 ? CG  ? A LEU 88 CG  
6 1 Y 1 A LEU 123 ? CD1 ? A LEU 88 CD1 
7 1 Y 1 A LEU 123 ? CD2 ? A LEU 88 CD2 
# 
loop_
_software.name 
_software.classification 
_software.version 
_software.citation_id 
_software.pdbx_ordinal 
REFMAC refinement       5.6.0117 ? 1 
XDS    'data reduction' .        ? 2 
PHENIX phasing          .        ? 3 
# 
_cell.entry_id           4BHR 
_cell.length_a           36.790 
_cell.length_b           36.790 
_cell.length_c           207.810 
_cell.angle_alpha        90.00 
_cell.angle_beta         90.00 
_cell.angle_gamma        120.00 
_cell.Z_PDB              12 
_cell.pdbx_unique_axis   ? 
# 
_symmetry.entry_id                         4BHR 
_symmetry.space_group_name_H-M             'P 32 2 1' 
_symmetry.pdbx_full_space_group_name_H-M   ? 
_symmetry.cell_setting                     ? 
_symmetry.Int_Tables_number                154 
# 
_exptl.entry_id          4BHR 
_exptl.method            'X-RAY DIFFRACTION' 
_exptl.crystals_number   1 
# 
_exptl_crystal.id                    1 
_exptl_crystal.density_meas          ? 
_exptl_crystal.density_Matthews      2.5 
_exptl_crystal.density_percent_sol   51 
_exptl_crystal.description           NONE 
# 
_exptl_crystal_grow.crystal_id      1 
_exptl_crystal_grow.method          ? 
_exptl_crystal_grow.temp            ? 
_exptl_crystal_grow.temp_details    ? 
_exptl_crystal_grow.pH              7 
_exptl_crystal_grow.pdbx_pH_range   ? 
_exptl_crystal_grow.pdbx_details    '150 MM MOPS PH 7.0, 6.0 % V/V ETHYLENE GLYCOL, 1.8 M AMMONIUM SULFATE' 
# 
_diffrn.id                     1 
_diffrn.ambient_temp           100 
_diffrn.ambient_temp_details   ? 
_diffrn.crystal_id             1 
# 
_diffrn_radiation.diffrn_id                        1 
_diffrn_radiation.wavelength_id                    1 
_diffrn_radiation.pdbx_monochromatic_or_laue_m_l   M 
_diffrn_radiation.monochromator                    ? 
_diffrn_radiation.pdbx_diffrn_protocol             'SINGLE WAVELENGTH' 
_diffrn_radiation.pdbx_scattering_type             x-ray 
# 
_diffrn_radiation_wavelength.id           1 
_diffrn_radiation_wavelength.wavelength   0.946 
_diffrn_radiation_wavelength.wt           1.0 
# 
_diffrn_source.diffrn_id                   1 
_diffrn_source.source                      SYNCHROTRON 
_diffrn_source.type                        'DIAMOND BEAMLINE I04' 
_diffrn_source.pdbx_synchrotron_site       Diamond 
_diffrn_source.pdbx_synchrotron_beamline   I04 
_diffrn_source.pdbx_wavelength             0.946 
_diffrn_source.pdbx_wavelength_list        ? 
# 
_reflns.pdbx_diffrn_id               1 
_reflns.pdbx_ordinal                 1 
_reflns.entry_id                     4BHR 
_reflns.observed_criterion_sigma_I   3.0 
_reflns.observed_criterion_sigma_F   ? 
_reflns.d_resolution_low             35.00 
_reflns.d_resolution_high            1.70 
_reflns.number_obs                   19190 
_reflns.number_all                   ? 
_reflns.percent_possible_obs         99.8 
_reflns.pdbx_Rmerge_I_obs            0.07 
_reflns.pdbx_Rsym_value              ? 
_reflns.pdbx_netI_over_sigmaI        17.10 
_reflns.B_iso_Wilson_estimate        ? 
_reflns.pdbx_redundancy              10.1 
# 
_reflns_shell.pdbx_diffrn_id         1 
_reflns_shell.pdbx_ordinal           1 
_reflns_shell.d_res_high             1.70 
_reflns_shell.d_res_low              1.74 
_reflns_shell.percent_possible_all   99.6 
_reflns_shell.Rmerge_I_obs           0.76 
_reflns_shell.pdbx_Rsym_value        ? 
_reflns_shell.meanI_over_sigI_obs    3.50 
_reflns_shell.pdbx_redundancy        10.5 
# 
_refine.pdbx_refine_id                           'X-RAY DIFFRACTION' 
_refine.entry_id                                 4BHR 
_refine.pdbx_diffrn_id                           1 
_refine.pdbx_TLS_residual_ADP_flag               ? 
_refine.ls_number_reflns_obs                     17721 
_refine.ls_number_reflns_all                     ? 
_refine.pdbx_ls_sigma_I                          ? 
_refine.pdbx_ls_sigma_F                          . 
_refine.pdbx_data_cutoff_high_absF               ? 
_refine.pdbx_data_cutoff_low_absF                ? 
_refine.pdbx_data_cutoff_high_rms_absF           ? 
_refine.ls_d_res_low                             69.27 
_refine.ls_d_res_high                            1.70 
_refine.ls_percent_reflns_obs                    97.85 
_refine.ls_R_factor_obs                          0.21728 
_refine.ls_R_factor_all                          ? 
_refine.ls_R_factor_R_work                       0.21605 
_refine.ls_R_factor_R_free                       0.24079 
_refine.ls_R_factor_R_free_error                 ? 
_refine.ls_R_factor_R_free_error_details         ? 
_refine.ls_percent_reflns_R_free                 5.1 
_refine.ls_number_reflns_R_free                  959 
_refine.ls_number_parameters                     ? 
_refine.ls_number_restraints                     ? 
_refine.occupancy_min                            ? 
_refine.occupancy_max                            ? 
_refine.correlation_coeff_Fo_to_Fc               0.944 
_refine.correlation_coeff_Fo_to_Fc_free          0.937 
_refine.B_iso_mean                               25.559 
_refine.aniso_B[1][1]                            0.75 
_refine.aniso_B[2][2]                            0.75 
_refine.aniso_B[3][3]                            -1.13 
_refine.aniso_B[1][2]                            0.38 
_refine.aniso_B[1][3]                            0.00 
_refine.aniso_B[2][3]                            0.00 
_refine.solvent_model_details                    MASK 
_refine.solvent_model_param_ksol                 ? 
_refine.solvent_model_param_bsol                 ? 
_refine.pdbx_solvent_vdw_probe_radii             1.20 
_refine.pdbx_solvent_ion_probe_radii             0.80 
_refine.pdbx_solvent_shrinkage_radii             0.80 
_refine.pdbx_ls_cross_valid_method               THROUGHOUT 
_refine.details                                  'HYDROGENS HAVE BEEN ADDED IN THE RIDING POSITIONS.' 
_refine.pdbx_starting_model                      NONE 
_refine.pdbx_method_to_determine_struct          SAD 
_refine.pdbx_isotropic_thermal_model             ? 
_refine.pdbx_stereochemistry_target_values       'MAXIMUM LIKELIHOOD' 
_refine.pdbx_stereochem_target_val_spec_case     ? 
_refine.pdbx_R_Free_selection_details            RANDOM 
_refine.pdbx_overall_ESU_R                       0.125 
_refine.pdbx_overall_ESU_R_Free                  0.116 
_refine.overall_SU_ML                            0.081 
_refine.pdbx_overall_phase_error                 ? 
_refine.overall_SU_B                             2.408 
_refine.overall_SU_R_Cruickshank_DPI             ? 
_refine.pdbx_overall_SU_R_free_Cruickshank_DPI   ? 
_refine.pdbx_overall_SU_R_Blow_DPI               ? 
_refine.pdbx_overall_SU_R_free_Blow_DPI          ? 
# 
_refine_hist.pdbx_refine_id                   'X-RAY DIFFRACTION' 
_refine_hist.cycle_id                         LAST 
_refine_hist.pdbx_number_atoms_protein        1223 
_refine_hist.pdbx_number_atoms_nucleic_acid   0 
_refine_hist.pdbx_number_atoms_ligand         5 
_refine_hist.number_atoms_solvent             133 
_refine_hist.number_atoms_total               1361 
_refine_hist.d_res_high                       1.70 
_refine_hist.d_res_low                        69.27 
# 
loop_
_refine_ls_restr.type 
_refine_ls_restr.dev_ideal 
_refine_ls_restr.dev_ideal_target 
_refine_ls_restr.weight 
_refine_ls_restr.number 
_refine_ls_restr.pdbx_refine_id 
_refine_ls_restr.pdbx_restraint_function 
r_bond_refined_d             0.013  0.020  ? 1250 'X-RAY DIFFRACTION' ? 
r_bond_other_d               ?      ?      ? ?    'X-RAY DIFFRACTION' ? 
r_angle_refined_deg          1.503  1.923  ? 1718 'X-RAY DIFFRACTION' ? 
r_angle_other_deg            ?      ?      ? ?    'X-RAY DIFFRACTION' ? 
r_dihedral_angle_1_deg       5.170  5.000  ? 165  'X-RAY DIFFRACTION' ? 
r_dihedral_angle_2_deg       36.611 25.932 ? 59   'X-RAY DIFFRACTION' ? 
r_dihedral_angle_3_deg       12.804 15.000 ? 157  'X-RAY DIFFRACTION' ? 
r_dihedral_angle_4_deg       19.839 15.000 ? 5    'X-RAY DIFFRACTION' ? 
r_chiral_restr               0.117  0.200  ? 206  'X-RAY DIFFRACTION' ? 
r_gen_planes_refined         0.008  0.021  ? 987  'X-RAY DIFFRACTION' ? 
r_gen_planes_other           ?      ?      ? ?    'X-RAY DIFFRACTION' ? 
r_nbd_refined                ?      ?      ? ?    'X-RAY DIFFRACTION' ? 
r_nbd_other                  ?      ?      ? ?    'X-RAY DIFFRACTION' ? 
r_nbtor_refined              ?      ?      ? ?    'X-RAY DIFFRACTION' ? 
r_nbtor_other                ?      ?      ? ?    'X-RAY DIFFRACTION' ? 
r_xyhbond_nbd_refined        ?      ?      ? ?    'X-RAY DIFFRACTION' ? 
r_xyhbond_nbd_other          ?      ?      ? ?    'X-RAY DIFFRACTION' ? 
r_metal_ion_refined          ?      ?      ? ?    'X-RAY DIFFRACTION' ? 
r_metal_ion_other            ?      ?      ? ?    'X-RAY DIFFRACTION' ? 
r_symmetry_vdw_refined       ?      ?      ? ?    'X-RAY DIFFRACTION' ? 
r_symmetry_vdw_other         ?      ?      ? ?    'X-RAY DIFFRACTION' ? 
r_symmetry_hbond_refined     ?      ?      ? ?    'X-RAY DIFFRACTION' ? 
r_symmetry_hbond_other       ?      ?      ? ?    'X-RAY DIFFRACTION' ? 
r_symmetry_metal_ion_refined ?      ?      ? ?    'X-RAY DIFFRACTION' ? 
r_symmetry_metal_ion_other   ?      ?      ? ?    'X-RAY DIFFRACTION' ? 
r_mcbond_it                  ?      ?      ? ?    'X-RAY DIFFRACTION' ? 
r_mcbond_other               ?      ?      ? ?    'X-RAY DIFFRACTION' ? 
r_mcangle_it                 ?      ?      ? ?    'X-RAY DIFFRACTION' ? 
r_mcangle_other              ?      ?      ? ?    'X-RAY DIFFRACTION' ? 
r_scbond_it                  ?      ?      ? ?    'X-RAY DIFFRACTION' ? 
r_scbond_other               ?      ?      ? ?    'X-RAY DIFFRACTION' ? 
r_scangle_it                 ?      ?      ? ?    'X-RAY DIFFRACTION' ? 
r_scangle_other              ?      ?      ? ?    'X-RAY DIFFRACTION' ? 
r_long_range_B_refined       ?      ?      ? ?    'X-RAY DIFFRACTION' ? 
r_long_range_B_other         ?      ?      ? ?    'X-RAY DIFFRACTION' ? 
r_rigid_bond_restr           ?      ?      ? ?    'X-RAY DIFFRACTION' ? 
r_sphericity_free            ?      ?      ? ?    'X-RAY DIFFRACTION' ? 
r_sphericity_bonded          ?      ?      ? ?    'X-RAY DIFFRACTION' ? 
# 
_refine_ls_shell.pdbx_refine_id                   'X-RAY DIFFRACTION' 
_refine_ls_shell.pdbx_total_number_of_bins_used   20 
_refine_ls_shell.d_res_high                       1.700 
_refine_ls_shell.d_res_low                        1.744 
_refine_ls_shell.number_reflns_R_work             1071 
_refine_ls_shell.R_factor_R_work                  0.260 
_refine_ls_shell.percent_reflns_obs               91.23 
_refine_ls_shell.R_factor_R_free                  0.280 
_refine_ls_shell.R_factor_R_free_error            ? 
_refine_ls_shell.percent_reflns_R_free            ? 
_refine_ls_shell.number_reflns_R_free             63 
_refine_ls_shell.number_reflns_all                ? 
_refine_ls_shell.R_factor_all                     ? 
# 
_struct_ncs_oper.id             1 
_struct_ncs_oper.code           given 
_struct_ncs_oper.details        ? 
_struct_ncs_oper.matrix[1][1]   0.18184067 
_struct_ncs_oper.matrix[1][2]   0.93243300 
_struct_ncs_oper.matrix[1][3]   -0.29644092 
_struct_ncs_oper.matrix[2][1]   0.97415102 
_struct_ncs_oper.matrix[2][2]   -0.21602225 
_struct_ncs_oper.matrix[2][3]   -0.07270166 
_struct_ncs_oper.matrix[3][1]   -0.12500334 
_struct_ncs_oper.matrix[3][2]   -0.27926585 
_struct_ncs_oper.matrix[3][3]   -0.95581842 
_struct_ncs_oper.vector[1]      18.42795 
_struct_ncs_oper.vector[2]      15.95387 
_struct_ncs_oper.vector[3]      -3.75750 
# 
_struct.entry_id                  4BHR 
_struct.title                     'Structure of the TTHA1221 type IV pilin protein from Thermus thermophilus' 
_struct.pdbx_model_details        ? 
_struct.pdbx_CASP_flag            ? 
_struct.pdbx_model_type_details   ? 
# 
_struct_keywords.entry_id        4BHR 
_struct_keywords.pdbx_keywords   'CELL ADHESION' 
_struct_keywords.text            'CELL ADHESION, SECRETION' 
# 
loop_
_struct_asym.id 
_struct_asym.pdbx_blank_PDB_chainid_flag 
_struct_asym.pdbx_modified 
_struct_asym.entity_id 
_struct_asym.details 
A N N 1 ? 
B N N 1 ? 
C N N 2 ? 
D N N 3 ? 
E N N 3 ? 
# 
_struct_ref.id                         1 
_struct_ref.db_name                    UNP 
_struct_ref.db_code                    Q5SIZ3_THET8 
_struct_ref.entity_id                  1 
_struct_ref.pdbx_seq_one_letter_code   ? 
_struct_ref.pdbx_align_begin           ? 
_struct_ref.pdbx_db_accession          Q5SIZ3 
_struct_ref.pdbx_db_isoform            ? 
# 
loop_
_struct_ref_seq.align_id 
_struct_ref_seq.ref_id 
_struct_ref_seq.pdbx_PDB_id_code 
_struct_ref_seq.pdbx_strand_id 
_struct_ref_seq.seq_align_beg 
_struct_ref_seq.pdbx_seq_align_beg_ins_code 
_struct_ref_seq.seq_align_end 
_struct_ref_seq.pdbx_seq_align_end_ins_code 
_struct_ref_seq.pdbx_db_accession 
_struct_ref_seq.db_align_beg 
_struct_ref_seq.pdbx_db_align_beg_ins_code 
_struct_ref_seq.db_align_end 
_struct_ref_seq.pdbx_db_align_end_ins_code 
_struct_ref_seq.pdbx_auth_seq_align_beg 
_struct_ref_seq.pdbx_auth_seq_align_end 
1 1 4BHR A 2 ? 87 ? Q5SIZ3 37 ? 122 ? 37 122 
2 1 4BHR B 2 ? 87 ? Q5SIZ3 37 ? 122 ? 37 122 
# 
loop_
_struct_ref_seq_dif.align_id 
_struct_ref_seq_dif.pdbx_pdb_id_code 
_struct_ref_seq_dif.mon_id 
_struct_ref_seq_dif.pdbx_pdb_strand_id 
_struct_ref_seq_dif.seq_num 
_struct_ref_seq_dif.pdbx_pdb_ins_code 
_struct_ref_seq_dif.pdbx_seq_db_name 
_struct_ref_seq_dif.pdbx_seq_db_accession_code 
_struct_ref_seq_dif.db_mon_id 
_struct_ref_seq_dif.pdbx_seq_db_seq_num 
_struct_ref_seq_dif.details 
_struct_ref_seq_dif.pdbx_auth_seq_num 
_struct_ref_seq_dif.pdbx_ordinal 
1 4BHR MET A 1  ? UNP Q5SIZ3 ? ? 'expression tag' 36  1  
1 4BHR LEU A 88 ? UNP Q5SIZ3 ? ? 'expression tag' 123 2  
1 4BHR GLU A 89 ? UNP Q5SIZ3 ? ? 'expression tag' 124 3  
1 4BHR HIS A 90 ? UNP Q5SIZ3 ? ? 'expression tag' 125 4  
1 4BHR HIS A 91 ? UNP Q5SIZ3 ? ? 'expression tag' 126 5  
1 4BHR HIS A 92 ? UNP Q5SIZ3 ? ? 'expression tag' 127 6  
1 4BHR HIS A 93 ? UNP Q5SIZ3 ? ? 'expression tag' 128 7  
1 4BHR HIS A 94 ? UNP Q5SIZ3 ? ? 'expression tag' 129 8  
1 4BHR HIS A 95 ? UNP Q5SIZ3 ? ? 'expression tag' 130 9  
2 4BHR MET B 1  ? UNP Q5SIZ3 ? ? 'expression tag' 36  10 
2 4BHR LEU B 88 ? UNP Q5SIZ3 ? ? 'expression tag' 123 11 
2 4BHR GLU B 89 ? UNP Q5SIZ3 ? ? 'expression tag' 124 12 
2 4BHR HIS B 90 ? UNP Q5SIZ3 ? ? 'expression tag' 125 13 
2 4BHR HIS B 91 ? UNP Q5SIZ3 ? ? 'expression tag' 126 14 
2 4BHR HIS B 92 ? UNP Q5SIZ3 ? ? 'expression tag' 127 15 
2 4BHR HIS B 93 ? UNP Q5SIZ3 ? ? 'expression tag' 128 16 
2 4BHR HIS B 94 ? UNP Q5SIZ3 ? ? 'expression tag' 129 17 
2 4BHR HIS B 95 ? UNP Q5SIZ3 ? ? 'expression tag' 130 18 
# 
loop_
_pdbx_struct_assembly.id 
_pdbx_struct_assembly.details 
_pdbx_struct_assembly.method_details 
_pdbx_struct_assembly.oligomeric_details 
_pdbx_struct_assembly.oligomeric_count 
1 author_and_software_defined_assembly PISA monomeric 1 
2 author_and_software_defined_assembly PISA monomeric 1 
# 
loop_
_pdbx_struct_assembly_gen.assembly_id 
_pdbx_struct_assembly_gen.oper_expression 
_pdbx_struct_assembly_gen.asym_id_list 
1 1 A,D   
2 1 B,C,E 
# 
_pdbx_struct_oper_list.id                   1 
_pdbx_struct_oper_list.type                 'identity operation' 
_pdbx_struct_oper_list.name                 1_555 
_pdbx_struct_oper_list.symmetry_operation   x,y,z 
_pdbx_struct_oper_list.matrix[1][1]         1.0000000000 
_pdbx_struct_oper_list.matrix[1][2]         0.0000000000 
_pdbx_struct_oper_list.matrix[1][3]         0.0000000000 
_pdbx_struct_oper_list.vector[1]            0.0000000000 
_pdbx_struct_oper_list.matrix[2][1]         0.0000000000 
_pdbx_struct_oper_list.matrix[2][2]         1.0000000000 
_pdbx_struct_oper_list.matrix[2][3]         0.0000000000 
_pdbx_struct_oper_list.vector[2]            0.0000000000 
_pdbx_struct_oper_list.matrix[3][1]         0.0000000000 
_pdbx_struct_oper_list.matrix[3][2]         0.0000000000 
_pdbx_struct_oper_list.matrix[3][3]         1.0000000000 
_pdbx_struct_oper_list.vector[3]            0.0000000000 
# 
_struct_biol.id   1 
# 
loop_
_struct_conf.conf_type_id 
_struct_conf.id 
_struct_conf.pdbx_PDB_helix_id 
_struct_conf.beg_label_comp_id 
_struct_conf.beg_label_asym_id 
_struct_conf.beg_label_seq_id 
_struct_conf.pdbx_beg_PDB_ins_code 
_struct_conf.end_label_comp_id 
_struct_conf.end_label_asym_id 
_struct_conf.end_label_seq_id 
_struct_conf.pdbx_end_PDB_ins_code 
_struct_conf.beg_auth_comp_id 
_struct_conf.beg_auth_asym_id 
_struct_conf.beg_auth_seq_id 
_struct_conf.end_auth_comp_id 
_struct_conf.end_auth_asym_id 
_struct_conf.end_auth_seq_id 
_struct_conf.pdbx_PDB_helix_class 
_struct_conf.details 
_struct_conf.pdbx_PDB_helix_length 
HELX_P HELX_P1 1 THR A 5  ? GLU A 21 ? THR A 40 GLU A 56 1 ? 17 
HELX_P HELX_P2 2 ASP A 37 ? PHE A 39 ? ASP A 72 PHE A 74 5 ? 3  
HELX_P HELX_P3 3 ALA B 2  ? GLU B 21 ? ALA B 37 GLU B 56 1 ? 20 
HELX_P HELX_P4 4 ASP B 37 ? PHE B 39 ? ASP B 72 PHE B 74 5 ? 3  
# 
_struct_conf_type.id          HELX_P 
_struct_conf_type.criteria    ? 
_struct_conf_type.reference   ? 
# 
loop_
_struct_conn.id 
_struct_conn.conn_type_id 
_struct_conn.pdbx_leaving_atom_flag 
_struct_conn.pdbx_PDB_id 
_struct_conn.ptnr1_label_asym_id 
_struct_conn.ptnr1_label_comp_id 
_struct_conn.ptnr1_label_seq_id 
_struct_conn.ptnr1_label_atom_id 
_struct_conn.pdbx_ptnr1_label_alt_id 
_struct_conn.pdbx_ptnr1_PDB_ins_code 
_struct_conn.pdbx_ptnr1_standard_comp_id 
_struct_conn.ptnr1_symmetry 
_struct_conn.ptnr2_label_asym_id 
_struct_conn.ptnr2_label_comp_id 
_struct_conn.ptnr2_label_seq_id 
_struct_conn.ptnr2_label_atom_id 
_struct_conn.pdbx_ptnr2_label_alt_id 
_struct_conn.pdbx_ptnr2_PDB_ins_code 
_struct_conn.ptnr1_auth_asym_id 
_struct_conn.ptnr1_auth_comp_id 
_struct_conn.ptnr1_auth_seq_id 
_struct_conn.ptnr2_auth_asym_id 
_struct_conn.ptnr2_auth_comp_id 
_struct_conn.ptnr2_auth_seq_id 
_struct_conn.ptnr2_symmetry 
_struct_conn.pdbx_ptnr3_label_atom_id 
_struct_conn.pdbx_ptnr3_label_seq_id 
_struct_conn.pdbx_ptnr3_label_comp_id 
_struct_conn.pdbx_ptnr3_label_asym_id 
_struct_conn.pdbx_ptnr3_label_alt_id 
_struct_conn.pdbx_ptnr3_PDB_ins_code 
_struct_conn.details 
_struct_conn.pdbx_dist_value 
_struct_conn.pdbx_value_order 
_struct_conn.pdbx_role 
disulf1 disulf ? ? A CYS 36 SG ? ? ? 1_555 A CYS 50 SG ? ? A CYS 71 A CYS 85 1_555 ? ? ? ? ? ? ? 2.083 ? ? 
disulf2 disulf ? ? B CYS 36 SG ? ? ? 1_555 B CYS 50 SG ? ? B CYS 71 B CYS 85 1_555 ? ? ? ? ? ? ? 2.087 ? ? 
# 
_struct_conn_type.id          disulf 
_struct_conn_type.criteria    ? 
_struct_conn_type.reference   ? 
# 
loop_
_pdbx_modification_feature.ordinal 
_pdbx_modification_feature.label_comp_id 
_pdbx_modification_feature.label_asym_id 
_pdbx_modification_feature.label_seq_id 
_pdbx_modification_feature.label_alt_id 
_pdbx_modification_feature.modified_residue_label_comp_id 
_pdbx_modification_feature.modified_residue_label_asym_id 
_pdbx_modification_feature.modified_residue_label_seq_id 
_pdbx_modification_feature.modified_residue_label_alt_id 
_pdbx_modification_feature.auth_comp_id 
_pdbx_modification_feature.auth_asym_id 
_pdbx_modification_feature.auth_seq_id 
_pdbx_modification_feature.PDB_ins_code 
_pdbx_modification_feature.symmetry 
_pdbx_modification_feature.modified_residue_auth_comp_id 
_pdbx_modification_feature.modified_residue_auth_asym_id 
_pdbx_modification_feature.modified_residue_auth_seq_id 
_pdbx_modification_feature.modified_residue_PDB_ins_code 
_pdbx_modification_feature.modified_residue_symmetry 
_pdbx_modification_feature.comp_id_linking_atom 
_pdbx_modification_feature.modified_residue_id_linking_atom 
_pdbx_modification_feature.modified_residue_id 
_pdbx_modification_feature.ref_pcm_id 
_pdbx_modification_feature.ref_comp_id 
_pdbx_modification_feature.type 
_pdbx_modification_feature.category 
1 CYS A 36 ? CYS A 50 ? CYS A 71 ? 1_555 CYS A 85 ? 1_555 SG SG . . . None 'Disulfide bridge' 
2 CYS B 36 ? CYS B 50 ? CYS B 71 ? 1_555 CYS B 85 ? 1_555 SG SG . . . None 'Disulfide bridge' 
# 
loop_
_struct_mon_prot_cis.pdbx_id 
_struct_mon_prot_cis.label_comp_id 
_struct_mon_prot_cis.label_seq_id 
_struct_mon_prot_cis.label_asym_id 
_struct_mon_prot_cis.label_alt_id 
_struct_mon_prot_cis.pdbx_PDB_ins_code 
_struct_mon_prot_cis.auth_comp_id 
_struct_mon_prot_cis.auth_seq_id 
_struct_mon_prot_cis.auth_asym_id 
_struct_mon_prot_cis.pdbx_label_comp_id_2 
_struct_mon_prot_cis.pdbx_label_seq_id_2 
_struct_mon_prot_cis.pdbx_label_asym_id_2 
_struct_mon_prot_cis.pdbx_PDB_ins_code_2 
_struct_mon_prot_cis.pdbx_auth_comp_id_2 
_struct_mon_prot_cis.pdbx_auth_seq_id_2 
_struct_mon_prot_cis.pdbx_auth_asym_id_2 
_struct_mon_prot_cis.pdbx_PDB_model_num 
_struct_mon_prot_cis.pdbx_omega_angle 
1 LEU 32 A . ? LEU 67 A PRO 33 A ? PRO 68 A 1 3.56 
2 LEU 32 B . ? LEU 67 B PRO 33 B ? PRO 68 B 1 6.91 
# 
loop_
_struct_sheet.id 
_struct_sheet.type 
_struct_sheet.number_strands 
_struct_sheet.details 
AA ? 5 ? 
BA ? 5 ? 
# 
loop_
_struct_sheet_order.sheet_id 
_struct_sheet_order.range_id_1 
_struct_sheet_order.range_id_2 
_struct_sheet_order.offset 
_struct_sheet_order.sense 
AA 1 2 ? anti-parallel 
AA 2 3 ? anti-parallel 
AA 3 4 ? anti-parallel 
AA 4 5 ? anti-parallel 
BA 1 2 ? anti-parallel 
BA 2 3 ? anti-parallel 
BA 3 4 ? anti-parallel 
BA 4 5 ? anti-parallel 
# 
loop_
_struct_sheet_range.sheet_id 
_struct_sheet_range.id 
_struct_sheet_range.beg_label_comp_id 
_struct_sheet_range.beg_label_asym_id 
_struct_sheet_range.beg_label_seq_id 
_struct_sheet_range.pdbx_beg_PDB_ins_code 
_struct_sheet_range.end_label_comp_id 
_struct_sheet_range.end_label_asym_id 
_struct_sheet_range.end_label_seq_id 
_struct_sheet_range.pdbx_end_PDB_ins_code 
_struct_sheet_range.beg_auth_comp_id 
_struct_sheet_range.beg_auth_asym_id 
_struct_sheet_range.beg_auth_seq_id 
_struct_sheet_range.end_auth_comp_id 
_struct_sheet_range.end_auth_asym_id 
_struct_sheet_range.end_auth_seq_id 
AA 1 GLN A 34 ? ALA A 35 ? GLN A 69  ALA A 70  
AA 2 VAL A 47 ? ALA A 54 ? VAL A 82  ALA A 89  
AA 3 PHE A 61 ? LEU A 67 ? PHE A 96  LEU A 102 
AA 4 SER A 74 ? ASP A 78 ? SER A 109 ASP A 113 
AA 5 PHE A 84 ? GLN A 87 ? PHE A 119 GLN A 122 
BA 1 GLN B 34 ? ALA B 35 ? GLN B 69  ALA B 70  
BA 2 VAL B 47 ? ALA B 54 ? VAL B 82  ALA B 89  
BA 3 PHE B 61 ? LEU B 67 ? PHE B 96  LEU B 102 
BA 4 SER B 74 ? ASP B 78 ? SER B 109 ASP B 113 
BA 5 GLN B 83 ? GLN B 87 ? GLN B 118 GLN B 122 
# 
loop_
_pdbx_struct_sheet_hbond.sheet_id 
_pdbx_struct_sheet_hbond.range_id_1 
_pdbx_struct_sheet_hbond.range_id_2 
_pdbx_struct_sheet_hbond.range_1_label_atom_id 
_pdbx_struct_sheet_hbond.range_1_label_comp_id 
_pdbx_struct_sheet_hbond.range_1_label_asym_id 
_pdbx_struct_sheet_hbond.range_1_label_seq_id 
_pdbx_struct_sheet_hbond.range_1_PDB_ins_code 
_pdbx_struct_sheet_hbond.range_1_auth_atom_id 
_pdbx_struct_sheet_hbond.range_1_auth_comp_id 
_pdbx_struct_sheet_hbond.range_1_auth_asym_id 
_pdbx_struct_sheet_hbond.range_1_auth_seq_id 
_pdbx_struct_sheet_hbond.range_2_label_atom_id 
_pdbx_struct_sheet_hbond.range_2_label_comp_id 
_pdbx_struct_sheet_hbond.range_2_label_asym_id 
_pdbx_struct_sheet_hbond.range_2_label_seq_id 
_pdbx_struct_sheet_hbond.range_2_PDB_ins_code 
_pdbx_struct_sheet_hbond.range_2_auth_atom_id 
_pdbx_struct_sheet_hbond.range_2_auth_comp_id 
_pdbx_struct_sheet_hbond.range_2_auth_asym_id 
_pdbx_struct_sheet_hbond.range_2_auth_seq_id 
AA 1 2 N GLN A 34 ? N GLN A 69  O VAL A 52 ? O VAL A 87  
AA 2 3 N THR A 53 ? N THR A 88  O THR A 62 ? O THR A 97  
AA 3 4 N ALA A 65 ? N ALA A 100 O VAL A 75 ? O VAL A 110 
AA 4 5 N SER A 76 ? N SER A 111 O SER A 85 ? O SER A 120 
BA 1 2 N GLN B 34 ? N GLN B 69  O VAL B 52 ? O VAL B 87  
BA 2 3 N THR B 53 ? N THR B 88  O THR B 62 ? O THR B 97  
BA 3 4 N ALA B 65 ? N ALA B 100 O VAL B 75 ? O VAL B 110 
BA 4 5 N ASP B 78 ? N ASP B 113 O GLN B 83 ? O GLN B 118 
# 
_struct_site.id                   AC1 
_struct_site.pdbx_evidence_code   Software 
_struct_site.pdbx_auth_asym_id    B 
_struct_site.pdbx_auth_comp_id    SO4 
_struct_site.pdbx_auth_seq_id     1124 
_struct_site.pdbx_auth_ins_code   ? 
_struct_site.pdbx_num_residues    6 
_struct_site.details              'BINDING SITE FOR RESIDUE SO4 B 1124' 
# 
loop_
_struct_site_gen.id 
_struct_site_gen.site_id 
_struct_site_gen.pdbx_num_res 
_struct_site_gen.label_comp_id 
_struct_site_gen.label_asym_id 
_struct_site_gen.label_seq_id 
_struct_site_gen.pdbx_auth_ins_code 
_struct_site_gen.auth_comp_id 
_struct_site_gen.auth_asym_id 
_struct_site_gen.auth_seq_id 
_struct_site_gen.label_atom_id 
_struct_site_gen.label_alt_id 
_struct_site_gen.symmetry 
_struct_site_gen.details 
1 AC1 6 ALA B 2  ? ALA B 37  . ? 1_555 ? 
2 AC1 6 ASN B 3  ? ASN B 38  . ? 1_555 ? 
3 AC1 6 THR B 4  ? THR B 39  . ? 1_555 ? 
4 AC1 6 GLY B 69 ? GLY B 104 . ? 1_555 ? 
5 AC1 6 ALA B 70 ? ALA B 105 . ? 1_555 ? 
6 AC1 6 ARG B 71 ? ARG B 106 . ? 1_555 ? 
# 
_pdbx_entry_details.entry_id                   4BHR 
_pdbx_entry_details.compound_details           ? 
_pdbx_entry_details.source_details             ? 
_pdbx_entry_details.nonpolymer_details         ? 
_pdbx_entry_details.sequence_details           
;N-TERMINAL REGION REMOVED BY CLONING AND REPLACED WITH
PELB LEADER SEQUENCE, WHICH WILL BE CLEAVED ON EXPORT TO
THE PERIPLASM
;
_pdbx_entry_details.has_ligand_of_interest     ? 
_pdbx_entry_details.has_protein_modification   Y 
# 
_pdbx_validate_close_contact.id               1 
_pdbx_validate_close_contact.PDB_model_num    1 
_pdbx_validate_close_contact.auth_atom_id_1   O 
_pdbx_validate_close_contact.auth_asym_id_1   A 
_pdbx_validate_close_contact.auth_comp_id_1   HOH 
_pdbx_validate_close_contact.auth_seq_id_1    2072 
_pdbx_validate_close_contact.PDB_ins_code_1   ? 
_pdbx_validate_close_contact.label_alt_id_1   ? 
_pdbx_validate_close_contact.auth_atom_id_2   O 
_pdbx_validate_close_contact.auth_asym_id_2   A 
_pdbx_validate_close_contact.auth_comp_id_2   HOH 
_pdbx_validate_close_contact.auth_seq_id_2    2073 
_pdbx_validate_close_contact.PDB_ins_code_2   ? 
_pdbx_validate_close_contact.label_alt_id_2   ? 
_pdbx_validate_close_contact.dist             2.10 
# 
loop_
_pdbx_validate_torsion.id 
_pdbx_validate_torsion.PDB_model_num 
_pdbx_validate_torsion.auth_comp_id 
_pdbx_validate_torsion.auth_asym_id 
_pdbx_validate_torsion.auth_seq_id 
_pdbx_validate_torsion.PDB_ins_code 
_pdbx_validate_torsion.label_alt_id 
_pdbx_validate_torsion.phi 
_pdbx_validate_torsion.psi 
1 1 ASN B 77 ? ? 61.24   62.33  
2 1 VAL B 94 ? ? -133.10 -34.67 
# 
loop_
_pdbx_unobs_or_zero_occ_residues.id 
_pdbx_unobs_or_zero_occ_residues.PDB_model_num 
_pdbx_unobs_or_zero_occ_residues.polymer_flag 
_pdbx_unobs_or_zero_occ_residues.occupancy_flag 
_pdbx_unobs_or_zero_occ_residues.auth_asym_id 
_pdbx_unobs_or_zero_occ_residues.auth_comp_id 
_pdbx_unobs_or_zero_occ_residues.auth_seq_id 
_pdbx_unobs_or_zero_occ_residues.PDB_ins_code 
_pdbx_unobs_or_zero_occ_residues.label_asym_id 
_pdbx_unobs_or_zero_occ_residues.label_comp_id 
_pdbx_unobs_or_zero_occ_residues.label_seq_id 
1  1 Y 1 A MET 36  ? A MET 1  
2  1 Y 1 A ALA 37  ? A ALA 2  
3  1 Y 1 A ASN 38  ? A ASN 3  
4  1 Y 1 A THR 39  ? A THR 4  
5  1 Y 1 A GLY 104 ? A GLY 69 
6  1 Y 1 A ALA 105 ? A ALA 70 
7  1 Y 1 A ARG 106 ? A ARG 71 
8  1 Y 1 A GLU 124 ? A GLU 89 
9  1 Y 1 A HIS 125 ? A HIS 90 
10 1 Y 1 A HIS 126 ? A HIS 91 
11 1 Y 1 A HIS 127 ? A HIS 92 
12 1 Y 1 A HIS 128 ? A HIS 93 
13 1 Y 1 A HIS 129 ? A HIS 94 
14 1 Y 1 A HIS 130 ? A HIS 95 
15 1 Y 1 B MET 36  ? B MET 1  
16 1 Y 1 B GLU 124 ? B GLU 89 
17 1 Y 1 B HIS 125 ? B HIS 90 
18 1 Y 1 B HIS 126 ? B HIS 91 
19 1 Y 1 B HIS 127 ? B HIS 92 
20 1 Y 1 B HIS 128 ? B HIS 93 
21 1 Y 1 B HIS 129 ? B HIS 94 
22 1 Y 1 B HIS 130 ? B HIS 95 
# 
loop_
_chem_comp_atom.comp_id 
_chem_comp_atom.atom_id 
_chem_comp_atom.type_symbol 
_chem_comp_atom.pdbx_aromatic_flag 
_chem_comp_atom.pdbx_stereo_config 
_chem_comp_atom.pdbx_ordinal 
ALA N    N N N 1   
ALA CA   C N S 2   
ALA C    C N N 3   
ALA O    O N N 4   
ALA CB   C N N 5   
ALA OXT  O N N 6   
ALA H    H N N 7   
ALA H2   H N N 8   
ALA HA   H N N 9   
ALA HB1  H N N 10  
ALA HB2  H N N 11  
ALA HB3  H N N 12  
ALA HXT  H N N 13  
ARG N    N N N 14  
ARG CA   C N S 15  
ARG C    C N N 16  
ARG O    O N N 17  
ARG CB   C N N 18  
ARG CG   C N N 19  
ARG CD   C N N 20  
ARG NE   N N N 21  
ARG CZ   C N N 22  
ARG NH1  N N N 23  
ARG NH2  N N N 24  
ARG OXT  O N N 25  
ARG H    H N N 26  
ARG H2   H N N 27  
ARG HA   H N N 28  
ARG HB2  H N N 29  
ARG HB3  H N N 30  
ARG HG2  H N N 31  
ARG HG3  H N N 32  
ARG HD2  H N N 33  
ARG HD3  H N N 34  
ARG HE   H N N 35  
ARG HH11 H N N 36  
ARG HH12 H N N 37  
ARG HH21 H N N 38  
ARG HH22 H N N 39  
ARG HXT  H N N 40  
ASN N    N N N 41  
ASN CA   C N S 42  
ASN C    C N N 43  
ASN O    O N N 44  
ASN CB   C N N 45  
ASN CG   C N N 46  
ASN OD1  O N N 47  
ASN ND2  N N N 48  
ASN OXT  O N N 49  
ASN H    H N N 50  
ASN H2   H N N 51  
ASN HA   H N N 52  
ASN HB2  H N N 53  
ASN HB3  H N N 54  
ASN HD21 H N N 55  
ASN HD22 H N N 56  
ASN HXT  H N N 57  
ASP N    N N N 58  
ASP CA   C N S 59  
ASP C    C N N 60  
ASP O    O N N 61  
ASP CB   C N N 62  
ASP CG   C N N 63  
ASP OD1  O N N 64  
ASP OD2  O N N 65  
ASP OXT  O N N 66  
ASP H    H N N 67  
ASP H2   H N N 68  
ASP HA   H N N 69  
ASP HB2  H N N 70  
ASP HB3  H N N 71  
ASP HD2  H N N 72  
ASP HXT  H N N 73  
CYS N    N N N 74  
CYS CA   C N R 75  
CYS C    C N N 76  
CYS O    O N N 77  
CYS CB   C N N 78  
CYS SG   S N N 79  
CYS OXT  O N N 80  
CYS H    H N N 81  
CYS H2   H N N 82  
CYS HA   H N N 83  
CYS HB2  H N N 84  
CYS HB3  H N N 85  
CYS HG   H N N 86  
CYS HXT  H N N 87  
GLN N    N N N 88  
GLN CA   C N S 89  
GLN C    C N N 90  
GLN O    O N N 91  
GLN CB   C N N 92  
GLN CG   C N N 93  
GLN CD   C N N 94  
GLN OE1  O N N 95  
GLN NE2  N N N 96  
GLN OXT  O N N 97  
GLN H    H N N 98  
GLN H2   H N N 99  
GLN HA   H N N 100 
GLN HB2  H N N 101 
GLN HB3  H N N 102 
GLN HG2  H N N 103 
GLN HG3  H N N 104 
GLN HE21 H N N 105 
GLN HE22 H N N 106 
GLN HXT  H N N 107 
GLU N    N N N 108 
GLU CA   C N S 109 
GLU C    C N N 110 
GLU O    O N N 111 
GLU CB   C N N 112 
GLU CG   C N N 113 
GLU CD   C N N 114 
GLU OE1  O N N 115 
GLU OE2  O N N 116 
GLU OXT  O N N 117 
GLU H    H N N 118 
GLU H2   H N N 119 
GLU HA   H N N 120 
GLU HB2  H N N 121 
GLU HB3  H N N 122 
GLU HG2  H N N 123 
GLU HG3  H N N 124 
GLU HE2  H N N 125 
GLU HXT  H N N 126 
GLY N    N N N 127 
GLY CA   C N N 128 
GLY C    C N N 129 
GLY O    O N N 130 
GLY OXT  O N N 131 
GLY H    H N N 132 
GLY H2   H N N 133 
GLY HA2  H N N 134 
GLY HA3  H N N 135 
GLY HXT  H N N 136 
HIS N    N N N 137 
HIS CA   C N S 138 
HIS C    C N N 139 
HIS O    O N N 140 
HIS CB   C N N 141 
HIS CG   C Y N 142 
HIS ND1  N Y N 143 
HIS CD2  C Y N 144 
HIS CE1  C Y N 145 
HIS NE2  N Y N 146 
HIS OXT  O N N 147 
HIS H    H N N 148 
HIS H2   H N N 149 
HIS HA   H N N 150 
HIS HB2  H N N 151 
HIS HB3  H N N 152 
HIS HD1  H N N 153 
HIS HD2  H N N 154 
HIS HE1  H N N 155 
HIS HE2  H N N 156 
HIS HXT  H N N 157 
HOH O    O N N 158 
HOH H1   H N N 159 
HOH H2   H N N 160 
LEU N    N N N 161 
LEU CA   C N S 162 
LEU C    C N N 163 
LEU O    O N N 164 
LEU CB   C N N 165 
LEU CG   C N N 166 
LEU CD1  C N N 167 
LEU CD2  C N N 168 
LEU OXT  O N N 169 
LEU H    H N N 170 
LEU H2   H N N 171 
LEU HA   H N N 172 
LEU HB2  H N N 173 
LEU HB3  H N N 174 
LEU HG   H N N 175 
LEU HD11 H N N 176 
LEU HD12 H N N 177 
LEU HD13 H N N 178 
LEU HD21 H N N 179 
LEU HD22 H N N 180 
LEU HD23 H N N 181 
LEU HXT  H N N 182 
MET N    N N N 183 
MET CA   C N S 184 
MET C    C N N 185 
MET O    O N N 186 
MET CB   C N N 187 
MET CG   C N N 188 
MET SD   S N N 189 
MET CE   C N N 190 
MET OXT  O N N 191 
MET H    H N N 192 
MET H2   H N N 193 
MET HA   H N N 194 
MET HB2  H N N 195 
MET HB3  H N N 196 
MET HG2  H N N 197 
MET HG3  H N N 198 
MET HE1  H N N 199 
MET HE2  H N N 200 
MET HE3  H N N 201 
MET HXT  H N N 202 
PHE N    N N N 203 
PHE CA   C N S 204 
PHE C    C N N 205 
PHE O    O N N 206 
PHE CB   C N N 207 
PHE CG   C Y N 208 
PHE CD1  C Y N 209 
PHE CD2  C Y N 210 
PHE CE1  C Y N 211 
PHE CE2  C Y N 212 
PHE CZ   C Y N 213 
PHE OXT  O N N 214 
PHE H    H N N 215 
PHE H2   H N N 216 
PHE HA   H N N 217 
PHE HB2  H N N 218 
PHE HB3  H N N 219 
PHE HD1  H N N 220 
PHE HD2  H N N 221 
PHE HE1  H N N 222 
PHE HE2  H N N 223 
PHE HZ   H N N 224 
PHE HXT  H N N 225 
PRO N    N N N 226 
PRO CA   C N S 227 
PRO C    C N N 228 
PRO O    O N N 229 
PRO CB   C N N 230 
PRO CG   C N N 231 
PRO CD   C N N 232 
PRO OXT  O N N 233 
PRO H    H N N 234 
PRO HA   H N N 235 
PRO HB2  H N N 236 
PRO HB3  H N N 237 
PRO HG2  H N N 238 
PRO HG3  H N N 239 
PRO HD2  H N N 240 
PRO HD3  H N N 241 
PRO HXT  H N N 242 
SER N    N N N 243 
SER CA   C N S 244 
SER C    C N N 245 
SER O    O N N 246 
SER CB   C N N 247 
SER OG   O N N 248 
SER OXT  O N N 249 
SER H    H N N 250 
SER H2   H N N 251 
SER HA   H N N 252 
SER HB2  H N N 253 
SER HB3  H N N 254 
SER HG   H N N 255 
SER HXT  H N N 256 
SO4 S    S N N 257 
SO4 O1   O N N 258 
SO4 O2   O N N 259 
SO4 O3   O N N 260 
SO4 O4   O N N 261 
THR N    N N N 262 
THR CA   C N S 263 
THR C    C N N 264 
THR O    O N N 265 
THR CB   C N R 266 
THR OG1  O N N 267 
THR CG2  C N N 268 
THR OXT  O N N 269 
THR H    H N N 270 
THR H2   H N N 271 
THR HA   H N N 272 
THR HB   H N N 273 
THR HG1  H N N 274 
THR HG21 H N N 275 
THR HG22 H N N 276 
THR HG23 H N N 277 
THR HXT  H N N 278 
TYR N    N N N 279 
TYR CA   C N S 280 
TYR C    C N N 281 
TYR O    O N N 282 
TYR CB   C N N 283 
TYR CG   C Y N 284 
TYR CD1  C Y N 285 
TYR CD2  C Y N 286 
TYR CE1  C Y N 287 
TYR CE2  C Y N 288 
TYR CZ   C Y N 289 
TYR OH   O N N 290 
TYR OXT  O N N 291 
TYR H    H N N 292 
TYR H2   H N N 293 
TYR HA   H N N 294 
TYR HB2  H N N 295 
TYR HB3  H N N 296 
TYR HD1  H N N 297 
TYR HD2  H N N 298 
TYR HE1  H N N 299 
TYR HE2  H N N 300 
TYR HH   H N N 301 
TYR HXT  H N N 302 
VAL N    N N N 303 
VAL CA   C N S 304 
VAL C    C N N 305 
VAL O    O N N 306 
VAL CB   C N N 307 
VAL CG1  C N N 308 
VAL CG2  C N N 309 
VAL OXT  O N N 310 
VAL H    H N N 311 
VAL H2   H N N 312 
VAL HA   H N N 313 
VAL HB   H N N 314 
VAL HG11 H N N 315 
VAL HG12 H N N 316 
VAL HG13 H N N 317 
VAL HG21 H N N 318 
VAL HG22 H N N 319 
VAL HG23 H N N 320 
VAL HXT  H N N 321 
# 
loop_
_chem_comp_bond.comp_id 
_chem_comp_bond.atom_id_1 
_chem_comp_bond.atom_id_2 
_chem_comp_bond.value_order 
_chem_comp_bond.pdbx_aromatic_flag 
_chem_comp_bond.pdbx_stereo_config 
_chem_comp_bond.pdbx_ordinal 
ALA N   CA   sing N N 1   
ALA N   H    sing N N 2   
ALA N   H2   sing N N 3   
ALA CA  C    sing N N 4   
ALA CA  CB   sing N N 5   
ALA CA  HA   sing N N 6   
ALA C   O    doub N N 7   
ALA C   OXT  sing N N 8   
ALA CB  HB1  sing N N 9   
ALA CB  HB2  sing N N 10  
ALA CB  HB3  sing N N 11  
ALA OXT HXT  sing N N 12  
ARG N   CA   sing N N 13  
ARG N   H    sing N N 14  
ARG N   H2   sing N N 15  
ARG CA  C    sing N N 16  
ARG CA  CB   sing N N 17  
ARG CA  HA   sing N N 18  
ARG C   O    doub N N 19  
ARG C   OXT  sing N N 20  
ARG CB  CG   sing N N 21  
ARG CB  HB2  sing N N 22  
ARG CB  HB3  sing N N 23  
ARG CG  CD   sing N N 24  
ARG CG  HG2  sing N N 25  
ARG CG  HG3  sing N N 26  
ARG CD  NE   sing N N 27  
ARG CD  HD2  sing N N 28  
ARG CD  HD3  sing N N 29  
ARG NE  CZ   sing N N 30  
ARG NE  HE   sing N N 31  
ARG CZ  NH1  sing N N 32  
ARG CZ  NH2  doub N N 33  
ARG NH1 HH11 sing N N 34  
ARG NH1 HH12 sing N N 35  
ARG NH2 HH21 sing N N 36  
ARG NH2 HH22 sing N N 37  
ARG OXT HXT  sing N N 38  
ASN N   CA   sing N N 39  
ASN N   H    sing N N 40  
ASN N   H2   sing N N 41  
ASN CA  C    sing N N 42  
ASN CA  CB   sing N N 43  
ASN CA  HA   sing N N 44  
ASN C   O    doub N N 45  
ASN C   OXT  sing N N 46  
ASN CB  CG   sing N N 47  
ASN CB  HB2  sing N N 48  
ASN CB  HB3  sing N N 49  
ASN CG  OD1  doub N N 50  
ASN CG  ND2  sing N N 51  
ASN ND2 HD21 sing N N 52  
ASN ND2 HD22 sing N N 53  
ASN OXT HXT  sing N N 54  
ASP N   CA   sing N N 55  
ASP N   H    sing N N 56  
ASP N   H2   sing N N 57  
ASP CA  C    sing N N 58  
ASP CA  CB   sing N N 59  
ASP CA  HA   sing N N 60  
ASP C   O    doub N N 61  
ASP C   OXT  sing N N 62  
ASP CB  CG   sing N N 63  
ASP CB  HB2  sing N N 64  
ASP CB  HB3  sing N N 65  
ASP CG  OD1  doub N N 66  
ASP CG  OD2  sing N N 67  
ASP OD2 HD2  sing N N 68  
ASP OXT HXT  sing N N 69  
CYS N   CA   sing N N 70  
CYS N   H    sing N N 71  
CYS N   H2   sing N N 72  
CYS CA  C    sing N N 73  
CYS CA  CB   sing N N 74  
CYS CA  HA   sing N N 75  
CYS C   O    doub N N 76  
CYS C   OXT  sing N N 77  
CYS CB  SG   sing N N 78  
CYS CB  HB2  sing N N 79  
CYS CB  HB3  sing N N 80  
CYS SG  HG   sing N N 81  
CYS OXT HXT  sing N N 82  
GLN N   CA   sing N N 83  
GLN N   H    sing N N 84  
GLN N   H2   sing N N 85  
GLN CA  C    sing N N 86  
GLN CA  CB   sing N N 87  
GLN CA  HA   sing N N 88  
GLN C   O    doub N N 89  
GLN C   OXT  sing N N 90  
GLN CB  CG   sing N N 91  
GLN CB  HB2  sing N N 92  
GLN CB  HB3  sing N N 93  
GLN CG  CD   sing N N 94  
GLN CG  HG2  sing N N 95  
GLN CG  HG3  sing N N 96  
GLN CD  OE1  doub N N 97  
GLN CD  NE2  sing N N 98  
GLN NE2 HE21 sing N N 99  
GLN NE2 HE22 sing N N 100 
GLN OXT HXT  sing N N 101 
GLU N   CA   sing N N 102 
GLU N   H    sing N N 103 
GLU N   H2   sing N N 104 
GLU CA  C    sing N N 105 
GLU CA  CB   sing N N 106 
GLU CA  HA   sing N N 107 
GLU C   O    doub N N 108 
GLU C   OXT  sing N N 109 
GLU CB  CG   sing N N 110 
GLU CB  HB2  sing N N 111 
GLU CB  HB3  sing N N 112 
GLU CG  CD   sing N N 113 
GLU CG  HG2  sing N N 114 
GLU CG  HG3  sing N N 115 
GLU CD  OE1  doub N N 116 
GLU CD  OE2  sing N N 117 
GLU OE2 HE2  sing N N 118 
GLU OXT HXT  sing N N 119 
GLY N   CA   sing N N 120 
GLY N   H    sing N N 121 
GLY N   H2   sing N N 122 
GLY CA  C    sing N N 123 
GLY CA  HA2  sing N N 124 
GLY CA  HA3  sing N N 125 
GLY C   O    doub N N 126 
GLY C   OXT  sing N N 127 
GLY OXT HXT  sing N N 128 
HIS N   CA   sing N N 129 
HIS N   H    sing N N 130 
HIS N   H2   sing N N 131 
HIS CA  C    sing N N 132 
HIS CA  CB   sing N N 133 
HIS CA  HA   sing N N 134 
HIS C   O    doub N N 135 
HIS C   OXT  sing N N 136 
HIS CB  CG   sing N N 137 
HIS CB  HB2  sing N N 138 
HIS CB  HB3  sing N N 139 
HIS CG  ND1  sing Y N 140 
HIS CG  CD2  doub Y N 141 
HIS ND1 CE1  doub Y N 142 
HIS ND1 HD1  sing N N 143 
HIS CD2 NE2  sing Y N 144 
HIS CD2 HD2  sing N N 145 
HIS CE1 NE2  sing Y N 146 
HIS CE1 HE1  sing N N 147 
HIS NE2 HE2  sing N N 148 
HIS OXT HXT  sing N N 149 
HOH O   H1   sing N N 150 
HOH O   H2   sing N N 151 
LEU N   CA   sing N N 152 
LEU N   H    sing N N 153 
LEU N   H2   sing N N 154 
LEU CA  C    sing N N 155 
LEU CA  CB   sing N N 156 
LEU CA  HA   sing N N 157 
LEU C   O    doub N N 158 
LEU C   OXT  sing N N 159 
LEU CB  CG   sing N N 160 
LEU CB  HB2  sing N N 161 
LEU CB  HB3  sing N N 162 
LEU CG  CD1  sing N N 163 
LEU CG  CD2  sing N N 164 
LEU CG  HG   sing N N 165 
LEU CD1 HD11 sing N N 166 
LEU CD1 HD12 sing N N 167 
LEU CD1 HD13 sing N N 168 
LEU CD2 HD21 sing N N 169 
LEU CD2 HD22 sing N N 170 
LEU CD2 HD23 sing N N 171 
LEU OXT HXT  sing N N 172 
MET N   CA   sing N N 173 
MET N   H    sing N N 174 
MET N   H2   sing N N 175 
MET CA  C    sing N N 176 
MET CA  CB   sing N N 177 
MET CA  HA   sing N N 178 
MET C   O    doub N N 179 
MET C   OXT  sing N N 180 
MET CB  CG   sing N N 181 
MET CB  HB2  sing N N 182 
MET CB  HB3  sing N N 183 
MET CG  SD   sing N N 184 
MET CG  HG2  sing N N 185 
MET CG  HG3  sing N N 186 
MET SD  CE   sing N N 187 
MET CE  HE1  sing N N 188 
MET CE  HE2  sing N N 189 
MET CE  HE3  sing N N 190 
MET OXT HXT  sing N N 191 
PHE N   CA   sing N N 192 
PHE N   H    sing N N 193 
PHE N   H2   sing N N 194 
PHE CA  C    sing N N 195 
PHE CA  CB   sing N N 196 
PHE CA  HA   sing N N 197 
PHE C   O    doub N N 198 
PHE C   OXT  sing N N 199 
PHE CB  CG   sing N N 200 
PHE CB  HB2  sing N N 201 
PHE CB  HB3  sing N N 202 
PHE CG  CD1  doub Y N 203 
PHE CG  CD2  sing Y N 204 
PHE CD1 CE1  sing Y N 205 
PHE CD1 HD1  sing N N 206 
PHE CD2 CE2  doub Y N 207 
PHE CD2 HD2  sing N N 208 
PHE CE1 CZ   doub Y N 209 
PHE CE1 HE1  sing N N 210 
PHE CE2 CZ   sing Y N 211 
PHE CE2 HE2  sing N N 212 
PHE CZ  HZ   sing N N 213 
PHE OXT HXT  sing N N 214 
PRO N   CA   sing N N 215 
PRO N   CD   sing N N 216 
PRO N   H    sing N N 217 
PRO CA  C    sing N N 218 
PRO CA  CB   sing N N 219 
PRO CA  HA   sing N N 220 
PRO C   O    doub N N 221 
PRO C   OXT  sing N N 222 
PRO CB  CG   sing N N 223 
PRO CB  HB2  sing N N 224 
PRO CB  HB3  sing N N 225 
PRO CG  CD   sing N N 226 
PRO CG  HG2  sing N N 227 
PRO CG  HG3  sing N N 228 
PRO CD  HD2  sing N N 229 
PRO CD  HD3  sing N N 230 
PRO OXT HXT  sing N N 231 
SER N   CA   sing N N 232 
SER N   H    sing N N 233 
SER N   H2   sing N N 234 
SER CA  C    sing N N 235 
SER CA  CB   sing N N 236 
SER CA  HA   sing N N 237 
SER C   O    doub N N 238 
SER C   OXT  sing N N 239 
SER CB  OG   sing N N 240 
SER CB  HB2  sing N N 241 
SER CB  HB3  sing N N 242 
SER OG  HG   sing N N 243 
SER OXT HXT  sing N N 244 
SO4 S   O1   doub N N 245 
SO4 S   O2   doub N N 246 
SO4 S   O3   sing N N 247 
SO4 S   O4   sing N N 248 
THR N   CA   sing N N 249 
THR N   H    sing N N 250 
THR N   H2   sing N N 251 
THR CA  C    sing N N 252 
THR CA  CB   sing N N 253 
THR CA  HA   sing N N 254 
THR C   O    doub N N 255 
THR C   OXT  sing N N 256 
THR CB  OG1  sing N N 257 
THR CB  CG2  sing N N 258 
THR CB  HB   sing N N 259 
THR OG1 HG1  sing N N 260 
THR CG2 HG21 sing N N 261 
THR CG2 HG22 sing N N 262 
THR CG2 HG23 sing N N 263 
THR OXT HXT  sing N N 264 
TYR N   CA   sing N N 265 
TYR N   H    sing N N 266 
TYR N   H2   sing N N 267 
TYR CA  C    sing N N 268 
TYR CA  CB   sing N N 269 
TYR CA  HA   sing N N 270 
TYR C   O    doub N N 271 
TYR C   OXT  sing N N 272 
TYR CB  CG   sing N N 273 
TYR CB  HB2  sing N N 274 
TYR CB  HB3  sing N N 275 
TYR CG  CD1  doub Y N 276 
TYR CG  CD2  sing Y N 277 
TYR CD1 CE1  sing Y N 278 
TYR CD1 HD1  sing N N 279 
TYR CD2 CE2  doub Y N 280 
TYR CD2 HD2  sing N N 281 
TYR CE1 CZ   doub Y N 282 
TYR CE1 HE1  sing N N 283 
TYR CE2 CZ   sing Y N 284 
TYR CE2 HE2  sing N N 285 
TYR CZ  OH   sing N N 286 
TYR OH  HH   sing N N 287 
TYR OXT HXT  sing N N 288 
VAL N   CA   sing N N 289 
VAL N   H    sing N N 290 
VAL N   H2   sing N N 291 
VAL CA  C    sing N N 292 
VAL CA  CB   sing N N 293 
VAL CA  HA   sing N N 294 
VAL C   O    doub N N 295 
VAL C   OXT  sing N N 296 
VAL CB  CG1  sing N N 297 
VAL CB  CG2  sing N N 298 
VAL CB  HB   sing N N 299 
VAL CG1 HG11 sing N N 300 
VAL CG1 HG12 sing N N 301 
VAL CG1 HG13 sing N N 302 
VAL CG2 HG21 sing N N 303 
VAL CG2 HG22 sing N N 304 
VAL CG2 HG23 sing N N 305 
VAL OXT HXT  sing N N 306 
# 
_atom_sites.entry_id                    4BHR 
_atom_sites.fract_transf_matrix[1][1]   0.00142359 
_atom_sites.fract_transf_matrix[1][2]   0.02812125 
_atom_sites.fract_transf_matrix[1][3]   0.01386527 
_atom_sites.fract_transf_matrix[2][1]   -0.02365086 
_atom_sites.fract_transf_matrix[2][2]   0.02036034 
_atom_sites.fract_transf_matrix[2][3]   -0.00334278 
_atom_sites.fract_transf_matrix[3][1]   -0.00212258 
_atom_sites.fract_transf_matrix[3][2]   -0.00182285 
_atom_sites.fract_transf_matrix[3][3]   0.00391500 
_atom_sites.fract_transf_vector[1]      -0.344443 
_atom_sites.fract_transf_vector[2]      -0.480680 
_atom_sites.fract_transf_vector[3]      0.077831 
# 
loop_
_atom_type.symbol 
C 
N 
O 
S 
# 
loop_
_atom_site.group_PDB 
_atom_site.id 
_atom_site.type_symbol 
_atom_site.label_atom_id 
_atom_site.label_alt_id 
_atom_site.label_comp_id 
_atom_site.label_asym_id 
_atom_site.label_entity_id 
_atom_site.label_seq_id 
_atom_site.pdbx_PDB_ins_code 
_atom_site.Cartn_x 
_atom_site.Cartn_y 
_atom_site.Cartn_z 
_atom_site.occupancy 
_atom_site.B_iso_or_equiv 
_atom_site.pdbx_formal_charge 
_atom_site.auth_seq_id 
_atom_site.auth_comp_id 
_atom_site.auth_asym_id 
_atom_site.auth_atom_id 
_atom_site.pdbx_PDB_model_num 
ATOM   1    N N   . THR A 1 5  ? -5.620  6.303   4.968   1.00 28.27 ? 40   THR A N   1 
ATOM   2    C CA  . THR A 1 5  ? -5.094  5.377   3.911   1.00 29.17 ? 40   THR A CA  1 
ATOM   3    C C   . THR A 1 5  ? -5.135  6.004   2.509   1.00 28.36 ? 40   THR A C   1 
ATOM   4    O O   . THR A 1 5  ? -4.197  5.805   1.730   1.00 27.93 ? 40   THR A O   1 
ATOM   5    C CB  . THR A 1 5  ? -5.813  4.013   3.923   1.00 33.27 ? 40   THR A CB  1 
ATOM   6    O OG1 . THR A 1 5  ? -7.181  4.217   3.556   1.00 36.44 ? 40   THR A OG1 1 
ATOM   7    C CG2 . THR A 1 5  ? -5.754  3.403   5.321   1.00 34.92 ? 40   THR A CG2 1 
ATOM   8    N N   . ALA A 1 6  ? -6.207  6.743   2.187   1.00 24.88 ? 41   ALA A N   1 
ATOM   9    C CA  . ALA A 1 6  ? -6.254  7.526   0.955   1.00 25.40 ? 41   ALA A CA  1 
ATOM   10   C C   . ALA A 1 6  ? -5.112  8.545   0.918   1.00 22.14 ? 41   ALA A C   1 
ATOM   11   O O   . ALA A 1 6  ? -4.476  8.732   -0.134  1.00 23.52 ? 41   ALA A O   1 
ATOM   12   C CB  . ALA A 1 6  ? -7.591  8.271   0.845   1.00 27.23 ? 41   ALA A CB  1 
ATOM   13   N N   . ALA A 1 7  ? -4.888  9.254   2.027   1.00 20.47 ? 42   ALA A N   1 
ATOM   14   C CA  . ALA A 1 7  ? -3.842  10.277  2.002   1.00 22.17 ? 42   ALA A CA  1 
ATOM   15   C C   . ALA A 1 7  ? -2.466  9.635   1.814   1.00 21.25 ? 42   ALA A C   1 
ATOM   16   O O   . ALA A 1 7  ? -1.653  10.112  0.997   1.00 18.03 ? 42   ALA A O   1 
ATOM   17   C CB  . ALA A 1 7  ? -3.884  11.123  3.267   1.00 23.17 ? 42   ALA A CB  1 
ATOM   18   N N   . GLN A 1 8  ? -2.208  8.535   2.522   1.00 19.38 ? 43   GLN A N   1 
ATOM   19   C CA  . GLN A 1 8  ? -0.928  7.851   2.330   1.00 20.17 ? 43   GLN A CA  1 
ATOM   20   C C   . GLN A 1 8  ? -0.757  7.332   0.926   1.00 20.21 ? 43   GLN A C   1 
ATOM   21   O O   . GLN A 1 8  ? 0.318   7.474   0.341   1.00 21.23 ? 43   GLN A O   1 
ATOM   22   C CB  . GLN A 1 8  ? -0.791  6.690   3.267   1.00 20.35 ? 43   GLN A CB  1 
ATOM   23   C CG  . GLN A 1 8  ? -0.847  7.047   4.719   1.00 25.58 ? 43   GLN A CG  1 
ATOM   24   C CD  . GLN A 1 8  ? -0.973  5.800   5.566   1.00 24.91 ? 43   GLN A CD  1 
ATOM   25   O OE1 . GLN A 1 8  ? -1.903  5.696   6.395   1.00 25.32 ? 43   GLN A OE1 1 
ATOM   26   N NE2 . GLN A 1 8  ? -0.060  4.838   5.362   1.00 19.06 ? 43   GLN A NE2 1 
ATOM   27   N N   . ALA A 1 9  ? -1.820  6.748   0.364   1.00 20.17 ? 44   ALA A N   1 
ATOM   28   C CA  . ALA A 1 9  ? -1.796  6.279   -0.992  1.00 18.24 ? 44   ALA A CA  1 
ATOM   29   C C   . ALA A 1 9  ? -1.492  7.400   -1.972  1.00 18.79 ? 44   ALA A C   1 
ATOM   30   O O   . ALA A 1 9  ? -0.614  7.242   -2.866  1.00 18.83 ? 44   ALA A O   1 
ATOM   31   C CB  . ALA A 1 9  ? -3.138  5.621   -1.343  1.00 19.32 ? 44   ALA A CB  1 
ATOM   32   N N   . TYR A 1 10 ? -2.170  8.540   -1.779  1.00 18.90 ? 45   TYR A N   1 
ATOM   33   C CA  . TYR A 1 10 ? -1.930  9.688   -2.630  1.00 18.54 ? 45   TYR A CA  1 
ATOM   34   C C   . TYR A 1 10 ? -0.459  10.133  -2.561  1.00 18.80 ? 45   TYR A C   1 
ATOM   35   O O   . TYR A 1 10 ? 0.136   10.405  -3.585  1.00 17.86 ? 45   TYR A O   1 
ATOM   36   C CB  . TYR A 1 10 ? -2.823  10.850  -2.229  1.00 19.55 ? 45   TYR A CB  1 
ATOM   37   C CG  . TYR A 1 10 ? -2.630  12.093  -3.093  1.00 18.34 ? 45   TYR A CG  1 
ATOM   38   C CD1 . TYR A 1 10 ? -3.063  12.123  -4.414  1.00 17.65 ? 45   TYR A CD1 1 
ATOM   39   C CD2 . TYR A 1 10 ? -2.006  13.224  -2.584  1.00 17.49 ? 45   TYR A CD2 1 
ATOM   40   C CE1 . TYR A 1 10 ? -2.910  13.252  -5.189  1.00 18.48 ? 45   TYR A CE1 1 
ATOM   41   C CE2 . TYR A 1 10 ? -1.834  14.364  -3.370  1.00 18.08 ? 45   TYR A CE2 1 
ATOM   42   C CZ  . TYR A 1 10 ? -2.308  14.382  -4.662  1.00 18.29 ? 45   TYR A CZ  1 
ATOM   43   O OH  . TYR A 1 10 ? -2.149  15.504  -5.437  1.00 18.05 ? 45   TYR A OH  1 
ATOM   44   N N   . VAL A 1 11 ? 0.097   10.211  -1.354  1.00 18.55 ? 46   VAL A N   1 
ATOM   45   C CA  . VAL A 1 11 ? 1.497   10.610  -1.181  1.00 16.64 ? 46   VAL A CA  1 
ATOM   46   C C   . VAL A 1 11 ? 2.457   9.681   -1.920  1.00 17.41 ? 46   VAL A C   1 
ATOM   47   O O   . VAL A 1 11 ? 3.388   10.144  -2.626  1.00 15.99 ? 46   VAL A O   1 
ATOM   48   C CB  . VAL A 1 11 ? 1.854   10.776  0.313   1.00 17.99 ? 46   VAL A CB  1 
ATOM   49   C CG1 . VAL A 1 11 ? 3.332   10.680  0.556   1.00 17.95 ? 46   VAL A CG1 1 
ATOM   50   C CG2 . VAL A 1 11 ? 1.220   12.069  0.853   1.00 16.56 ? 46   VAL A CG2 1 
ATOM   51   N N   . ARG A 1 12 ? 2.204   8.366   -1.835  1.00 16.15 ? 47   ARG A N   1 
ATOM   52   C CA  . ARG A 1 12 ? 3.082   7.407   -2.448  1.00 18.19 ? 47   ARG A CA  1 
ATOM   53   C C   . ARG A 1 12 ? 2.933   7.482   -3.963  1.00 16.69 ? 47   ARG A C   1 
ATOM   54   O O   . ARG A 1 12 ? 3.918   7.355   -4.690  1.00 17.12 ? 47   ARG A O   1 
ATOM   55   C CB  . ARG A 1 12 ? 2.800   5.996   -1.927  1.00 19.83 ? 47   ARG A CB  1 
ATOM   56   C CG  . ARG A 1 12 ? 3.820   4.948   -2.409  1.00 23.31 ? 47   ARG A CG  1 
ATOM   57   C CD  . ARG A 1 12 ? 5.209   5.262   -1.916  1.00 22.39 ? 47   ARG A CD  1 
ATOM   58   N NE  . ARG A 1 12 ? 6.278   4.379   -2.423  1.00 23.97 ? 47   ARG A NE  1 
ATOM   59   C CZ  . ARG A 1 12 ? 6.881   4.558   -3.586  1.00 24.77 ? 47   ARG A CZ  1 
ATOM   60   N NH1 . ARG A 1 12 ? 6.483   5.532   -4.413  1.00 24.89 ? 47   ARG A NH1 1 
ATOM   61   N NH2 . ARG A 1 12 ? 7.852   3.744   -3.945  1.00 26.06 ? 47   ARG A NH2 1 
ATOM   62   N N   . ASN A 1 13 ? 1.693   7.675   -4.437  1.00 16.65 ? 48   ASN A N   1 
ATOM   63   C CA  . ASN A 1 13 ? 1.449   7.793   -5.843  1.00 17.79 ? 48   ASN A CA  1 
ATOM   64   C C   . ASN A 1 13 ? 2.065   9.084   -6.437  1.00 15.98 ? 48   ASN A C   1 
ATOM   65   O O   . ASN A 1 13 ? 2.602   9.082   -7.554  1.00 16.87 ? 48   ASN A O   1 
ATOM   66   C CB  . ASN A 1 13 ? -0.055  7.664   -6.146  1.00 19.09 ? 48   ASN A CB  1 
ATOM   67   C CG  . ASN A 1 13 ? -0.628  6.278   -5.768  1.00 23.61 ? 48   ASN A CG  1 
ATOM   68   O OD1 . ASN A 1 13 ? 0.076   5.243   -5.712  1.00 23.55 ? 48   ASN A OD1 1 
ATOM   69   N ND2 . ASN A 1 13 ? -1.926  6.263   -5.482  1.00 28.99 ? 48   ASN A ND2 1 
ATOM   70   N N   . VAL A 1 14 ? 2.056   10.172  -5.662  1.00 15.06 ? 49   VAL A N   1 
ATOM   71   C CA  . VAL A 1 14 ? 2.744   11.401  -6.063  1.00 14.09 ? 49   VAL A CA  1 
ATOM   72   C C   . VAL A 1 14 ? 4.229   11.127  -6.194  1.00 13.86 ? 49   VAL A C   1 
ATOM   73   O O   . VAL A 1 14 ? 4.887   11.558  -7.150  1.00 13.17 ? 49   VAL A O   1 
ATOM   74   C CB  . VAL A 1 14 ? 2.479   12.559  -5.086  1.00 13.59 ? 49   VAL A CB  1 
ATOM   75   C CG1 . VAL A 1 14 ? 3.443   13.725  -5.343  1.00 14.47 ? 49   VAL A CG1 1 
ATOM   76   C CG2 . VAL A 1 14 ? 1.055   13.053  -5.206  1.00 15.17 ? 49   VAL A CG2 1 
ATOM   77   N N   . ALA A 1 15 ? 4.782   10.424  -5.219  1.00 14.62 ? 50   ALA A N   1 
ATOM   78   C CA  . ALA A 1 15 ? 6.214   10.081  -5.292  1.00 14.53 ? 50   ALA A CA  1 
ATOM   79   C C   . ALA A 1 15 ? 6.586   9.256   -6.534  1.00 16.55 ? 50   ALA A C   1 
ATOM   80   O O   . ALA A 1 15 ? 7.544   9.576   -7.221  1.00 16.28 ? 50   ALA A O   1 
ATOM   81   C CB  . ALA A 1 15 ? 6.657   9.373   -4.004  1.00 14.67 ? 50   ALA A CB  1 
ATOM   82   N N   . THR A 1 16 ? 5.769   8.249   -6.863  1.00 16.22 ? 51   THR A N   1 
ATOM   83   C CA  . THR A 1 16 ? 5.905   7.517   -8.133  1.00 19.04 ? 51   THR A CA  1 
ATOM   84   C C   . THR A 1 16 ? 5.895   8.414   -9.363  1.00 17.58 ? 51   THR A C   1 
ATOM   85   O O   . THR A 1 16 ? 6.766   8.277   -10.268 1.00 18.11 ? 51   THR A O   1 
ATOM   86   C CB  . THR A 1 16 ? 4.821   6.423   -8.241  1.00 20.78 ? 51   THR A CB  1 
ATOM   87   O OG1 . THR A 1 16 ? 5.037   5.496   -7.185  1.00 20.98 ? 51   THR A OG1 1 
ATOM   88   C CG2 . THR A 1 16 ? 4.982   5.659   -9.593  1.00 20.46 ? 51   THR A CG2 1 
ATOM   89   N N   . ALA A 1 17 ? 4.949   9.365   -9.384  1.00 18.35 ? 52   ALA A N   1 
ATOM   90   C CA  . ALA A 1 17 ? 4.820   10.298  -10.484 1.00 17.82 ? 52   ALA A CA  1 
ATOM   91   C C   . ALA A 1 17 ? 5.996   11.268  -10.608 1.00 17.94 ? 52   ALA A C   1 
ATOM   92   O O   . ALA A 1 17 ? 6.402   11.631  -11.710 1.00 19.08 ? 52   ALA A O   1 
ATOM   93   C CB  . ALA A 1 17 ? 3.483   11.050  -10.384 1.00 17.10 ? 52   ALA A CB  1 
ATOM   94   N N   . VAL A 1 18 ? 6.555   11.713  -9.484  1.00 17.08 ? 53   VAL A N   1 
ATOM   95   C CA  . VAL A 1 18 ? 7.714   12.593  -9.516  1.00 15.84 ? 53   VAL A CA  1 
ATOM   96   C C   . VAL A 1 18 ? 8.913   11.804  -10.041 1.00 15.78 ? 53   VAL A C   1 
ATOM   97   O O   . VAL A 1 18 ? 9.665   12.319  -10.862 1.00 16.49 ? 53   VAL A O   1 
ATOM   98   C CB  . VAL A 1 18 ? 8.056   13.122  -8.072  1.00 14.62 ? 53   VAL A CB  1 
ATOM   99   C CG1 . VAL A 1 18 ? 9.409   13.866  -8.079  1.00 17.15 ? 53   VAL A CG1 1 
ATOM   100  C CG2 . VAL A 1 18 ? 6.948   13.971  -7.475  1.00 15.05 ? 53   VAL A CG2 1 
ATOM   101  N N   . GLU A 1 19 ? 9.068   10.560  -9.586  1.00 17.12 ? 54   GLU A N   1 
ATOM   102  C CA  . GLU A 1 19 ? 10.218  9.747   -9.964  1.00 19.53 ? 54   GLU A CA  1 
ATOM   103  C C   . GLU A 1 19 ? 10.175  9.508   -11.481 1.00 21.64 ? 54   GLU A C   1 
ATOM   104  O O   . GLU A 1 19 ? 11.216  9.492   -12.151 1.00 20.85 ? 54   GLU A O   1 
ATOM   105  C CB  . GLU A 1 19 ? 10.247  8.450   -9.157  1.00 22.50 ? 54   GLU A CB  1 
ATOM   106  C CG  . GLU A 1 19 ? 11.394  7.519   -9.488  1.00 24.51 ? 54   GLU A CG  1 
ATOM   107  C CD  . GLU A 1 19 ? 12.754  8.154   -9.254  1.00 26.91 ? 54   GLU A CD  1 
ATOM   108  O OE1 . GLU A 1 19 ? 12.965  8.811   -8.204  1.00 27.48 ? 54   GLU A OE1 1 
ATOM   109  O OE2 . GLU A 1 19 ? 13.607  7.983   -10.130 1.00 25.18 ? 54   GLU A OE2 1 
ATOM   110  N N   . ALA A 1 20 ? 8.945   9.400   -12.001 1.00 21.28 ? 55   ALA A N   1 
ATOM   111  C CA  . ALA A 1 20 ? 8.701   9.163   -13.426 1.00 22.49 ? 55   ALA A CA  1 
ATOM   112  C C   . ALA A 1 20 ? 9.079   10.387  -14.276 1.00 24.07 ? 55   ALA A C   1 
ATOM   113  O O   . ALA A 1 20 ? 9.298   10.259  -15.500 1.00 24.06 ? 55   ALA A O   1 
ATOM   114  C CB  . ALA A 1 20 ? 7.245   8.767   -13.633 1.00 20.94 ? 55   ALA A CB  1 
ATOM   115  N N   . GLU A 1 21 ? 9.214   11.561  -13.656 1.00 20.20 ? 56   GLU A N   1 
ATOM   116  C CA  . GLU A 1 21 ? 9.642   12.794  -14.330 1.00 21.73 ? 56   GLU A CA  1 
ATOM   117  C C   . GLU A 1 21 ? 11.169  13.008  -14.309 1.00 20.68 ? 56   GLU A C   1 
ATOM   118  O O   . GLU A 1 21 ? 11.663  13.994  -14.855 1.00 22.78 ? 56   GLU A O   1 
ATOM   119  C CB  . GLU A 1 21 ? 8.965   14.020  -13.733 1.00 22.81 ? 56   GLU A CB  1 
ATOM   120  C CG  . GLU A 1 21 ? 7.458   13.978  -13.916 1.00 25.31 ? 56   GLU A CG  1 
ATOM   121  C CD  . GLU A 1 21 ? 7.090   13.954  -15.380 1.00 32.51 ? 56   GLU A CD  1 
ATOM   122  O OE1 . GLU A 1 21 ? 7.643   14.784  -16.171 1.00 33.51 ? 56   GLU A OE1 1 
ATOM   123  O OE2 . GLU A 1 21 ? 6.261   13.094  -15.746 1.00 32.19 ? 56   GLU A OE2 1 
ATOM   124  N N   . ARG A 1 22 ? 11.906  12.101  -13.659 1.00 20.17 ? 57   ARG A N   1 
ATOM   125  C CA  . ARG A 1 22 ? 13.368  12.225  -13.631 1.00 20.57 ? 57   ARG A CA  1 
ATOM   126  C C   . ARG A 1 22 ? 13.901  12.173  -15.068 1.00 21.67 ? 57   ARG A C   1 
ATOM   127  O O   . ARG A 1 22 ? 13.450  11.335  -15.823 1.00 24.66 ? 57   ARG A O   1 
ATOM   128  C CB  . ARG A 1 22 ? 13.965  11.102  -12.797 1.00 21.36 ? 57   ARG A CB  1 
ATOM   129  C CG  . ARG A 1 22 ? 15.411  11.348  -12.404 1.00 22.76 ? 57   ARG A CG  1 
ATOM   130  C CD  . ARG A 1 22 ? 15.962  10.190  -11.563 1.00 23.42 ? 57   ARG A CD  1 
ATOM   131  N NE  . ARG A 1 22 ? 15.390  10.082  -10.204 1.00 21.85 ? 57   ARG A NE  1 
ATOM   132  C CZ  . ARG A 1 22 ? 15.778  10.824  -9.152  1.00 21.65 ? 57   ARG A CZ  1 
ATOM   133  N NH1 . ARG A 1 22 ? 16.738  11.758  -9.289  1.00 20.74 ? 57   ARG A NH1 1 
ATOM   134  N NH2 . ARG A 1 22 ? 15.198  10.633  -7.958  1.00 20.56 ? 57   ARG A NH2 1 
ATOM   135  N N   . ASP A 1 23 ? 14.845  13.053  -15.402 1.00 24.21 ? 58   ASP A N   1 
ATOM   136  C CA  . ASP A 1 23 ? 15.422  13.115  -16.760 1.00 27.85 ? 58   ASP A CA  1 
ATOM   137  C C   . ASP A 1 23 ? 16.051  11.773  -17.079 1.00 31.62 ? 58   ASP A C   1 
ATOM   138  O O   . ASP A 1 23 ? 16.798  11.236  -16.258 1.00 29.54 ? 58   ASP A O   1 
ATOM   139  C CB  . ASP A 1 23 ? 16.441  14.245  -16.838 1.00 29.51 ? 58   ASP A CB  1 
ATOM   140  C CG  . ASP A 1 23 ? 16.914  14.490  -18.250 1.00 35.44 ? 58   ASP A CG  1 
ATOM   141  O OD1 . ASP A 1 23 ? 16.250  15.272  -18.963 1.00 40.28 ? 58   ASP A OD1 1 
ATOM   142  O OD2 . ASP A 1 23 ? 17.918  13.864  -18.643 1.00 33.47 ? 58   ASP A OD2 1 
ATOM   143  N N   . PRO A 1 24 ? 15.711  11.180  -18.241 1.00 33.67 ? 59   PRO A N   1 
ATOM   144  C CA  . PRO A 1 24 ? 16.223  9.836   -18.534 1.00 35.61 ? 59   PRO A CA  1 
ATOM   145  C C   . PRO A 1 24 ? 17.712  9.866   -18.882 1.00 37.80 ? 59   PRO A C   1 
ATOM   146  O O   . PRO A 1 24 ? 18.392  8.851   -18.737 1.00 45.82 ? 59   PRO A O   1 
ATOM   147  C CB  . PRO A 1 24 ? 15.381  9.377   -19.741 1.00 35.09 ? 59   PRO A CB  1 
ATOM   148  C CG  . PRO A 1 24 ? 14.834  10.641  -20.348 1.00 34.96 ? 59   PRO A CG  1 
ATOM   149  C CD  . PRO A 1 24 ? 14.784  11.684  -19.274 1.00 34.29 ? 59   PRO A CD  1 
ATOM   150  N N   . THR A 1 25 ? 18.227  11.011  -19.323 1.00 39.27 ? 60   THR A N   1 
ATOM   151  C CA  . THR A 1 25 ? 19.648  11.084  -19.684 1.00 41.98 ? 60   THR A CA  1 
ATOM   152  C C   . THR A 1 25 ? 20.550  11.446  -18.500 1.00 39.02 ? 60   THR A C   1 
ATOM   153  O O   . THR A 1 25 ? 21.550  10.774  -18.275 1.00 36.82 ? 60   THR A O   1 
ATOM   154  C CB  . THR A 1 25 ? 19.930  12.051  -20.852 1.00 42.04 ? 60   THR A CB  1 
ATOM   155  O OG1 . THR A 1 25 ? 19.803  13.403  -20.401 1.00 46.42 ? 60   THR A OG1 1 
ATOM   156  C CG2 . THR A 1 25 ? 18.968  11.819  -21.986 1.00 41.70 ? 60   THR A CG2 1 
ATOM   157  N N   . THR A 1 26 ? 20.204  12.495  -17.753 1.00 34.41 ? 61   THR A N   1 
ATOM   158  C CA  . THR A 1 26 ? 21.033  12.933  -16.635 1.00 33.37 ? 61   THR A CA  1 
ATOM   159  C C   . THR A 1 26 ? 20.607  12.410  -15.252 1.00 31.40 ? 61   THR A C   1 
ATOM   160  O O   . THR A 1 26 ? 21.386  12.529  -14.313 1.00 30.02 ? 61   THR A O   1 
ATOM   161  C CB  . THR A 1 26 ? 21.062  14.461  -16.519 1.00 36.18 ? 61   THR A CB  1 
ATOM   162  O OG1 . THR A 1 26 ? 19.729  14.929  -16.263 1.00 32.85 ? 61   THR A OG1 1 
ATOM   163  C CG2 . THR A 1 26 ? 21.609  15.117  -17.804 1.00 35.60 ? 61   THR A CG2 1 
ATOM   164  N N   . GLY A 1 27 ? 19.387  11.877  -15.116 1.00 28.81 ? 62   GLY A N   1 
ATOM   165  C CA  . GLY A 1 27 ? 18.843  11.475  -13.789 1.00 27.16 ? 62   GLY A CA  1 
ATOM   166  C C   . GLY A 1 27 ? 18.428  12.652  -12.929 1.00 26.24 ? 62   GLY A C   1 
ATOM   167  O O   . GLY A 1 27 ? 18.167  12.493  -11.738 1.00 28.73 ? 62   GLY A O   1 
ATOM   168  N N   . ALA A 1 28 ? 18.365  13.846  -13.501 1.00 24.31 ? 63   ALA A N   1 
ATOM   169  C CA  . ALA A 1 28 ? 18.026  15.048  -12.732 1.00 23.42 ? 63   ALA A CA  1 
ATOM   170  C C   . ALA A 1 28 ? 16.533  15.083  -12.460 1.00 20.44 ? 63   ALA A C   1 
ATOM   171  O O   . ALA A 1 28 ? 15.752  14.679  -13.330 1.00 23.08 ? 63   ALA A O   1 
ATOM   172  C CB  . ALA A 1 28 ? 18.406  16.287  -13.515 1.00 25.47 ? 63   ALA A CB  1 
ATOM   173  N N   . LEU A 1 29 ? 16.136  15.565  -11.265 1.00 20.10 ? 64   LEU A N   1 
ATOM   174  C CA  . LEU A 1 29 ? 14.707  15.732  -10.911 1.00 19.68 ? 64   LEU A CA  1 
ATOM   175  C C   . LEU A 1 29 ? 14.062  16.880  -11.688 1.00 21.24 ? 64   LEU A C   1 
ATOM   176  O O   . LEU A 1 29 ? 14.766  17.769  -12.160 1.00 22.97 ? 64   LEU A O   1 
ATOM   177  C CB  . LEU A 1 29 ? 14.591  16.092  -9.424  1.00 20.02 ? 64   LEU A CB  1 
ATOM   178  C CG  . LEU A 1 29 ? 14.771  14.928  -8.457  1.00 20.89 ? 64   LEU A CG  1 
ATOM   179  C CD1 . LEU A 1 29 ? 14.772  15.538  -7.078  1.00 22.02 ? 64   LEU A CD1 1 
ATOM   180  C CD2 . LEU A 1 29 ? 13.669  13.904  -8.567  1.00 23.32 ? 64   LEU A CD2 1 
ATOM   181  N N   . PRO A 1 30 ? 12.717  16.863  -11.839 1.00 21.99 ? 65   PRO A N   1 
ATOM   182  C CA  . PRO A 1 30 ? 12.063  18.060  -12.410 1.00 22.15 ? 65   PRO A CA  1 
ATOM   183  C C   . PRO A 1 30 ? 12.237  19.234  -11.462 1.00 21.72 ? 65   PRO A C   1 
ATOM   184  O O   . PRO A 1 30 ? 12.738  19.043  -10.328 1.00 20.80 ? 65   PRO A O   1 
ATOM   185  C CB  . PRO A 1 30 ? 10.588  17.666  -12.489 1.00 21.83 ? 65   PRO A CB  1 
ATOM   186  C CG  . PRO A 1 30 ? 10.412  16.540  -11.511 1.00 20.92 ? 65   PRO A CG  1 
ATOM   187  C CD  . PRO A 1 30 ? 11.757  15.829  -11.422 1.00 21.40 ? 65   PRO A CD  1 
ATOM   188  N N   . GLN A 1 31 ? 11.853  20.431  -11.918 1.00 19.85 ? 66   GLN A N   1 
ATOM   189  C CA  . GLN A 1 31 ? 11.988  21.660  -11.133 1.00 21.09 ? 66   GLN A CA  1 
ATOM   190  C C   . GLN A 1 31 ? 11.057  21.567  -9.903  1.00 19.22 ? 66   GLN A C   1 
ATOM   191  O O   . GLN A 1 31 ? 9.871   21.317  -10.042 1.00 19.74 ? 66   GLN A O   1 
ATOM   192  C CB  . GLN A 1 31 ? 11.493  22.838  -11.969 1.00 21.93 ? 66   GLN A CB  1 
ATOM   193  C CG  . GLN A 1 31 ? 11.528  24.180  -11.250 1.00 22.65 ? 66   GLN A CG  1 
ATOM   194  C CD  . GLN A 1 31 ? 12.926  24.602  -10.850 1.00 26.78 ? 66   GLN A CD  1 
ATOM   195  O OE1 . GLN A 1 31 ? 13.860  24.452  -11.630 1.00 28.33 ? 66   GLN A OE1 1 
ATOM   196  N NE2 . GLN A 1 31 ? 13.083  25.115  -9.612  1.00 25.31 ? 66   GLN A NE2 1 
ATOM   197  N N   . LEU A 1 32 ? 11.648  21.745  -8.735  1.00 17.97 ? 67   LEU A N   1 
ATOM   198  C CA  . LEU A 1 32 ? 10.963  21.675  -7.462  1.00 16.40 ? 67   LEU A CA  1 
ATOM   199  C C   . LEU A 1 32 ? 11.309  22.917  -6.660  1.00 17.41 ? 67   LEU A C   1 
ATOM   200  O O   . LEU A 1 32 ? 12.358  23.545  -6.927  1.00 18.27 ? 67   LEU A O   1 
ATOM   201  C CB  . LEU A 1 32 ? 11.441  20.430  -6.702  1.00 15.47 ? 67   LEU A CB  1 
ATOM   202  C CG  . LEU A 1 32 ? 10.985  19.076  -7.302  1.00 16.79 ? 67   LEU A CG  1 
ATOM   203  C CD1 . LEU A 1 32 ? 11.595  17.930  -6.506  1.00 15.27 ? 67   LEU A CD1 1 
ATOM   204  C CD2 . LEU A 1 32 ? 9.462   18.980  -7.250  1.00 15.58 ? 67   LEU A CD2 1 
ATOM   205  N N   . PRO A 1 33 ? 10.455  23.301  -5.691  1.00 16.99 ? 68   PRO A N   1 
ATOM   206  C CA  . PRO A 1 33 ? 9.229   22.593  -5.263  1.00 17.15 ? 68   PRO A CA  1 
ATOM   207  C C   . PRO A 1 33 ? 7.967   22.862  -6.074  1.00 18.39 ? 68   PRO A C   1 
ATOM   208  O O   . PRO A 1 33 ? 7.887   23.827  -6.852  1.00 17.61 ? 68   PRO A O   1 
ATOM   209  C CB  . PRO A 1 33 ? 8.997   23.139  -3.867  1.00 16.22 ? 68   PRO A CB  1 
ATOM   210  C CG  . PRO A 1 33 ? 9.447   24.583  -3.992  1.00 18.42 ? 68   PRO A CG  1 
ATOM   211  C CD  . PRO A 1 33 ? 10.660  24.526  -4.896  1.00 17.77 ? 68   PRO A CD  1 
ATOM   212  N N   . GLN A 1 34 ? 6.984   21.958  -5.932  1.00 16.27 ? 69   GLN A N   1 
ATOM   213  C CA  . GLN A 1 34 ? 5.704   22.083  -6.674  1.00 15.93 ? 69   GLN A CA  1 
ATOM   214  C C   . GLN A 1 34 ? 4.606   21.542  -5.810  1.00 16.19 ? 69   GLN A C   1 
ATOM   215  O O   . GLN A 1 34 ? 4.850   20.725  -4.950  1.00 16.06 ? 69   GLN A O   1 
ATOM   216  C CB  . GLN A 1 34 ? 5.678   21.263  -7.977  1.00 16.25 ? 69   GLN A CB  1 
ATOM   217  C CG  . GLN A 1 34 ? 6.746   21.667  -8.996  1.00 17.95 ? 69   GLN A CG  1 
ATOM   218  C CD  . GLN A 1 34 ? 6.625   23.093  -9.535  1.00 21.37 ? 69   GLN A CD  1 
ATOM   219  O OE1 . GLN A 1 34 ? 5.574   23.745  -9.435  1.00 22.41 ? 69   GLN A OE1 1 
ATOM   220  N NE2 . GLN A 1 34 ? 7.737   23.600  -10.113 1.00 23.02 ? 69   GLN A NE2 1 
ATOM   221  N N   . ALA A 1 35 ? 3.385   22.025  -6.032  1.00 16.76 ? 70   ALA A N   1 
ATOM   222  C CA  . ALA A 1 35 ? 2.205   21.378  -5.468  1.00 16.30 ? 70   ALA A CA  1 
ATOM   223  C C   . ALA A 1 35 ? 2.067   19.928  -5.975  1.00 16.23 ? 70   ALA A C   1 
ATOM   224  O O   . ALA A 1 35 ? 2.407   19.622  -7.098  1.00 18.20 ? 70   ALA A O   1 
ATOM   225  C CB  . ALA A 1 35 ? 0.949   22.176  -5.892  1.00 15.33 ? 70   ALA A CB  1 
ATOM   226  N N   . CYS A 1 36 ? 1.532   19.055  -5.128  1.00 15.21 ? 71   CYS A N   1 
ATOM   227  C CA  . CYS A 1 36 ? 1.456   17.652  -5.497  1.00 17.09 ? 71   CYS A CA  1 
ATOM   228  C C   . CYS A 1 36 ? 0.534   17.490  -6.667  1.00 18.09 ? 71   CYS A C   1 
ATOM   229  O O   . CYS A 1 36 ? 0.630   16.461  -7.369  1.00 18.07 ? 71   CYS A O   1 
ATOM   230  C CB  . CYS A 1 36 ? 0.926   16.815  -4.343  1.00 17.32 ? 71   CYS A CB  1 
ATOM   231  S SG  . CYS A 1 36 ? 2.104   16.664  -2.999  1.00 18.10 ? 71   CYS A SG  1 
ATOM   232  N N   . ASP A 1 37 ? -0.393  18.447  -6.853  1.00 19.17 ? 72   ASP A N   1 
ATOM   233  C CA  . ASP A 1 37 ? -1.359  18.261  -7.943  1.00 23.92 ? 72   ASP A CA  1 
ATOM   234  C C   . ASP A 1 37 ? -0.746  18.545  -9.323  1.00 24.76 ? 72   ASP A C   1 
ATOM   235  O O   . ASP A 1 37 ? -1.388  18.376  -10.352 1.00 28.77 ? 72   ASP A O   1 
ATOM   236  C CB  . ASP A 1 37 ? -2.670  19.014  -7.671  1.00 27.00 ? 72   ASP A CB  1 
ATOM   237  C CG  . ASP A 1 37 ? -2.510  20.527  -7.705  1.00 28.75 ? 72   ASP A CG  1 
ATOM   238  O OD1 . ASP A 1 37 ? -1.426  21.034  -8.075  1.00 30.43 ? 72   ASP A OD1 1 
ATOM   239  O OD2 . ASP A 1 37 ? -3.512  21.209  -7.365  1.00 33.88 ? 72   ASP A OD2 1 
ATOM   240  N N   . GLN A 1 38 ? 0.537   18.899  -9.339  1.00 23.07 ? 73   GLN A N   1 
ATOM   241  C CA  . GLN A 1 38 ? 1.280   19.012  -10.581 1.00 22.37 ? 73   GLN A CA  1 
ATOM   242  C C   . GLN A 1 38 ? 1.790   17.653  -10.998 1.00 21.27 ? 73   GLN A C   1 
ATOM   243  O O   . GLN A 1 38 ? 2.283   17.471  -12.119 1.00 18.85 ? 73   GLN A O   1 
ATOM   244  C CB  . GLN A 1 38 ? 2.419   20.033  -10.452 1.00 23.69 ? 73   GLN A CB  1 
ATOM   245  C CG  . GLN A 1 38 ? 1.942   21.451  -10.125 1.00 25.89 ? 73   GLN A CG  1 
ATOM   246  C CD  . GLN A 1 38 ? 0.883   21.943  -11.102 1.00 30.05 ? 73   GLN A CD  1 
ATOM   247  O OE1 . GLN A 1 38 ? -0.335  21.865  -10.842 1.00 31.80 ? 73   GLN A OE1 1 
ATOM   248  N NE2 . GLN A 1 38 ? 1.339   22.436  -12.248 1.00 26.91 ? 73   GLN A NE2 1 
ATOM   249  N N   . PHE A 1 39 ? 1.624   16.659  -10.121 1.00 18.90 ? 74   PHE A N   1 
ATOM   250  C CA  . PHE A 1 39 ? 2.044   15.300  -10.406 1.00 18.38 ? 74   PHE A CA  1 
ATOM   251  C C   . PHE A 1 39 ? 0.890   14.312  -10.449 1.00 19.56 ? 74   PHE A C   1 
ATOM   252  O O   . PHE A 1 39 ? 0.892   13.421  -11.275 1.00 20.91 ? 74   PHE A O   1 
ATOM   253  C CB  . PHE A 1 39 ? 3.088   14.846  -9.352  1.00 18.26 ? 74   PHE A CB  1 
ATOM   254  C CG  . PHE A 1 39 ? 4.344   15.666  -9.408  1.00 17.88 ? 74   PHE A CG  1 
ATOM   255  C CD1 . PHE A 1 39 ? 5.288   15.448  -10.420 1.00 17.19 ? 74   PHE A CD1 1 
ATOM   256  C CD2 . PHE A 1 39 ? 4.572   16.704  -8.491  1.00 19.30 ? 74   PHE A CD2 1 
ATOM   257  C CE1 . PHE A 1 39 ? 6.410   16.267  -10.532 1.00 18.85 ? 74   PHE A CE1 1 
ATOM   258  C CE2 . PHE A 1 39 ? 5.718   17.517  -8.594  1.00 20.07 ? 74   PHE A CE2 1 
ATOM   259  C CZ  . PHE A 1 39 ? 6.640   17.269  -9.608  1.00 19.37 ? 74   PHE A CZ  1 
ATOM   260  N N   . VAL A 1 40 ? -0.024  14.437  -9.490  1.00 19.66 ? 75   VAL A N   1 
ATOM   261  C CA  . VAL A 1 40 ? -1.256  13.610  -9.421  1.00 19.45 ? 75   VAL A CA  1 
ATOM   262  C C   . VAL A 1 40 ? -2.429  14.524  -9.061  1.00 21.50 ? 75   VAL A C   1 
ATOM   263  O O   . VAL A 1 40 ? -2.446  15.182  -7.977  1.00 20.98 ? 75   VAL A O   1 
ATOM   264  C CB  . VAL A 1 40 ? -1.147  12.485  -8.371  1.00 20.48 ? 75   VAL A CB  1 
ATOM   265  C CG1 . VAL A 1 40 ? -2.415  11.649  -8.299  1.00 21.66 ? 75   VAL A CG1 1 
ATOM   266  C CG2 . VAL A 1 40 ? 0.053   11.588  -8.638  1.00 18.17 ? 75   VAL A CG2 1 
ATOM   267  N N   . ALA A 1 41 ? -3.394  14.615  -9.987  1.00 20.84 ? 76   ALA A N   1 
ATOM   268  C CA  . ALA A 1 41 ? -4.613  15.386  -9.771  1.00 22.32 ? 76   ALA A CA  1 
ATOM   269  C C   . ALA A 1 41 ? -5.522  14.797  -8.687  1.00 23.95 ? 76   ALA A C   1 
ATOM   270  O O   . ALA A 1 41 ? -5.440  13.627  -8.337  1.00 24.25 ? 76   ALA A O   1 
ATOM   271  C CB  . ALA A 1 41 ? -5.376  15.496  -11.096 1.00 24.44 ? 76   ALA A CB  1 
ATOM   272  N N   . ASN A 1 42 ? -6.416  15.633  -8.176  1.00 27.55 ? 77   ASN A N   1 
ATOM   273  C CA  . ASN A 1 42 ? -7.468  15.221  -7.237  1.00 31.43 ? 77   ASN A CA  1 
ATOM   274  C C   . ASN A 1 42 ? -7.065  14.576  -5.923  1.00 30.93 ? 77   ASN A C   1 
ATOM   275  O O   . ASN A 1 42 ? -7.378  13.411  -5.680  1.00 31.05 ? 77   ASN A O   1 
ATOM   276  C CB  . ASN A 1 42 ? -8.512  14.383  -7.938  1.00 36.33 ? 77   ASN A CB  1 
ATOM   277  C CG  . ASN A 1 42 ? -9.184  15.159  -9.037  1.00 40.51 ? 77   ASN A CG  1 
ATOM   278  O OD1 . ASN A 1 42 ? -9.409  16.364  -8.901  1.00 45.01 ? 77   ASN A OD1 1 
ATOM   279  N ND2 . ASN A 1 42 ? -9.484  14.498  -10.126 1.00 45.94 ? 77   ASN A ND2 1 
ATOM   280  N N   . PRO A 1 43 ? -6.382  15.339  -5.063  1.00 30.16 ? 78   PRO A N   1 
ATOM   281  C CA  . PRO A 1 43 ? -6.039  14.784  -3.750  1.00 29.39 ? 78   PRO A CA  1 
ATOM   282  C C   . PRO A 1 43 ? -7.300  14.441  -2.984  1.00 32.71 ? 78   PRO A C   1 
ATOM   283  O O   . PRO A 1 43 ? -8.356  15.067  -3.219  1.00 32.86 ? 78   PRO A O   1 
ATOM   284  C CB  . PRO A 1 43 ? -5.312  15.923  -3.060  1.00 30.96 ? 78   PRO A CB  1 
ATOM   285  C CG  . PRO A 1 43 ? -5.738  17.150  -3.773  1.00 33.89 ? 78   PRO A CG  1 
ATOM   286  C CD  . PRO A 1 43 ? -5.967  16.740  -5.196  1.00 30.91 ? 78   PRO A CD  1 
ATOM   287  N N   . PRO A 1 44 ? -7.198  13.473  -2.065  1.00 29.31 ? 79   PRO A N   1 
ATOM   288  C CA  . PRO A 1 44 ? -8.370  13.109  -1.265  1.00 30.73 ? 79   PRO A CA  1 
ATOM   289  C C   . PRO A 1 44 ? -8.793  14.225  -0.320  1.00 30.76 ? 79   PRO A C   1 
ATOM   290  O O   . PRO A 1 44 ? -8.021  15.133  -0.005  1.00 27.80 ? 79   PRO A O   1 
ATOM   291  C CB  . PRO A 1 44 ? -7.912  11.855  -0.505  1.00 32.04 ? 79   PRO A CB  1 
ATOM   292  C CG  . PRO A 1 44 ? -6.419  11.946  -0.476  1.00 28.85 ? 79   PRO A CG  1 
ATOM   293  C CD  . PRO A 1 44 ? -5.982  12.733  -1.665  1.00 28.77 ? 79   PRO A CD  1 
ATOM   294  N N   . ALA A 1 45 ? -10.040 14.153  0.148   1.00 30.44 ? 80   ALA A N   1 
ATOM   295  C CA  . ALA A 1 45 ? -10.588 15.178  1.014   1.00 30.99 ? 80   ALA A CA  1 
ATOM   296  C C   . ALA A 1 45 ? -9.810  15.379  2.333   1.00 28.41 ? 80   ALA A C   1 
ATOM   297  O O   . ALA A 1 45 ? -9.802  16.470  2.903   1.00 30.64 ? 80   ALA A O   1 
ATOM   298  C CB  . ALA A 1 45 ? -12.056 14.866  1.286   1.00 34.11 ? 80   ALA A CB  1 
ATOM   299  N N   . SER A 1 46 ? -9.139  14.322  2.786   1.00 29.61 ? 81   SER A N   1 
ATOM   300  C CA  . SER A 1 46 ? -8.318  14.354  4.004   1.00 29.83 ? 81   SER A CA  1 
ATOM   301  C C   . SER A 1 46 ? -7.036  15.170  3.828   1.00 28.80 ? 81   SER A C   1 
ATOM   302  O O   . SER A 1 46 ? -6.405  15.574  4.812   1.00 31.34 ? 81   SER A O   1 
ATOM   303  C CB  . SER A 1 46 ? -7.940  12.946  4.375   1.00 30.80 ? 81   SER A CB  1 
ATOM   304  O OG  . SER A 1 46 ? -7.347  12.334  3.239   1.00 32.32 ? 81   SER A OG  1 
ATOM   305  N N   . VAL A 1 47 ? -6.634  15.397  2.582   1.00 29.49 ? 82   VAL A N   1 
ATOM   306  C CA  . VAL A 1 47 ? -5.422  16.181  2.330   1.00 30.22 ? 82   VAL A CA  1 
ATOM   307  C C   . VAL A 1 47 ? -5.765  17.651  2.189   1.00 30.73 ? 82   VAL A C   1 
ATOM   308  O O   . VAL A 1 47 ? -6.567  18.029  1.345   1.00 35.73 ? 82   VAL A O   1 
ATOM   309  C CB  . VAL A 1 47 ? -4.666  15.680  1.089   1.00 28.58 ? 82   VAL A CB  1 
ATOM   310  C CG1 . VAL A 1 47 ? -3.385  16.504  0.907   1.00 29.05 ? 82   VAL A CG1 1 
ATOM   311  C CG2 . VAL A 1 47 ? -4.334  14.212  1.275   1.00 28.23 ? 82   VAL A CG2 1 
ATOM   312  N N   . THR A 1 48 ? -5.153  18.461  3.037   1.00 31.39 ? 83   THR A N   1 
ATOM   313  C CA  . THR A 1 48 ? -5.353  19.898  3.097   1.00 34.25 ? 83   THR A CA  1 
ATOM   314  C C   . THR A 1 48 ? -4.464  20.642  2.108   1.00 30.67 ? 83   THR A C   1 
ATOM   315  O O   . THR A 1 48 ? -4.895  21.581  1.442   1.00 29.87 ? 83   THR A O   1 
ATOM   316  C CB  . THR A 1 48 ? -4.908  20.390  4.482   1.00 34.52 ? 83   THR A CB  1 
ATOM   317  O OG1 . THR A 1 48 ? -5.655  19.688  5.483   1.00 44.36 ? 83   THR A OG1 1 
ATOM   318  C CG2 . THR A 1 48 ? -5.099  21.905  4.632   1.00 38.86 ? 83   THR A CG2 1 
ATOM   319  N N   . GLN A 1 49 ? -3.199  20.250  2.075   1.00 25.84 ? 84   GLN A N   1 
ATOM   320  C CA  . GLN A 1 49 ? -2.153  20.934  1.303   1.00 23.84 ? 84   GLN A CA  1 
ATOM   321  C C   . GLN A 1 49 ? -1.123  19.849  1.088   1.00 21.78 ? 84   GLN A C   1 
ATOM   322  O O   . GLN A 1 49 ? -0.985  18.978  1.915   1.00 25.48 ? 84   GLN A O   1 
ATOM   323  C CB  . GLN A 1 49 ? -1.530  22.055  2.139   1.00 25.41 ? 84   GLN A CB  1 
ATOM   324  N N   . CYS A 1 50 ? -0.436  19.855  -0.042  1.00 18.97 ? 85   CYS A N   1 
ATOM   325  C CA  . CYS A 1 50 ? 0.529   18.774  -0.318  1.00 17.70 ? 85   CYS A CA  1 
ATOM   326  C C   . CYS A 1 50 ? 1.588   19.368  -1.208  1.00 17.68 ? 85   CYS A C   1 
ATOM   327  O O   . CYS A 1 50 ? 1.260   20.037  -2.201  1.00 19.73 ? 85   CYS A O   1 
ATOM   328  C CB  . CYS A 1 50 ? -0.152  17.594  -1.046  1.00 20.02 ? 85   CYS A CB  1 
ATOM   329  S SG  . CYS A 1 50 ? 0.915   16.173  -1.361  1.00 23.05 ? 85   CYS A SG  1 
ATOM   330  N N   . ASN A 1 51 ? 2.850   19.146  -0.848  1.00 16.57 ? 86   ASN A N   1 
ATOM   331  C CA  . ASN A 1 51 ? 3.902   19.661  -1.698  1.00 15.46 ? 86   ASN A CA  1 
ATOM   332  C C   . ASN A 1 51 ? 5.030   18.682  -1.883  1.00 15.06 ? 86   ASN A C   1 
ATOM   333  O O   . ASN A 1 51 ? 5.158   17.742  -1.132  1.00 14.51 ? 86   ASN A O   1 
ATOM   334  C CB  . ASN A 1 51 ? 4.360   21.006  -1.089  1.00 16.27 ? 86   ASN A CB  1 
ATOM   335  C CG  . ASN A 1 51 ? 4.877   20.860  0.350   1.00 18.21 ? 86   ASN A CG  1 
ATOM   336  O OD1 . ASN A 1 51 ? 5.931   20.294  0.576   1.00 22.50 ? 86   ASN A OD1 1 
ATOM   337  N ND2 . ASN A 1 51 ? 4.101   21.360  1.334   1.00 21.75 ? 86   ASN A ND2 1 
ATOM   338  N N   . VAL A 1 52 ? 5.848   18.883  -2.930  1.00 14.15 ? 87   VAL A N   1 
ATOM   339  C CA  . VAL A 1 52 ? 7.022   18.072  -3.169  1.00 14.11 ? 87   VAL A CA  1 
ATOM   340  C C   . VAL A 1 52 ? 8.217   19.018  -3.139  1.00 15.66 ? 87   VAL A C   1 
ATOM   341  O O   . VAL A 1 52 ? 8.226   20.047  -3.852  1.00 15.73 ? 87   VAL A O   1 
ATOM   342  C CB  . VAL A 1 52 ? 6.992   17.452  -4.588  1.00 15.50 ? 87   VAL A CB  1 
ATOM   343  C CG1 . VAL A 1 52 ? 8.199   16.516  -4.766  1.00 15.97 ? 87   VAL A CG1 1 
ATOM   344  C CG2 . VAL A 1 52 ? 5.716   16.630  -4.792  1.00 17.75 ? 87   VAL A CG2 1 
ATOM   345  N N   . THR A 1 53 ? 9.229   18.652  -2.337  1.00 14.59 ? 88   THR A N   1 
ATOM   346  C CA  . THR A 1 53 ? 10.425  19.469  -2.234  1.00 15.06 ? 88   THR A CA  1 
ATOM   347  C C   . THR A 1 53 ? 11.651  18.637  -2.562  1.00 15.28 ? 88   THR A C   1 
ATOM   348  O O   . THR A 1 53 ? 11.693  17.406  -2.389  1.00 15.00 ? 88   THR A O   1 
ATOM   349  C CB  . THR A 1 53 ? 10.616  20.064  -0.803  1.00 15.87 ? 88   THR A CB  1 
ATOM   350  O OG1 . THR A 1 53 ? 10.512  19.011  0.180   1.00 16.87 ? 88   THR A OG1 1 
ATOM   351  C CG2 . THR A 1 53 ? 9.581   21.142  -0.534  1.00 15.41 ? 88   THR A CG2 1 
ATOM   352  N N   . ALA A 1 54 ? 12.692  19.312  -3.070  1.00 15.52 ? 89   ALA A N   1 
ATOM   353  C CA  . ALA A 1 54 ? 13.939  18.660  -3.358  1.00 17.39 ? 89   ALA A CA  1 
ATOM   354  C C   . ALA A 1 54 ? 14.813  18.526  -2.115  1.00 17.14 ? 89   ALA A C   1 
ATOM   355  O O   . ALA A 1 54 ? 15.004  19.502  -1.327  1.00 18.90 ? 89   ALA A O   1 
ATOM   356  C CB  . ALA A 1 54 ? 14.680  19.432  -4.442  1.00 15.82 ? 89   ALA A CB  1 
ATOM   357  N N   . ASN A 1 55 ? 15.371  17.340  -1.942  1.00 16.28 ? 90   ASN A N   1 
ATOM   358  C CA  . ASN A 1 55 ? 16.288  17.086  -0.826  1.00 18.21 ? 90   ASN A CA  1 
ATOM   359  C C   . ASN A 1 55 ? 17.644  17.754  -1.121  1.00 19.51 ? 90   ASN A C   1 
ATOM   360  O O   . ASN A 1 55 ? 17.988  18.000  -2.284  1.00 19.45 ? 90   ASN A O   1 
ATOM   361  C CB  . ASN A 1 55 ? 16.503  15.583  -0.644  1.00 16.99 ? 90   ASN A CB  1 
ATOM   362  C CG  . ASN A 1 55 ? 15.277  14.858  -0.027  1.00 17.73 ? 90   ASN A CG  1 
ATOM   363  O OD1 . ASN A 1 55 ? 14.160  15.388  -0.028  1.00 19.81 ? 90   ASN A OD1 1 
ATOM   364  N ND2 . ASN A 1 55 ? 15.484  13.623  0.423   1.00 18.99 ? 90   ASN A ND2 1 
ATOM   365  N N   . ASN A 1 56 ? 18.365  18.091  -0.063  1.00 23.32 ? 91   ASN A N   1 
ATOM   366  C CA  . ASN A 1 56 ? 19.664  18.732  -0.249  1.00 23.97 ? 91   ASN A CA  1 
ATOM   367  C C   . ASN A 1 56 ? 20.680  17.908  -1.086  1.00 23.74 ? 91   ASN A C   1 
ATOM   368  O O   . ASN A 1 56 ? 21.658  18.465  -1.635  1.00 24.32 ? 91   ASN A O   1 
ATOM   369  C CB  . ASN A 1 56 ? 20.238  19.127  1.120   1.00 29.00 ? 91   ASN A CB  1 
ATOM   370  C CG  . ASN A 1 56 ? 19.461  20.273  1.782   1.00 33.77 ? 91   ASN A CG  1 
ATOM   371  O OD1 . ASN A 1 56 ? 18.877  21.130  1.121   1.00 37.19 ? 91   ASN A OD1 1 
ATOM   372  N ND2 . ASN A 1 56 ? 19.471  20.289  3.109   1.00 37.51 ? 91   ASN A ND2 1 
ATOM   373  N N   . ASP A 1 57 ? 20.479  16.595  -1.203  1.00 23.39 ? 92   ASP A N   1 
ATOM   374  C CA  . ASP A 1 57 ? 21.442  15.801  -1.948  1.00 22.09 ? 92   ASP A CA  1 
ATOM   375  C C   . ASP A 1 57 ? 21.375  16.014  -3.443  1.00 23.67 ? 92   ASP A C   1 
ATOM   376  O O   . ASP A 1 57 ? 22.219  15.507  -4.194  1.00 23.78 ? 92   ASP A O   1 
ATOM   377  C CB  . ASP A 1 57 ? 21.388  14.305  -1.553  1.00 21.07 ? 92   ASP A CB  1 
ATOM   378  C CG  . ASP A 1 57 ? 20.108  13.600  -2.002  1.00 21.93 ? 92   ASP A CG  1 
ATOM   379  O OD1 . ASP A 1 57 ? 19.256  14.227  -2.647  1.00 20.84 ? 92   ASP A OD1 1 
ATOM   380  O OD2 . ASP A 1 57 ? 20.003  12.387  -1.736  1.00 20.68 ? 92   ASP A OD2 1 
ATOM   381  N N   . GLY A 1 58 ? 20.332  16.714  -3.892  1.00 21.78 ? 93   GLY A N   1 
ATOM   382  C CA  . GLY A 1 58 ? 20.168  16.989  -5.307  1.00 23.11 ? 93   GLY A CA  1 
ATOM   383  C C   . GLY A 1 58 ? 19.743  15.785  -6.127  1.00 22.71 ? 93   GLY A C   1 
ATOM   384  O O   . GLY A 1 58 ? 19.711  15.842  -7.365  1.00 23.20 ? 93   GLY A O   1 
ATOM   385  N N   . VAL A 1 59 ? 19.390  14.688  -5.449  1.00 18.85 ? 94   VAL A N   1 
ATOM   386  C CA  . VAL A 1 59 ? 18.933  13.490  -6.163  1.00 16.10 ? 94   VAL A CA  1 
ATOM   387  C C   . VAL A 1 59 ? 17.510  13.073  -5.755  1.00 15.78 ? 94   VAL A C   1 
ATOM   388  O O   . VAL A 1 59 ? 16.716  12.610  -6.594  1.00 15.90 ? 94   VAL A O   1 
ATOM   389  C CB  . VAL A 1 59 ? 19.915  12.311  -5.914  1.00 16.56 ? 94   VAL A CB  1 
ATOM   390  C CG1 . VAL A 1 59 ? 19.370  10.994  -6.440  1.00 18.95 ? 94   VAL A CG1 1 
ATOM   391  C CG2 . VAL A 1 59 ? 21.256  12.637  -6.607  1.00 17.67 ? 94   VAL A CG2 1 
ATOM   392  N N   . ASN A 1 60 ? 17.252  13.153  -4.459  1.00 15.64 ? 95   ASN A N   1 
ATOM   393  C CA  . ASN A 1 60 ? 15.996  12.675  -3.868  1.00 16.05 ? 95   ASN A CA  1 
ATOM   394  C C   . ASN A 1 60 ? 15.043  13.793  -3.562  1.00 14.80 ? 95   ASN A C   1 
ATOM   395  O O   . ASN A 1 60 ? 15.408  14.994  -3.662  1.00 15.78 ? 95   ASN A O   1 
ATOM   396  C CB  . ASN A 1 60 ? 16.357  11.858  -2.606  1.00 15.98 ? 95   ASN A CB  1 
ATOM   397  C CG  . ASN A 1 60 ? 16.900  10.507  -2.953  1.00 15.94 ? 95   ASN A CG  1 
ATOM   398  O OD1 . ASN A 1 60 ? 16.175  9.670   -3.507  1.00 18.47 ? 95   ASN A OD1 1 
ATOM   399  N ND2 . ASN A 1 60 ? 18.206  10.251  -2.652  1.00 15.87 ? 95   ASN A ND2 1 
ATOM   400  N N   . PHE A 1 61 ? 13.818  13.415  -3.180  1.00 13.46 ? 96   PHE A N   1 
ATOM   401  C CA  . PHE A 1 61 ? 12.776  14.420  -2.922  1.00 13.73 ? 96   PHE A CA  1 
ATOM   402  C C   . PHE A 1 61 ? 11.916  13.948  -1.757  1.00 12.98 ? 96   PHE A C   1 
ATOM   403  O O   . PHE A 1 61 ? 11.929  12.774  -1.369  1.00 14.93 ? 96   PHE A O   1 
ATOM   404  C CB  . PHE A 1 61 ? 11.895  14.642  -4.184  1.00 13.89 ? 96   PHE A CB  1 
ATOM   405  C CG  . PHE A 1 61 ? 11.286  13.355  -4.709  1.00 14.36 ? 96   PHE A CG  1 
ATOM   406  C CD1 . PHE A 1 61 ? 10.038  12.943  -4.218  1.00 14.92 ? 96   PHE A CD1 1 
ATOM   407  C CD2 . PHE A 1 61 ? 11.936  12.560  -5.653  1.00 13.89 ? 96   PHE A CD2 1 
ATOM   408  C CE1 . PHE A 1 61 ? 9.463   11.730  -4.645  1.00 15.26 ? 96   PHE A CE1 1 
ATOM   409  C CE2 . PHE A 1 61 ? 11.381  11.360  -6.077  1.00 14.44 ? 96   PHE A CE2 1 
ATOM   410  C CZ  . PHE A 1 61 ? 10.139  10.941  -5.582  1.00 14.21 ? 96   PHE A CZ  1 
ATOM   411  N N   . THR A 1 62 ? 11.135  14.850  -1.237  1.00 13.55 ? 97   THR A N   1 
ATOM   412  C CA  . THR A 1 62 ? 10.189  14.529  -0.136  1.00 14.69 ? 97   THR A CA  1 
ATOM   413  C C   . THR A 1 62 ? 8.807   15.044  -0.530  1.00 14.67 ? 97   THR A C   1 
ATOM   414  O O   . THR A 1 62 ? 8.639   16.193  -0.952  1.00 13.98 ? 97   THR A O   1 
ATOM   415  C CB  . THR A 1 62 ? 10.607  15.192  1.196   1.00 16.54 ? 97   THR A CB  1 
ATOM   416  O OG1 . THR A 1 62 ? 11.908  14.702  1.586   1.00 18.44 ? 97   THR A OG1 1 
ATOM   417  C CG2 . THR A 1 62 ? 9.600   14.835  2.356   1.00 17.34 ? 97   THR A CG2 1 
ATOM   418  N N   . VAL A 1 63 ? 7.797   14.189  -0.357  1.00 13.24 ? 98   VAL A N   1 
ATOM   419  C CA  . VAL A 1 63 ? 6.414   14.568  -0.609  1.00 13.28 ? 98   VAL A CA  1 
ATOM   420  C C   . VAL A 1 63 ? 5.755   14.696  0.739   1.00 14.92 ? 98   VAL A C   1 
ATOM   421  O O   . VAL A 1 63 ? 5.848   13.757  1.561   1.00 15.41 ? 98   VAL A O   1 
ATOM   422  C CB  . VAL A 1 63 ? 5.676   13.426  -1.396  1.00 12.87 ? 98   VAL A CB  1 
ATOM   423  C CG1 . VAL A 1 63 ? 4.243   13.878  -1.728  1.00 13.69 ? 98   VAL A CG1 1 
ATOM   424  C CG2 . VAL A 1 63 ? 6.431   13.113  -2.673  1.00 13.65 ? 98   VAL A CG2 1 
ATOM   425  N N   . THR A 1 64 ? 5.102   15.831  0.977   1.00 16.05 ? 99   THR A N   1 
ATOM   426  C CA  . THR A 1 64 ? 4.473   16.056  2.277   1.00 17.23 ? 99   THR A CA  1 
ATOM   427  C C   . THR A 1 64 ? 3.030   16.514  2.162   1.00 15.12 ? 99   THR A C   1 
ATOM   428  O O   . THR A 1 64 ? 2.741   17.461  1.458   1.00 16.72 ? 99   THR A O   1 
ATOM   429  C CB  . THR A 1 64 ? 5.236   17.131  3.062   1.00 17.78 ? 99   THR A CB  1 
ATOM   430  O OG1 . THR A 1 64 ? 6.608   16.727  3.206   1.00 20.39 ? 99   THR A OG1 1 
ATOM   431  C CG2 . THR A 1 64 ? 4.577   17.254  4.471   1.00 21.32 ? 99   THR A CG2 1 
ATOM   432  N N   . ALA A 1 65 ? 2.135   15.845  2.889   1.00 16.71 ? 100  ALA A N   1 
ATOM   433  C CA  . ALA A 1 65 ? 0.716   16.207  2.881   1.00 18.21 ? 100  ALA A CA  1 
ATOM   434  C C   . ALA A 1 65 ? 0.268   16.565  4.294   1.00 19.25 ? 100  ALA A C   1 
ATOM   435  O O   . ALA A 1 65 ? 0.542   15.855  5.247   1.00 21.17 ? 100  ALA A O   1 
ATOM   436  C CB  . ALA A 1 65 ? -0.175  15.121  2.299   1.00 20.57 ? 100  ALA A CB  1 
ATOM   437  N N   . GLN A 1 66 ? -0.375  17.704  4.399   1.00 22.73 ? 101  GLN A N   1 
ATOM   438  C CA  . GLN A 1 66 ? -0.928  18.112  5.651   1.00 26.19 ? 101  GLN A CA  1 
ATOM   439  C C   . GLN A 1 66 ? -2.363  17.605  5.654   1.00 26.31 ? 101  GLN A C   1 
ATOM   440  O O   . GLN A 1 66 ? -3.059  17.743  4.657   1.00 25.80 ? 101  GLN A O   1 
ATOM   441  C CB  . GLN A 1 66 ? -0.828  19.622  5.763   1.00 28.85 ? 101  GLN A CB  1 
ATOM   442  C CG  . GLN A 1 66 ? -1.072  20.127  7.156   1.00 37.04 ? 101  GLN A CG  1 
ATOM   443  C CD  . GLN A 1 66 ? -1.103  21.640  7.194   1.00 40.53 ? 101  GLN A CD  1 
ATOM   444  O OE1 . GLN A 1 66 ? -0.476  22.308  6.368   1.00 44.53 ? 101  GLN A OE1 1 
ATOM   445  N NE2 . GLN A 1 66 ? -1.852  22.187  8.132   1.00 42.50 ? 101  GLN A NE2 1 
ATOM   446  N N   . LEU A 1 67 ? -2.783  16.964  6.752   1.00 24.25 ? 102  LEU A N   1 
ATOM   447  C CA  . LEU A 1 67 ? -4.125  16.416  6.854   1.00 27.08 ? 102  LEU A CA  1 
ATOM   448  C C   . LEU A 1 67 ? -5.081  17.314  7.661   1.00 26.65 ? 102  LEU A C   1 
ATOM   449  O O   . LEU A 1 67 ? -4.672  17.909  8.641   1.00 30.68 ? 102  LEU A O   1 
ATOM   450  C CB  . LEU A 1 67 ? -4.027  15.070  7.553   1.00 26.73 ? 102  LEU A CB  1 
ATOM   451  C CG  . LEU A 1 67 ? -3.715  13.841  6.678   1.00 33.36 ? 102  LEU A CG  1 
ATOM   452  C CD1 . LEU A 1 67 ? -3.156  14.172  5.309   1.00 34.36 ? 102  LEU A CD1 1 
ATOM   453  C CD2 . LEU A 1 67 ? -2.789  12.883  7.396   1.00 32.43 ? 102  LEU A CD2 1 
ATOM   454  N N   . THR A 1 68 ? -6.299  17.464  7.163   1.00 29.62 ? 103  THR A N   1 
ATOM   455  C CA  . THR A 1 68 ? -7.510  17.912  7.900   1.00 31.88 ? 103  THR A CA  1 
ATOM   456  C C   . THR A 1 68 ? -8.623  17.865  6.882   1.00 35.25 ? 103  THR A C   1 
ATOM   457  O O   . THR A 1 68 ? -8.930  16.781  6.372   1.00 41.36 ? 103  THR A O   1 
ATOM   458  C CB  . THR A 1 68 ? -7.543  19.364  8.420   1.00 34.14 ? 103  THR A CB  1 
ATOM   459  O OG1 . THR A 1 68 ? -8.913  19.833  8.353   1.00 32.61 ? 103  THR A OG1 1 
ATOM   460  C CG2 . THR A 1 68 ? -6.681  20.282  7.576   1.00 35.29 ? 103  THR A CG2 1 
ATOM   461  N N   . TYR A 1 72 ? -3.938  12.526  13.240  1.00 34.39 ? 107  TYR A N   1 
ATOM   462  C CA  . TYR A 1 72 ? -2.563  13.078  13.190  1.00 33.11 ? 107  TYR A CA  1 
ATOM   463  C C   . TYR A 1 72 ? -2.429  14.136  12.077  1.00 28.80 ? 107  TYR A C   1 
ATOM   464  O O   . TYR A 1 72 ? -3.354  14.309  11.265  1.00 31.76 ? 107  TYR A O   1 
ATOM   465  C CB  . TYR A 1 72 ? -1.499  11.960  13.033  1.00 31.96 ? 107  TYR A CB  1 
ATOM   466  C CG  . TYR A 1 72 ? -1.486  11.296  11.659  1.00 31.08 ? 107  TYR A CG  1 
ATOM   467  C CD1 . TYR A 1 72 ? -2.477  10.384  11.278  1.00 32.93 ? 107  TYR A CD1 1 
ATOM   468  C CD2 . TYR A 1 72 ? -0.480  11.581  10.740  1.00 33.59 ? 107  TYR A CD2 1 
ATOM   469  C CE1 . TYR A 1 72 ? -2.485  9.805   10.022  1.00 30.73 ? 107  TYR A CE1 1 
ATOM   470  C CE2 . TYR A 1 72 ? -0.477  11.005  9.483   1.00 31.95 ? 107  TYR A CE2 1 
ATOM   471  C CZ  . TYR A 1 72 ? -1.467  10.100  9.129   1.00 32.65 ? 107  TYR A CZ  1 
ATOM   472  O OH  . TYR A 1 72 ? -1.479  9.536   7.884   1.00 29.57 ? 107  TYR A OH  1 
ATOM   473  N N   . GLY A 1 73 ? -1.267  14.806  12.041  1.00 29.88 ? 108  GLY A N   1 
ATOM   474  C CA  . GLY A 1 73 ? -1.102  16.079  11.348  1.00 28.62 ? 108  GLY A CA  1 
ATOM   475  C C   . GLY A 1 73 ? -0.694  16.024  9.889   1.00 24.51 ? 108  GLY A C   1 
ATOM   476  O O   . GLY A 1 73 ? -1.233  16.777  9.057   1.00 24.04 ? 108  GLY A O   1 
ATOM   477  N N   . SER A 1 74 ? 0.266   15.166  9.571   1.00 21.33 ? 109  SER A N   1 
ATOM   478  C CA  . SER A 1 74 ? 0.806   15.103  8.204   1.00 22.35 ? 109  SER A CA  1 
ATOM   479  C C   . SER A 1 74 ? 1.507   13.766  7.965   1.00 19.79 ? 109  SER A C   1 
ATOM   480  O O   . SER A 1 74 ? 1.918   13.054  8.890   1.00 20.47 ? 109  SER A O   1 
ATOM   481  C CB  . SER A 1 74 ? 1.798   16.267  7.954   1.00 26.32 ? 109  SER A CB  1 
ATOM   482  O OG  . SER A 1 74 ? 2.878   16.230  8.879   1.00 25.39 ? 109  SER A OG  1 
ATOM   483  N N   . VAL A 1 75 ? 1.648   13.427  6.686   1.00 19.37 ? 110  VAL A N   1 
ATOM   484  C CA  . VAL A 1 75 ? 2.310   12.228  6.295   1.00 17.74 ? 110  VAL A CA  1 
ATOM   485  C C   . VAL A 1 75 ? 3.286   12.632  5.181   1.00 16.26 ? 110  VAL A C   1 
ATOM   486  O O   . VAL A 1 75 ? 2.973   13.526  4.395   1.00 17.59 ? 110  VAL A O   1 
ATOM   487  C CB  . VAL A 1 75 ? 1.329   11.164  5.818   1.00 20.01 ? 110  VAL A CB  1 
ATOM   488  C CG1 . VAL A 1 75 ? 0.301   11.752  4.834   1.00 21.33 ? 110  VAL A CG1 1 
ATOM   489  C CG2 . VAL A 1 75 ? 2.072   9.942   5.276   1.00 20.33 ? 110  VAL A CG2 1 
ATOM   490  N N   . SER A 1 76 ? 4.437   12.013  5.214   1.00 16.56 ? 111  SER A N   1 
ATOM   491  C CA  . SER A 1 76 ? 5.601   12.328  4.350   1.00 18.26 ? 111  SER A CA  1 
ATOM   492  C C   . SER A 1 76 ? 6.156   11.124  3.735   1.00 17.19 ? 111  SER A C   1 
ATOM   493  O O   . SER A 1 76 ? 6.029   10.054  4.297   1.00 17.67 ? 111  SER A O   1 
ATOM   494  C CB  . SER A 1 76 ? 6.742   12.814  5.238   1.00 19.70 ? 111  SER A CB  1 
ATOM   495  O OG  . SER A 1 76 ? 6.853   14.110  4.901   1.00 27.86 ? 111  SER A OG  1 
ATOM   496  N N   . PHE A 1 77 ? 6.756   11.255  2.547   1.00 16.21 ? 112  PHE A N   1 
ATOM   497  C CA  . PHE A 1 77 ? 7.475   10.139  1.975   1.00 15.83 ? 112  PHE A CA  1 
ATOM   498  C C   . PHE A 1 77 ? 8.793   10.679  1.447   1.00 17.07 ? 112  PHE A C   1 
ATOM   499  O O   . PHE A 1 77 ? 8.801   11.668  0.743   1.00 16.49 ? 112  PHE A O   1 
ATOM   500  C CB  . PHE A 1 77 ? 6.679   9.445   0.849   1.00 16.96 ? 112  PHE A CB  1 
ATOM   501  C CG  . PHE A 1 77 ? 7.454   8.359   0.193   1.00 18.80 ? 112  PHE A CG  1 
ATOM   502  C CD1 . PHE A 1 77 ? 8.316   8.659   -0.875  1.00 20.14 ? 112  PHE A CD1 1 
ATOM   503  C CD2 . PHE A 1 77 ? 7.311   7.033   0.603   1.00 20.48 ? 112  PHE A CD2 1 
ATOM   504  C CE1 . PHE A 1 77 ? 9.015   7.635   -1.514  1.00 20.90 ? 112  PHE A CE1 1 
ATOM   505  C CE2 . PHE A 1 77 ? 7.982   6.022   -0.030  1.00 21.52 ? 112  PHE A CE2 1 
ATOM   506  C CZ  . PHE A 1 77 ? 8.858   6.337   -1.086  1.00 21.49 ? 112  PHE A CZ  1 
ATOM   507  N N   . ASP A 1 78 ? 9.905   10.059  1.832   1.00 15.84 ? 113  ASP A N   1 
ATOM   508  C CA  . ASP A 1 78 ? 11.275  10.565  1.496   1.00 17.64 ? 113  ASP A CA  1 
ATOM   509  C C   . ASP A 1 78 ? 11.913  9.568   0.580   1.00 17.35 ? 113  ASP A C   1 
ATOM   510  O O   . ASP A 1 78 ? 12.053  8.402   0.934   1.00 19.17 ? 113  ASP A O   1 
ATOM   511  C CB  . ASP A 1 78 ? 12.087  10.701  2.812   1.00 19.49 ? 113  ASP A CB  1 
ATOM   512  C CG  . ASP A 1 78 ? 13.504  11.250  2.592   1.00 21.60 ? 113  ASP A CG  1 
ATOM   513  O OD1 . ASP A 1 78 ? 13.949  11.335  1.426   1.00 20.44 ? 113  ASP A OD1 1 
ATOM   514  O OD2 . ASP A 1 78 ? 14.155  11.606  3.600   1.00 23.68 ? 113  ASP A OD2 1 
ATOM   515  N N   . SER A 1 79 ? 12.159  9.959   -0.691  1.00 17.77 ? 114  SER A N   1 
ATOM   516  C CA  . SER A 1 79 ? 12.623  8.975   -1.667  1.00 15.70 ? 114  SER A CA  1 
ATOM   517  C C   . SER A 1 79 ? 14.000  8.479   -1.327  1.00 16.69 ? 114  SER A C   1 
ATOM   518  O O   . SER A 1 79 ? 14.430  7.454   -1.815  1.00 16.92 ? 114  SER A O   1 
ATOM   519  C CB  . SER A 1 79 ? 12.671  9.580   -3.073  1.00 17.36 ? 114  SER A CB  1 
ATOM   520  O OG  . SER A 1 79 ? 13.643  10.599  -3.185  1.00 16.38 ? 114  SER A OG  1 
ATOM   521  N N   . SER A 1 80 ? 14.690  9.226   -0.474  1.00 16.40 ? 115  SER A N   1 
ATOM   522  C CA  . SER A 1 80 ? 16.067  8.873   -0.130  1.00 17.96 ? 115  SER A CA  1 
ATOM   523  C C   . SER A 1 80 ? 16.093  7.665   0.802   1.00 21.06 ? 115  SER A C   1 
ATOM   524  O O   . SER A 1 80 ? 17.091  6.960   0.854   1.00 21.31 ? 115  SER A O   1 
ATOM   525  C CB  . SER A 1 80 ? 16.819  10.059  0.482   1.00 18.49 ? 115  SER A CB  1 
ATOM   526  O OG  . SER A 1 80 ? 16.600  10.135  1.870   1.00 21.77 ? 115  SER A OG  1 
ATOM   527  N N   . THR A 1 81 ? 14.978  7.421   1.508   1.00 21.06 ? 116  THR A N   1 
ATOM   528  C CA  . THR A 1 81 ? 14.824  6.266   2.386   1.00 23.82 ? 116  THR A CA  1 
ATOM   529  C C   . THR A 1 81 ? 13.757  5.266   1.929   1.00 22.93 ? 116  THR A C   1 
ATOM   530  O O   . THR A 1 81 ? 13.764  4.084   2.317   1.00 23.99 ? 116  THR A O   1 
ATOM   531  C CB  . THR A 1 81 ? 14.451  6.700   3.819   1.00 24.52 ? 116  THR A CB  1 
ATOM   532  O OG1 . THR A 1 81 ? 13.156  7.300   3.799   1.00 25.06 ? 116  THR A OG1 1 
ATOM   533  C CG2 . THR A 1 81 ? 15.462  7.715   4.353   1.00 26.34 ? 116  THR A CG2 1 
ATOM   534  N N   . GLY A 1 82 ? 12.840  5.746   1.093   1.00 19.38 ? 117  GLY A N   1 
ATOM   535  C CA  . GLY A 1 82 ? 11.801  4.931   0.518   1.00 21.21 ? 117  GLY A CA  1 
ATOM   536  C C   . GLY A 1 82 ? 10.760  4.680   1.595   1.00 25.38 ? 117  GLY A C   1 
ATOM   537  O O   . GLY A 1 82 ? 9.924   3.802   1.440   1.00 25.21 ? 117  GLY A O   1 
ATOM   538  N N   . GLN A 1 83 ? 10.799  5.505   2.646   1.00 23.52 ? 118  GLN A N   1 
ATOM   539  C CA  . GLN A 1 83 ? 9.914   5.345   3.815   1.00 23.85 ? 118  GLN A CA  1 
ATOM   540  C C   . GLN A 1 83 ? 8.919   6.475   4.013   1.00 20.93 ? 118  GLN A C   1 
ATOM   541  O O   . GLN A 1 83 ? 9.241   7.632   3.824   1.00 19.18 ? 118  GLN A O   1 
ATOM   542  C CB  . GLN A 1 83 ? 10.779  5.284   5.082   1.00 27.61 ? 118  GLN A CB  1 
ATOM   543  C CG  . GLN A 1 83 ? 11.747  4.099   5.144   1.00 31.24 ? 118  GLN A CG  1 
ATOM   544  C CD  . GLN A 1 83 ? 12.669  4.184   6.351   1.00 34.20 ? 118  GLN A CD  1 
ATOM   545  O OE1 . GLN A 1 83 ? 12.606  5.131   7.135   1.00 44.75 ? 118  GLN A OE1 1 
ATOM   546  N NE2 . GLN A 1 83 ? 13.529  3.208   6.498   1.00 42.92 ? 118  GLN A NE2 1 
ATOM   547  N N   . PHE A 1 84 ? 7.732   6.117   4.503   1.00 19.67 ? 119  PHE A N   1 
ATOM   548  C CA  . PHE A 1 84 ? 6.762   7.072   5.040   1.00 19.86 ? 119  PHE A CA  1 
ATOM   549  C C   . PHE A 1 84 ? 7.141   7.484   6.458   1.00 19.02 ? 119  PHE A C   1 
ATOM   550  O O   . PHE A 1 84 ? 7.721   6.692   7.218   1.00 20.33 ? 119  PHE A O   1 
ATOM   551  C CB  . PHE A 1 84 ? 5.381   6.454   5.189   1.00 20.94 ? 119  PHE A CB  1 
ATOM   552  C CG  . PHE A 1 84 ? 4.665   6.160   3.884   1.00 23.11 ? 119  PHE A CG  1 
ATOM   553  C CD1 . PHE A 1 84 ? 4.031   7.159   3.209   1.00 22.34 ? 119  PHE A CD1 1 
ATOM   554  C CD2 . PHE A 1 84 ? 4.639   4.866   3.371   1.00 27.70 ? 119  PHE A CD2 1 
ATOM   555  C CE1 . PHE A 1 84 ? 3.359   6.919   2.029   1.00 26.00 ? 119  PHE A CE1 1 
ATOM   556  C CE2 . PHE A 1 84 ? 3.975   4.603   2.179   1.00 29.97 ? 119  PHE A CE2 1 
ATOM   557  C CZ  . PHE A 1 84 ? 3.315   5.645   1.530   1.00 27.60 ? 119  PHE A CZ  1 
ATOM   558  N N   . SER A 1 85 ? 6.857   8.738   6.772   1.00 20.11 ? 120  SER A N   1 
ATOM   559  C CA  . SER A 1 85 ? 6.922   9.257   8.149   1.00 18.10 ? 120  SER A CA  1 
ATOM   560  C C   . SER A 1 85 ? 5.619   9.932   8.486   1.00 18.16 ? 120  SER A C   1 
ATOM   561  O O   . SER A 1 85 ? 4.972   10.542  7.620   1.00 18.80 ? 120  SER A O   1 
ATOM   562  C CB  . SER A 1 85 ? 8.059   10.264  8.257   1.00 18.76 ? 120  SER A CB  1 
ATOM   563  O OG  . SER A 1 85 ? 9.285   9.562   8.257   1.00 23.99 ? 120  SER A OG  1 
ATOM   564  N N   . PHE A 1 86 ? 5.172   9.798   9.740   1.00 14.67 ? 121  PHE A N   1 
ATOM   565  C CA  . PHE A 1 86 ? 3.896   10.374  10.111  1.00 15.95 ? 121  PHE A CA  1 
ATOM   566  C C   . PHE A 1 86 ? 4.168   11.301  11.278  1.00 18.30 ? 121  PHE A C   1 
ATOM   567  O O   . PHE A 1 86 ? 4.877   10.909  12.198  1.00 19.06 ? 121  PHE A O   1 
ATOM   568  C CB  . PHE A 1 86 ? 2.940   9.282   10.651  1.00 16.56 ? 121  PHE A CB  1 
ATOM   569  C CG  . PHE A 1 86 ? 2.624   8.203   9.643   1.00 16.60 ? 121  PHE A CG  1 
ATOM   570  C CD1 . PHE A 1 86 ? 3.448   7.094   9.507   1.00 17.25 ? 121  PHE A CD1 1 
ATOM   571  C CD2 . PHE A 1 86 ? 1.486   8.297   8.866   1.00 16.57 ? 121  PHE A CD2 1 
ATOM   572  C CE1 . PHE A 1 86 ? 3.166   6.095   8.576   1.00 21.32 ? 121  PHE A CE1 1 
ATOM   573  C CE2 . PHE A 1 86 ? 1.185   7.282   7.955   1.00 17.35 ? 121  PHE A CE2 1 
ATOM   574  C CZ  . PHE A 1 86 ? 2.036   6.200   7.824   1.00 16.81 ? 121  PHE A CZ  1 
ATOM   575  N N   . GLN A 1 87 ? 3.559   12.475  11.243  1.00 19.71 ? 122  GLN A N   1 
ATOM   576  C CA  . GLN A 1 87 ? 3.778   13.484  12.286  1.00 21.24 ? 122  GLN A CA  1 
ATOM   577  C C   . GLN A 1 87 ? 2.496   13.720  13.019  1.00 21.88 ? 122  GLN A C   1 
ATOM   578  O O   . GLN A 1 87 ? 1.457   13.927  12.420  1.00 21.28 ? 122  GLN A O   1 
ATOM   579  C CB  . GLN A 1 87 ? 4.291   14.782  11.695  1.00 20.94 ? 122  GLN A CB  1 
ATOM   580  C CG  . GLN A 1 87 ? 5.686   14.621  11.098  1.00 23.16 ? 122  GLN A CG  1 
ATOM   581  C CD  . GLN A 1 87 ? 5.592   14.121  9.667   1.00 27.37 ? 122  GLN A CD  1 
ATOM   582  O OE1 . GLN A 1 87 ? 4.700   14.547  8.919   1.00 33.10 ? 122  GLN A OE1 1 
ATOM   583  N NE2 . GLN A 1 87 ? 6.486   13.208  9.269   1.00 29.43 ? 122  GLN A NE2 1 
ATOM   584  N N   . LEU A 1 88 ? 2.579   13.690  14.339  1.00 23.66 ? 123  LEU A N   1 
ATOM   585  C CA  . LEU A 1 88 ? 1.424   13.808  15.211  1.00 26.03 ? 123  LEU A CA  1 
ATOM   586  C C   . LEU A 1 88 ? 1.787   14.815  16.323  1.00 29.27 ? 123  LEU A C   1 
ATOM   587  O O   . LEU A 1 88 ? 0.977   15.712  16.604  1.00 35.40 ? 123  LEU A O   1 
ATOM   588  C CB  . LEU A 1 88 ? 1.081   12.441  15.811  1.00 25.95 ? 123  LEU A CB  1 
ATOM   589  N N   . ALA B 1 2  ? -16.474 -27.945 -1.030  1.00 29.46 ? 37   ALA B N   1 
ATOM   590  C CA  . ALA B 1 2  ? -16.028 -27.887 0.400   1.00 31.86 ? 37   ALA B CA  1 
ATOM   591  C C   . ALA B 1 2  ? -14.725 -27.094 0.562   1.00 35.53 ? 37   ALA B C   1 
ATOM   592  O O   . ALA B 1 2  ? -14.552 -26.282 1.536   1.00 33.28 ? 37   ALA B O   1 
ATOM   593  C CB  . ALA B 1 2  ? -15.886 -29.306 0.975   1.00 36.09 ? 37   ALA B CB  1 
ATOM   594  N N   . ASN B 1 3  ? -13.830 -27.289 -0.410  1.00 30.19 ? 38   ASN B N   1 
ATOM   595  C CA  . ASN B 1 3  ? -12.509 -26.679 -0.369  1.00 30.02 ? 38   ASN B CA  1 
ATOM   596  C C   . ASN B 1 3  ? -12.564 -25.204 -0.595  1.00 29.27 ? 38   ASN B C   1 
ATOM   597  O O   . ASN B 1 3  ? -11.931 -24.426 0.119   1.00 31.23 ? 38   ASN B O   1 
ATOM   598  C CB  . ASN B 1 3  ? -11.641 -27.270 -1.468  1.00 30.15 ? 38   ASN B CB  1 
ATOM   599  C CG  . ASN B 1 3  ? -11.297 -28.695 -1.183  1.00 29.32 ? 38   ASN B CG  1 
ATOM   600  O OD1 . ASN B 1 3  ? -10.892 -29.007 -0.071  1.00 31.78 ? 38   ASN B OD1 1 
ATOM   601  N ND2 . ASN B 1 3  ? -11.483 -29.572 -2.149  1.00 30.92 ? 38   ASN B ND2 1 
ATOM   602  N N   . THR B 1 4  ? -13.308 -24.845 -1.625  1.00 25.99 ? 39   THR B N   1 
ATOM   603  C CA  . THR B 1 4  ? -13.413 -23.492 -2.055  1.00 26.04 ? 39   THR B CA  1 
ATOM   604  C C   . THR B 1 4  ? -14.034 -22.656 -0.920  1.00 24.67 ? 39   THR B C   1 
ATOM   605  O O   . THR B 1 4  ? -13.618 -21.510 -0.646  1.00 22.40 ? 39   THR B O   1 
ATOM   606  C CB  . THR B 1 4  ? -14.289 -23.405 -3.314  1.00 29.02 ? 39   THR B CB  1 
ATOM   607  O OG1 . THR B 1 4  ? -13.523 -23.864 -4.456  1.00 28.27 ? 39   THR B OG1 1 
ATOM   608  C CG2 . THR B 1 4  ? -14.748 -21.971 -3.543  1.00 30.36 ? 39   THR B CG2 1 
ATOM   609  N N   . THR B 1 5  ? -15.042 -23.216 -0.263  1.00 22.41 ? 40   THR B N   1 
ATOM   610  C CA  . THR B 1 5  ? -15.787 -22.426 0.707   1.00 22.26 ? 40   THR B CA  1 
ATOM   611  C C   . THR B 1 5  ? -14.916 -22.101 1.895   1.00 19.53 ? 40   THR B C   1 
ATOM   612  O O   . THR B 1 5  ? -14.919 -20.952 2.357   1.00 19.90 ? 40   THR B O   1 
ATOM   613  C CB  . THR B 1 5  ? -16.998 -23.180 1.238   1.00 24.48 ? 40   THR B CB  1 
ATOM   614  O OG1 . THR B 1 5  ? -17.841 -23.520 0.143   1.00 26.49 ? 40   THR B OG1 1 
ATOM   615  C CG2 . THR B 1 5  ? -17.788 -22.285 2.209   1.00 22.74 ? 40   THR B CG2 1 
ATOM   616  N N   . ALA B 1 6  ? -14.191 -23.109 2.371   1.00 19.39 ? 41   ALA B N   1 
ATOM   617  C CA  . ALA B 1 6  ? -13.281 -22.955 3.512   1.00 20.69 ? 41   ALA B CA  1 
ATOM   618  C C   . ALA B 1 6  ? -12.166 -21.984 3.163   1.00 21.00 ? 41   ALA B C   1 
ATOM   619  O O   . ALA B 1 6  ? -11.812 -21.098 3.969   1.00 19.02 ? 41   ALA B O   1 
ATOM   620  C CB  . ALA B 1 6  ? -12.683 -24.288 3.906   1.00 23.75 ? 41   ALA B CB  1 
ATOM   621  N N   . ALA B 1 7  ? -11.659 -22.104 1.935   1.00 20.46 ? 42   ALA B N   1 
ATOM   622  C CA  . ALA B 1 7  ? -10.543 -21.252 1.502   1.00 20.79 ? 42   ALA B CA  1 
ATOM   623  C C   . ALA B 1 7  ? -10.950 -19.800 1.442   1.00 19.41 ? 42   ALA B C   1 
ATOM   624  O O   . ALA B 1 7  ? -10.172 -18.902 1.879   1.00 19.36 ? 42   ALA B O   1 
ATOM   625  C CB  . ALA B 1 7  ? -9.968  -21.709 0.171   1.00 21.84 ? 42   ALA B CB  1 
ATOM   626  N N   . GLN B 1 8  ? -12.144 -19.539 0.911   1.00 17.11 ? 43   GLN B N   1 
ATOM   627  C CA  . GLN B 1 8  ? -12.629 -18.178 0.825   1.00 20.81 ? 43   GLN B CA  1 
ATOM   628  C C   . GLN B 1 8  ? -12.813 -17.571 2.203   1.00 20.02 ? 43   GLN B C   1 
ATOM   629  O O   . GLN B 1 8  ? -12.401 -16.442 2.462   1.00 18.84 ? 43   GLN B O   1 
ATOM   630  C CB  . GLN B 1 8  ? -13.935 -18.102 0.070   1.00 22.38 ? 43   GLN B CB  1 
ATOM   631  C CG  . GLN B 1 8  ? -14.385 -16.674 -0.120  1.00 28.70 ? 43   GLN B CG  1 
ATOM   632  C CD  . GLN B 1 8  ? -15.831 -16.583 -0.557  1.00 37.01 ? 43   GLN B CD  1 
ATOM   633  O OE1 . GLN B 1 8  ? -16.451 -17.594 -0.917  1.00 44.19 ? 43   GLN B OE1 1 
ATOM   634  N NE2 . GLN B 1 8  ? -16.380 -15.366 -0.533  1.00 39.08 ? 43   GLN B NE2 1 
ATOM   635  N N   . ALA B 1 9  ? -13.468 -18.308 3.083   1.00 18.13 ? 44   ALA B N   1 
ATOM   636  C CA  . ALA B 1 9  ? -13.592 -17.837 4.457   1.00 19.51 ? 44   ALA B CA  1 
ATOM   637  C C   . ALA B 1 9  ? -12.249 -17.573 5.098   1.00 16.65 ? 44   ALA B C   1 
ATOM   638  O O   . ALA B 1 9  ? -12.098 -16.599 5.851   1.00 18.39 ? 44   ALA B O   1 
ATOM   639  C CB  . ALA B 1 9  ? -14.379 -18.840 5.283   1.00 20.25 ? 44   ALA B CB  1 
ATOM   640  N N   . TYR B 1 10 ? -11.269 -18.426 4.855   1.00 16.43 ? 45   TYR B N   1 
ATOM   641  C CA  . TYR B 1 10 ? -9.978  -18.206 5.490   1.00 17.73 ? 45   TYR B CA  1 
ATOM   642  C C   . TYR B 1 10 ? -9.348  -16.914 4.965   1.00 16.88 ? 45   TYR B C   1 
ATOM   643  O O   . TYR B 1 10 ? -8.894  -16.074 5.734   1.00 17.14 ? 45   TYR B O   1 
ATOM   644  C CB  . TYR B 1 10 ? -9.059  -19.399 5.258   1.00 17.45 ? 45   TYR B CB  1 
ATOM   645  C CG  . TYR B 1 10 ? -7.713  -19.202 5.856   1.00 20.56 ? 45   TYR B CG  1 
ATOM   646  C CD1 . TYR B 1 10 ? -7.546  -19.264 7.249   1.00 20.74 ? 45   TYR B CD1 1 
ATOM   647  C CD2 . TYR B 1 10 ? -6.587  -18.922 5.051   1.00 20.97 ? 45   TYR B CD2 1 
ATOM   648  C CE1 . TYR B 1 10 ? -6.295  -19.062 7.818   1.00 21.75 ? 45   TYR B CE1 1 
ATOM   649  C CE2 . TYR B 1 10 ? -5.324  -18.734 5.622   1.00 23.58 ? 45   TYR B CE2 1 
ATOM   650  C CZ  . TYR B 1 10 ? -5.197  -18.806 6.998   1.00 22.20 ? 45   TYR B CZ  1 
ATOM   651  O OH  . TYR B 1 10 ? -3.983  -18.596 7.601   1.00 25.27 ? 45   TYR B OH  1 
ATOM   652  N N   . VAL B 1 11 ? -9.391  -16.695 3.653   1.00 17.13 ? 46   VAL B N   1 
ATOM   653  C CA  . VAL B 1 11 ? -8.860  -15.454 3.063   1.00 16.03 ? 46   VAL B CA  1 
ATOM   654  C C   . VAL B 1 11 ? -9.567  -14.196 3.530   1.00 17.11 ? 46   VAL B C   1 
ATOM   655  O O   . VAL B 1 11 ? -8.908  -13.176 3.831   1.00 17.04 ? 46   VAL B O   1 
ATOM   656  C CB  . VAL B 1 11 ? -8.840  -15.569 1.505   1.00 15.24 ? 46   VAL B CB  1 
ATOM   657  C CG1 . VAL B 1 11 ? -8.622  -14.207 0.851   1.00 15.86 ? 46   VAL B CG1 1 
ATOM   658  C CG2 . VAL B 1 11 ? -7.761  -16.554 1.070   1.00 17.17 ? 46   VAL B CG2 1 
ATOM   659  N N   . ARG B 1 12 ? -10.891 -14.252 3.658   1.00 16.11 ? 47   ARG B N   1 
ATOM   660  C CA  . ARG B 1 12 ? -11.679 -13.166 4.206   1.00 17.85 ? 47   ARG B CA  1 
ATOM   661  C C   . ARG B 1 12 ? -11.259 -12.891 5.631   1.00 18.31 ? 47   ARG B C   1 
ATOM   662  O O   . ARG B 1 12 ? -11.036 -11.751 6.001   1.00 16.37 ? 47   ARG B O   1 
ATOM   663  C CB  . ARG B 1 12 ? -13.163 -13.559 4.211   1.00 18.33 ? 47   ARG B CB  1 
ATOM   664  C CG  . ARG B 1 12 ? -14.040 -12.421 4.667   1.00 20.23 ? 47   ARG B CG  1 
ATOM   665  C CD  . ARG B 1 12 ? -15.469 -12.880 4.961   1.00 26.79 ? 47   ARG B CD  1 
ATOM   666  N NE  . ARG B 1 12 ? -15.417 -13.657 6.180   1.00 30.42 ? 47   ARG B NE  1 
ATOM   667  C CZ  . ARG B 1 12 ? -16.114 -14.750 6.441   1.00 29.88 ? 47   ARG B CZ  1 
ATOM   668  N NH1 . ARG B 1 12 ? -16.966 -15.237 5.537   1.00 31.23 ? 47   ARG B NH1 1 
ATOM   669  N NH2 . ARG B 1 12 ? -15.909 -15.368 7.611   1.00 27.56 ? 47   ARG B NH2 1 
ATOM   670  N N   . ASN B 1 13 ? -11.173 -13.932 6.446   1.00 16.33 ? 48   ASN B N   1 
ATOM   671  C CA  . ASN B 1 13 ? -10.666 -13.773 7.819   1.00 18.86 ? 48   ASN B CA  1 
ATOM   672  C C   . ASN B 1 13 ? -9.252  -13.195 7.936   1.00 17.70 ? 48   ASN B C   1 
ATOM   673  O O   . ASN B 1 13 ? -8.971  -12.359 8.812   1.00 19.21 ? 48   ASN B O   1 
ATOM   674  C CB  . ASN B 1 13 ? -10.725 -15.108 8.541   1.00 18.07 ? 48   ASN B CB  1 
ATOM   675  C CG  . ASN B 1 13 ? -12.167 -15.515 8.901   1.00 19.67 ? 48   ASN B CG  1 
ATOM   676  O OD1 . ASN B 1 13 ? -13.100 -14.707 8.840   1.00 19.12 ? 48   ASN B OD1 1 
ATOM   677  N ND2 . ASN B 1 13 ? -12.349 -16.777 9.240   1.00 21.45 ? 48   ASN B ND2 1 
ATOM   678  N N   . VAL B 1 14 ? -8.346  -13.634 7.068   1.00 16.23 ? 49   VAL B N   1 
ATOM   679  C CA  . VAL B 1 14 ? -6.995  -13.045 7.054   1.00 16.89 ? 49   VAL B CA  1 
ATOM   680  C C   . VAL B 1 14 ? -7.091  -11.556 6.742   1.00 18.97 ? 49   VAL B C   1 
ATOM   681  O O   . VAL B 1 14 ? -6.490  -10.715 7.442   1.00 16.40 ? 49   VAL B O   1 
ATOM   682  C CB  . VAL B 1 14 ? -6.071  -13.743 6.053   1.00 17.96 ? 49   VAL B CB  1 
ATOM   683  C CG1 . VAL B 1 14 ? -4.733  -12.965 5.929   1.00 18.53 ? 49   VAL B CG1 1 
ATOM   684  C CG2 . VAL B 1 14 ? -5.808  -15.199 6.487   1.00 19.56 ? 49   VAL B CG2 1 
ATOM   685  N N   . ALA B 1 15 ? -7.795  -11.219 5.668   1.00 15.54 ? 50   ALA B N   1 
ATOM   686  C CA  . ALA B 1 15 ? -8.016  -9.816  5.309   1.00 18.16 ? 50   ALA B CA  1 
ATOM   687  C C   . ALA B 1 15 ? -8.572  -8.944  6.462   1.00 20.86 ? 50   ALA B C   1 
ATOM   688  O O   . ALA B 1 15 ? -8.105  -7.792  6.698   1.00 19.21 ? 50   ALA B O   1 
ATOM   689  C CB  . ALA B 1 15 ? -8.865  -9.730  4.075   1.00 20.18 ? 50   ALA B CB  1 
ATOM   690  N N   . THR B 1 16 ? -9.563  -9.477  7.192   1.00 19.31 ? 51   THR B N   1 
ATOM   691  C CA  . THR B 1 16 ? -10.161 -8.697  8.281   1.00 21.12 ? 51   THR B CA  1 
ATOM   692  C C   . THR B 1 16 ? -9.133  -8.532  9.392   1.00 20.19 ? 51   THR B C   1 
ATOM   693  O O   . THR B 1 16 ? -9.036  -7.439  9.977   1.00 19.96 ? 51   THR B O   1 
ATOM   694  C CB  . THR B 1 16 ? -11.443 -9.393  8.805   1.00 22.60 ? 51   THR B CB  1 
ATOM   695  O OG1 . THR B 1 16 ? -12.354 -9.508  7.701   1.00 24.17 ? 51   THR B OG1 1 
ATOM   696  C CG2 . THR B 1 16 ? -12.135 -8.497  9.842   1.00 24.68 ? 51   THR B CG2 1 
ATOM   697  N N   . ALA B 1 17 ? -8.322  -9.568  9.625   1.00 18.84 ? 52   ALA B N   1 
ATOM   698  C CA  . ALA B 1 17 ? -7.297  -9.498  10.666  1.00 20.51 ? 52   ALA B CA  1 
ATOM   699  C C   . ALA B 1 17 ? -6.221  -8.486  10.267  1.00 19.89 ? 52   ALA B C   1 
ATOM   700  O O   . ALA B 1 17 ? -5.781  -7.683  11.109  1.00 20.73 ? 52   ALA B O   1 
ATOM   701  C CB  . ALA B 1 17 ? -6.672  -10.848 10.922  1.00 18.45 ? 52   ALA B CB  1 
ATOM   702  N N   . VAL B 1 18 ? -5.761  -8.560  9.012   1.00 18.02 ? 53   VAL B N   1 
ATOM   703  C CA  . VAL B 1 18 ? -4.751  -7.563  8.583   1.00 18.29 ? 53   VAL B CA  1 
ATOM   704  C C   . VAL B 1 18 ? -5.274  -6.157  8.732   1.00 19.11 ? 53   VAL B C   1 
ATOM   705  O O   . VAL B 1 18 ? -4.544  -5.301  9.252   1.00 19.45 ? 53   VAL B O   1 
ATOM   706  C CB  . VAL B 1 18 ? -4.209  -7.794  7.152   1.00 16.86 ? 53   VAL B CB  1 
ATOM   707  C CG1 . VAL B 1 18 ? -3.232  -6.661  6.764   1.00 18.65 ? 53   VAL B CG1 1 
ATOM   708  C CG2 . VAL B 1 18 ? -3.541  -9.145  7.023   1.00 17.92 ? 53   VAL B CG2 1 
ATOM   709  N N   . GLU B 1 19 ? -6.510  -5.871  8.298   1.00 17.35 ? 54   GLU B N   1 
ATOM   710  C CA  . GLU B 1 19 ? -7.074  -4.551  8.430   1.00 20.03 ? 54   GLU B CA  1 
ATOM   711  C C   . GLU B 1 19 ? -7.140  -4.099  9.902   1.00 19.71 ? 54   GLU B C   1 
ATOM   712  O O   . GLU B 1 19 ? -6.936  -2.918  10.221  1.00 20.30 ? 54   GLU B O   1 
ATOM   713  C CB  . GLU B 1 19 ? -8.480  -4.520  7.821   1.00 22.67 ? 54   GLU B CB  1 
ATOM   714  C CG  . GLU B 1 19 ? -9.157  -3.164  7.890   1.00 25.95 ? 54   GLU B CG  1 
ATOM   715  C CD  . GLU B 1 19 ? -8.466  -2.167  6.963   1.00 29.24 ? 54   GLU B CD  1 
ATOM   716  O OE1 . GLU B 1 19 ? -7.751  -2.623  6.049   1.00 32.36 ? 54   GLU B OE1 1 
ATOM   717  O OE2 . GLU B 1 19 ? -8.667  -0.950  7.157   1.00 33.33 ? 54   GLU B OE2 1 
ATOM   718  N N   . ALA B 1 20 ? -7.464  -5.053  10.787  1.00 20.35 ? 55   ALA B N   1 
ATOM   719  C CA  . ALA B 1 20 ? -7.575  -4.783  12.221  1.00 21.49 ? 55   ALA B CA  1 
ATOM   720  C C   . ALA B 1 20 ? -6.220  -4.515  12.872  1.00 22.36 ? 55   ALA B C   1 
ATOM   721  O O   . ALA B 1 20 ? -6.175  -3.874  13.959  1.00 23.39 ? 55   ALA B O   1 
ATOM   722  C CB  . ALA B 1 20 ? -8.352  -5.910  12.937  1.00 20.61 ? 55   ALA B CB  1 
ATOM   723  N N   . GLU B 1 21 ? -5.117  -4.905  12.203  1.00 20.55 ? 56   GLU B N   1 
ATOM   724  C CA  . GLU B 1 21 ? -3.779  -4.696  12.722  1.00 22.16 ? 56   GLU B CA  1 
ATOM   725  C C   . GLU B 1 21 ? -3.134  -3.401  12.191  1.00 20.04 ? 56   GLU B C   1 
ATOM   726  O O   . GLU B 1 21 ? -1.952  -3.166  12.433  1.00 21.71 ? 56   GLU B O   1 
ATOM   727  C CB  . GLU B 1 21 ? -2.882  -5.886  12.417  1.00 24.12 ? 56   GLU B CB  1 
ATOM   728  C CG  . GLU B 1 21 ? -3.304  -7.149  13.141  1.00 25.43 ? 56   GLU B CG  1 
ATOM   729  C CD  . GLU B 1 21 ? -3.398  -6.948  14.657  1.00 31.32 ? 56   GLU B CD  1 
ATOM   730  O OE1 . GLU B 1 21 ? -2.685  -6.074  15.210  1.00 31.40 ? 56   GLU B OE1 1 
ATOM   731  O OE2 . GLU B 1 21 ? -4.185  -7.658  15.312  1.00 33.19 ? 56   GLU B OE2 1 
ATOM   732  N N   . ARG B 1 22 ? -3.912  -2.608  11.485  1.00 18.04 ? 57   ARG B N   1 
ATOM   733  C CA  . ARG B 1 22 ? -3.484  -1.247  11.081  1.00 19.81 ? 57   ARG B CA  1 
ATOM   734  C C   . ARG B 1 22 ? -3.339  -0.397  12.325  1.00 21.02 ? 57   ARG B C   1 
ATOM   735  O O   . ARG B 1 22 ? -4.103  -0.549  13.300  1.00 21.03 ? 57   ARG B O   1 
ATOM   736  C CB  . ARG B 1 22 ? -4.507  -0.568  10.174  1.00 21.13 ? 57   ARG B CB  1 
ATOM   737  C CG  . ARG B 1 22 ? -4.449  -0.984  8.697   1.00 21.04 ? 57   ARG B CG  1 
ATOM   738  C CD  . ARG B 1 22 ? -5.356  -0.087  7.854   1.00 20.85 ? 57   ARG B CD  1 
ATOM   739  N NE  . ARG B 1 22 ? -5.534  -0.614  6.504   1.00 24.43 ? 57   ARG B NE  1 
ATOM   740  C CZ  . ARG B 1 22 ? -4.614  -0.472  5.544   1.00 24.60 ? 57   ARG B CZ  1 
ATOM   741  N NH1 . ARG B 1 22 ? -3.457  0.188   5.798   1.00 20.88 ? 57   ARG B NH1 1 
ATOM   742  N NH2 . ARG B 1 22 ? -4.826  -0.979  4.333   1.00 22.51 ? 57   ARG B NH2 1 
ATOM   743  N N   . ASP B 1 23 ? -2.391  0.542   12.290  1.00 20.84 ? 58   ASP B N   1 
ATOM   744  C CA  . ASP B 1 23 ? -2.205  1.510   13.394  1.00 21.99 ? 58   ASP B CA  1 
ATOM   745  C C   . ASP B 1 23 ? -3.473  2.352   13.575  1.00 20.88 ? 58   ASP B C   1 
ATOM   746  O O   . ASP B 1 23 ? -3.962  3.010   12.667  1.00 23.85 ? 58   ASP B O   1 
ATOM   747  C CB  . ASP B 1 23 ? -1.006  2.419   13.054  1.00 22.29 ? 58   ASP B CB  1 
ATOM   748  C CG  . ASP B 1 23 ? -0.603  3.323   14.225  1.00 23.17 ? 58   ASP B CG  1 
ATOM   749  O OD1 . ASP B 1 23 ? -1.483  3.970   14.801  1.00 24.83 ? 58   ASP B OD1 1 
ATOM   750  O OD2 . ASP B 1 23 ? 0.600   3.363   14.566  1.00 23.52 ? 58   ASP B OD2 1 
ATOM   751  N N   . PRO B 1 24 ? -4.098  2.285   14.765  1.00 21.99 ? 59   PRO B N   1 
ATOM   752  C CA  . PRO B 1 24 ? -5.367  3.013   14.926  1.00 22.93 ? 59   PRO B CA  1 
ATOM   753  C C   . PRO B 1 24 ? -5.305  4.538   14.744  1.00 27.19 ? 59   PRO B C   1 
ATOM   754  O O   . PRO B 1 24 ? -6.339  5.205   14.440  1.00 31.27 ? 59   PRO B O   1 
ATOM   755  C CB  . PRO B 1 24 ? -5.818  2.629   16.359  1.00 23.67 ? 59   PRO B CB  1 
ATOM   756  C CG  . PRO B 1 24 ? -4.624  2.121   17.038  1.00 22.38 ? 59   PRO B CG  1 
ATOM   757  C CD  . PRO B 1 24 ? -3.693  1.550   15.966  1.00 20.40 ? 59   PRO B CD  1 
ATOM   758  N N   . THR B 1 25 ? -4.111  5.079   14.918  1.00 25.10 ? 60   THR B N   1 
ATOM   759  C CA  . THR B 1 25 ? -3.889  6.494   14.706  1.00 26.75 ? 60   THR B CA  1 
ATOM   760  C C   . THR B 1 25 ? -3.552  6.845   13.249  1.00 27.94 ? 60   THR B C   1 
ATOM   761  O O   . THR B 1 25 ? -4.246  7.648   12.619  1.00 31.94 ? 60   THR B O   1 
ATOM   762  C CB  . THR B 1 25 ? -2.812  7.019   15.668  1.00 30.43 ? 60   THR B CB  1 
ATOM   763  O OG1 . THR B 1 25 ? -1.710  6.097   15.714  1.00 35.80 ? 60   THR B OG1 1 
ATOM   764  C CG2 . THR B 1 25 ? -3.372  7.121   17.055  1.00 30.02 ? 60   THR B CG2 1 
ATOM   765  N N   . THR B 1 26 ? -2.528  6.197   12.714  1.00 26.00 ? 61   THR B N   1 
ATOM   766  C CA  . THR B 1 26 ? -1.973  6.572   11.402  1.00 23.93 ? 61   THR B CA  1 
ATOM   767  C C   . THR B 1 26 ? -2.587  5.825   10.270  1.00 25.67 ? 61   THR B C   1 
ATOM   768  O O   . THR B 1 26 ? -2.626  6.309   9.111   1.00 26.04 ? 61   THR B O   1 
ATOM   769  C CB  . THR B 1 26 ? -0.454  6.415   11.367  1.00 23.97 ? 61   THR B CB  1 
ATOM   770  O OG1 . THR B 1 26 ? -0.053  5.049   11.461  1.00 21.79 ? 61   THR B OG1 1 
ATOM   771  C CG2 . THR B 1 26 ? 0.157   7.213   12.462  1.00 21.10 ? 61   THR B CG2 1 
ATOM   772  N N   . GLY B 1 27 ? -3.085  4.633   10.574  1.00 23.72 ? 62   GLY B N   1 
ATOM   773  C CA  . GLY B 1 27 ? -3.617  3.804   9.507   1.00 25.62 ? 62   GLY B CA  1 
ATOM   774  C C   . GLY B 1 27 ? -2.534  2.978   8.840   1.00 22.42 ? 62   GLY B C   1 
ATOM   775  O O   . GLY B 1 27 ? -2.814  2.233   7.885   1.00 21.70 ? 62   GLY B O   1 
ATOM   776  N N   . ALA B 1 28 ? -1.319  3.045   9.374   1.00 22.17 ? 63   ALA B N   1 
ATOM   777  C CA  . ALA B 1 28 ? -0.186  2.300   8.817   1.00 21.22 ? 63   ALA B CA  1 
ATOM   778  C C   . ALA B 1 28 ? -0.332  0.777   8.878   1.00 21.82 ? 63   ALA B C   1 
ATOM   779  O O   . ALA B 1 28 ? -0.762  0.212   9.893   1.00 19.07 ? 63   ALA B O   1 
ATOM   780  C CB  . ALA B 1 28 ? 1.099   2.729   9.468   1.00 23.96 ? 63   ALA B CB  1 
ATOM   781  N N   . LEU B 1 29 ? 0.021   0.106   7.784   1.00 22.19 ? 64   LEU B N   1 
ATOM   782  C CA  . LEU B 1 29 ? -0.009  -1.376  7.795   1.00 22.73 ? 64   LEU B CA  1 
ATOM   783  C C   . LEU B 1 29 ? 0.879   -1.961  8.882   1.00 23.30 ? 64   LEU B C   1 
ATOM   784  O O   . LEU B 1 29 ? 1.928   -1.369  9.249   1.00 21.58 ? 64   LEU B O   1 
ATOM   785  C CB  . LEU B 1 29 ? 0.474   -1.923  6.459   1.00 24.13 ? 64   LEU B CB  1 
ATOM   786  C CG  . LEU B 1 29 ? -0.392  -1.636  5.245   1.00 24.95 ? 64   LEU B CG  1 
ATOM   787  C CD1 . LEU B 1 29 ? 0.507   -1.986  4.069   1.00 22.62 ? 64   LEU B CD1 1 
ATOM   788  C CD2 . LEU B 1 29 ? -1.669  -2.495  5.229   1.00 23.37 ? 64   LEU B CD2 1 
ATOM   789  N N   . PRO B 1 30 ? 0.521   -3.170  9.368   1.00 22.96 ? 65   PRO B N   1 
ATOM   790  C CA  . PRO B 1 30 ? 1.484   -3.930  10.148  1.00 21.07 ? 65   PRO B CA  1 
ATOM   791  C C   . PRO B 1 30 ? 2.678   -4.391  9.293   1.00 25.80 ? 65   PRO B C   1 
ATOM   792  O O   . PRO B 1 30 ? 2.691   -4.223  8.056   1.00 26.26 ? 65   PRO B O   1 
ATOM   793  C CB  . PRO B 1 30 ? 0.671   -5.163  10.595  1.00 24.20 ? 65   PRO B CB  1 
ATOM   794  C CG  . PRO B 1 30 ? -0.237  -5.392  9.424   1.00 22.06 ? 65   PRO B CG  1 
ATOM   795  C CD  . PRO B 1 30 ? -0.651  -3.994  9.002   1.00 20.63 ? 65   PRO B CD  1 
ATOM   796  N N   . GLN B 1 31 ? 3.684   -4.974  9.936   1.00 27.25 ? 66   GLN B N   1 
ATOM   797  C CA  . GLN B 1 31 ? 4.885   -5.449  9.217   1.00 29.28 ? 66   GLN B CA  1 
ATOM   798  C C   . GLN B 1 31 ? 4.539   -6.494  8.157   1.00 28.63 ? 66   GLN B C   1 
ATOM   799  O O   . GLN B 1 31 ? 3.915   -7.524  8.470   1.00 32.15 ? 66   GLN B O   1 
ATOM   800  C CB  . GLN B 1 31 ? 5.879   -6.088  10.183  1.00 31.71 ? 66   GLN B CB  1 
ATOM   801  C CG  . GLN B 1 31 ? 6.338   -5.125  11.261  1.00 34.55 ? 66   GLN B CG  1 
ATOM   802  C CD  . GLN B 1 31 ? 7.365   -5.747  12.176  1.00 33.70 ? 66   GLN B CD  1 
ATOM   803  O OE1 . GLN B 1 31 ? 7.116   -5.921  13.371  1.00 40.02 ? 66   GLN B OE1 1 
ATOM   804  N NE2 . GLN B 1 31 ? 8.516   -6.121  11.613  1.00 35.42 ? 66   GLN B NE2 1 
ATOM   805  N N   . LEU B 1 32 ? 4.927   -6.219  6.921   1.00 30.38 ? 67   LEU B N   1 
ATOM   806  C CA  . LEU B 1 32 ? 4.639   -7.098  5.786   1.00 29.32 ? 67   LEU B CA  1 
ATOM   807  C C   . LEU B 1 32 ? 5.889   -7.200  4.897   1.00 32.56 ? 67   LEU B C   1 
ATOM   808  O O   . LEU B 1 32 ? 6.675   -6.253  4.851   1.00 33.25 ? 67   LEU B O   1 
ATOM   809  C CB  . LEU B 1 32 ? 3.470   -6.551  4.969   1.00 28.99 ? 67   LEU B CB  1 
ATOM   810  C CG  . LEU B 1 32 ? 2.079   -6.600  5.605   1.00 26.20 ? 67   LEU B CG  1 
ATOM   811  C CD1 . LEU B 1 32 ? 1.095   -5.992  4.633   1.00 28.67 ? 67   LEU B CD1 1 
ATOM   812  C CD2 . LEU B 1 32 ? 1.704   -8.035  5.983   1.00 27.74 ? 67   LEU B CD2 1 
ATOM   813  N N   . PRO B 1 33 ? 6.061   -8.316  4.181   1.00 32.48 ? 68   PRO B N   1 
ATOM   814  C CA  . PRO B 1 33 ? 5.125   -9.440  4.015   1.00 33.10 ? 68   PRO B CA  1 
ATOM   815  C C   . PRO B 1 33 ? 5.134   -10.418 5.168   1.00 33.07 ? 68   PRO B C   1 
ATOM   816  O O   . PRO B 1 33 ? 6.149   -10.553 5.855   1.00 35.73 ? 68   PRO B O   1 
ATOM   817  C CB  . PRO B 1 33 ? 5.645   -10.134 2.763   1.00 31.35 ? 68   PRO B CB  1 
ATOM   818  C CG  . PRO B 1 33 ? 7.122   -9.872  2.783   1.00 34.04 ? 68   PRO B CG  1 
ATOM   819  C CD  . PRO B 1 33 ? 7.219   -8.445  3.267   1.00 32.69 ? 68   PRO B CD  1 
ATOM   820  N N   . GLN B 1 34 ? 4.003   -11.097 5.370   1.00 33.38 ? 69   GLN B N   1 
ATOM   821  C CA  . GLN B 1 34 ? 3.863   -12.146 6.390   1.00 29.59 ? 69   GLN B CA  1 
ATOM   822  C C   . GLN B 1 34 ? 3.024   -13.262 5.831   1.00 30.79 ? 69   GLN B C   1 
ATOM   823  O O   . GLN B 1 34 ? 2.127   -13.002 5.029   1.00 28.77 ? 69   GLN B O   1 
ATOM   824  C CB  . GLN B 1 34 ? 3.147   -11.600 7.615   1.00 33.43 ? 69   GLN B CB  1 
ATOM   825  C CG  . GLN B 1 34 ? 4.013   -10.751 8.520   1.00 36.33 ? 69   GLN B CG  1 
ATOM   826  C CD  . GLN B 1 34 ? 4.296   -11.467 9.811   1.00 40.73 ? 69   GLN B CD  1 
ATOM   827  O OE1 . GLN B 1 34 ? 5.273   -12.212 9.923   1.00 43.21 ? 69   GLN B OE1 1 
ATOM   828  N NE2 . GLN B 1 34 ? 3.413   -11.286 10.786  1.00 41.98 ? 69   GLN B NE2 1 
ATOM   829  N N   . ALA B 1 35 ? 3.329   -14.485 6.255   1.00 29.00 ? 70   ALA B N   1 
ATOM   830  C CA  . ALA B 1 35 ? 2.518   -15.670 5.963   1.00 27.17 ? 70   ALA B CA  1 
ATOM   831  C C   . ALA B 1 35 ? 1.163   -15.466 6.617   1.00 27.11 ? 70   ALA B C   1 
ATOM   832  O O   . ALA B 1 35 ? 1.071   -14.860 7.667   1.00 25.07 ? 70   ALA B O   1 
ATOM   833  C CB  . ALA B 1 35 ? 3.199   -16.920 6.479   1.00 29.49 ? 70   ALA B CB  1 
ATOM   834  N N   . CYS B 1 36 ? 0.095   -15.905 5.952   1.00 25.29 ? 71   CYS B N   1 
ATOM   835  C CA  . CYS B 1 36 ? -1.246  -15.683 6.477   1.00 22.75 ? 71   CYS B CA  1 
ATOM   836  C C   . CYS B 1 36 ? -1.431  -16.246 7.874   1.00 24.41 ? 71   CYS B C   1 
ATOM   837  O O   . CYS B 1 36 ? -2.246  -15.756 8.634   1.00 23.80 ? 71   CYS B O   1 
ATOM   838  C CB  . CYS B 1 36 ? -2.285  -16.297 5.535   1.00 23.08 ? 71   CYS B CB  1 
ATOM   839  S SG  . CYS B 1 36 ? -2.304  -15.475 3.932   1.00 23.66 ? 71   CYS B SG  1 
ATOM   840  N N   . ASP B 1 37 ? -0.699  -17.298 8.202   1.00 27.87 ? 72   ASP B N   1 
ATOM   841  C CA  . ASP B 1 37 ? -0.941  -17.955 9.487   1.00 29.93 ? 72   ASP B CA  1 
ATOM   842  C C   . ASP B 1 37 ? -0.390  -17.157 10.663  1.00 31.74 ? 72   ASP B C   1 
ATOM   843  O O   . ASP B 1 37 ? -0.555  -17.548 11.810  1.00 32.63 ? 72   ASP B O   1 
ATOM   844  C CB  . ASP B 1 37 ? -0.480  -19.419 9.497   1.00 31.32 ? 72   ASP B CB  1 
ATOM   845  C CG  . ASP B 1 37 ? 1.019   -19.588 9.331   1.00 35.29 ? 72   ASP B CG  1 
ATOM   846  O OD1 . ASP B 1 37 ? 1.768   -18.596 9.163   1.00 35.87 ? 72   ASP B OD1 1 
ATOM   847  O OD2 . ASP B 1 37 ? 1.443   -20.760 9.369   1.00 39.65 ? 72   ASP B OD2 1 
ATOM   848  N N   . GLN B 1 38 ? 0.228   -16.020 10.364  1.00 29.80 ? 73   GLN B N   1 
ATOM   849  C CA  . GLN B 1 38 ? 0.652   -15.086 11.399  1.00 30.17 ? 73   GLN B CA  1 
ATOM   850  C C   . GLN B 1 38 ? -0.541  -14.230 11.813  1.00 30.45 ? 73   GLN B C   1 
ATOM   851  O O   . GLN B 1 38 ? -0.520  -13.623 12.870  1.00 32.15 ? 73   GLN B O   1 
ATOM   852  C CB  . GLN B 1 38 ? 1.788   -14.201 10.889  1.00 32.80 ? 73   GLN B CB  1 
ATOM   853  C CG  . GLN B 1 38 ? 3.059   -14.953 10.513  1.00 39.21 ? 73   GLN B CG  1 
ATOM   854  C CD  . GLN B 1 38 ? 3.510   -15.931 11.591  1.00 44.23 ? 73   GLN B CD  1 
ATOM   855  O OE1 . GLN B 1 38 ? 3.753   -17.109 11.319  1.00 49.23 ? 73   GLN B OE1 1 
ATOM   856  N NE2 . GLN B 1 38 ? 3.621   -15.442 12.823  1.00 45.91 ? 73   GLN B NE2 1 
ATOM   857  N N   . PHE B 1 39 ? -1.584  -14.197 10.985  1.00 25.26 ? 74   PHE B N   1 
ATOM   858  C CA  . PHE B 1 39 ? -2.777  -13.401 11.268  1.00 23.98 ? 74   PHE B CA  1 
ATOM   859  C C   . PHE B 1 39 ? -3.982  -14.247 11.655  1.00 24.55 ? 74   PHE B C   1 
ATOM   860  O O   . PHE B 1 39 ? -4.797  -13.863 12.527  1.00 24.60 ? 74   PHE B O   1 
ATOM   861  C CB  . PHE B 1 39 ? -3.140  -12.533 10.054  1.00 24.84 ? 74   PHE B CB  1 
ATOM   862  C CG  . PHE B 1 39 ? -2.105  -11.508 9.717   1.00 23.90 ? 74   PHE B CG  1 
ATOM   863  C CD1 . PHE B 1 39 ? -2.120  -10.259 10.329  1.00 25.72 ? 74   PHE B CD1 1 
ATOM   864  C CD2 . PHE B 1 39 ? -1.146  -11.773 8.746   1.00 26.30 ? 74   PHE B CD2 1 
ATOM   865  C CE1 . PHE B 1 39 ? -1.155  -9.324  10.011  1.00 24.54 ? 74   PHE B CE1 1 
ATOM   866  C CE2 . PHE B 1 39 ? -0.197  -10.833 8.424   1.00 25.38 ? 74   PHE B CE2 1 
ATOM   867  C CZ  . PHE B 1 39 ? -0.196  -9.613  9.060   1.00 25.93 ? 74   PHE B CZ  1 
ATOM   868  N N   . VAL B 1 40 ? -4.132  -15.380 10.961  1.00 25.60 ? 75   VAL B N   1 
ATOM   869  C CA  . VAL B 1 40 ? -5.163  -16.364 11.276  1.00 23.76 ? 75   VAL B CA  1 
ATOM   870  C C   . VAL B 1 40 ? -4.562  -17.776 11.223  1.00 25.80 ? 75   VAL B C   1 
ATOM   871  O O   . VAL B 1 40 ? -4.046  -18.229 10.191  1.00 25.87 ? 75   VAL B O   1 
ATOM   872  C CB  . VAL B 1 40 ? -6.371  -16.274 10.299  1.00 23.47 ? 75   VAL B CB  1 
ATOM   873  C CG1 . VAL B 1 40 ? -7.462  -17.256 10.685  1.00 21.22 ? 75   VAL B CG1 1 
ATOM   874  C CG2 . VAL B 1 40 ? -6.959  -14.861 10.213  1.00 20.21 ? 75   VAL B CG2 1 
ATOM   875  N N   . ALA B 1 41 ? -4.630  -18.481 12.350  1.00 26.48 ? 76   ALA B N   1 
ATOM   876  C CA  . ALA B 1 41 ? -4.093  -19.822 12.437  1.00 27.04 ? 76   ALA B CA  1 
ATOM   877  C C   . ALA B 1 41 ? -5.012  -20.826 11.772  1.00 28.32 ? 76   ALA B C   1 
ATOM   878  O O   . ALA B 1 41 ? -6.187  -20.513 11.454  1.00 30.00 ? 76   ALA B O   1 
ATOM   879  C CB  . ALA B 1 41 ? -3.852  -20.204 13.909  1.00 29.76 ? 76   ALA B CB  1 
ATOM   880  N N   . ASN B 1 42 ? -4.457  -22.020 11.550  1.00 31.12 ? 77   ASN B N   1 
ATOM   881  C CA  . ASN B 1 42 ? -5.203  -23.195 11.085  1.00 32.69 ? 77   ASN B CA  1 
ATOM   882  C C   . ASN B 1 42 ? -5.838  -22.969 9.728   1.00 28.83 ? 77   ASN B C   1 
ATOM   883  O O   . ASN B 1 42 ? -7.057  -22.985 9.623   1.00 30.23 ? 77   ASN B O   1 
ATOM   884  C CB  . ASN B 1 42 ? -6.325  -23.557 12.060  1.00 38.16 ? 77   ASN B CB  1 
ATOM   885  C CG  . ASN B 1 42 ? -5.817  -24.187 13.328  1.00 44.98 ? 77   ASN B CG  1 
ATOM   886  O OD1 . ASN B 1 42 ? -4.631  -24.499 13.453  1.00 51.93 ? 77   ASN B OD1 1 
ATOM   887  N ND2 . ASN B 1 42 ? -6.715  -24.387 14.283  1.00 48.79 ? 77   ASN B ND2 1 
ATOM   888  N N   . PRO B 1 43 ? -5.020  -22.731 8.693   1.00 27.66 ? 78   PRO B N   1 
ATOM   889  C CA  . PRO B 1 43 ? -5.577  -22.592 7.340   1.00 28.34 ? 78   PRO B CA  1 
ATOM   890  C C   . PRO B 1 43 ? -6.203  -23.935 6.937   1.00 29.52 ? 78   PRO B C   1 
ATOM   891  O O   . PRO B 1 43 ? -5.706  -24.974 7.400   1.00 29.32 ? 78   PRO B O   1 
ATOM   892  C CB  . PRO B 1 43 ? -4.326  -22.318 6.475   1.00 27.61 ? 78   PRO B CB  1 
ATOM   893  C CG  . PRO B 1 43 ? -3.176  -22.870 7.263   1.00 31.41 ? 78   PRO B CG  1 
ATOM   894  C CD  . PRO B 1 43 ? -3.549  -22.699 8.712   1.00 31.23 ? 78   PRO B CD  1 
ATOM   895  N N   . PRO B 1 44 ? -7.279  -23.921 6.115   1.00 26.82 ? 79   PRO B N   1 
ATOM   896  C CA  . PRO B 1 44 ? -7.848  -25.187 5.644   1.00 28.04 ? 79   PRO B CA  1 
ATOM   897  C C   . PRO B 1 44 ? -6.876  -26.010 4.809   1.00 28.67 ? 79   PRO B C   1 
ATOM   898  O O   . PRO B 1 44 ? -5.939  -25.480 4.234   1.00 28.19 ? 79   PRO B O   1 
ATOM   899  C CB  . PRO B 1 44 ? -9.029  -24.758 4.759   1.00 29.13 ? 79   PRO B CB  1 
ATOM   900  C CG  . PRO B 1 44 ? -8.910  -23.286 4.564   1.00 27.80 ? 79   PRO B CG  1 
ATOM   901  C CD  . PRO B 1 44 ? -8.105  -22.765 5.719   1.00 28.38 ? 79   PRO B CD  1 
ATOM   902  N N   . ALA B 1 45 ? -7.117  -27.317 4.726   1.00 29.81 ? 80   ALA B N   1 
ATOM   903  C CA  . ALA B 1 45 ? -6.236  -28.172 3.977   1.00 30.24 ? 80   ALA B CA  1 
ATOM   904  C C   . ALA B 1 45 ? -6.048  -27.725 2.526   1.00 28.60 ? 80   ALA B C   1 
ATOM   905  O O   . ALA B 1 45 ? -4.966  -27.921 1.989   1.00 29.76 ? 80   ALA B O   1 
ATOM   906  C CB  . ALA B 1 45 ? -6.725  -29.613 4.032   1.00 28.94 ? 80   ALA B CB  1 
ATOM   907  N N   . SER B 1 46 ? -7.089  -27.150 1.905   1.00 28.73 ? 81   SER B N   1 
ATOM   908  C CA  . SER B 1 46 ? -7.002  -26.678 0.500   1.00 28.80 ? 81   SER B CA  1 
ATOM   909  C C   . SER B 1 46 ? -6.007  -25.548 0.323   1.00 29.23 ? 81   SER B C   1 
ATOM   910  O O   . SER B 1 46 ? -5.468  -25.355 -0.775  1.00 31.03 ? 81   SER B O   1 
ATOM   911  C CB  . SER B 1 46 ? -8.367  -26.187 -0.050  1.00 26.68 ? 81   SER B CB  1 
ATOM   912  O OG  . SER B 1 46 ? -9.110  -25.410 0.882   1.00 32.21 ? 81   SER B OG  1 
ATOM   913  N N   . VAL B 1 47 ? -5.750  -24.804 1.399   1.00 27.02 ? 82   VAL B N   1 
ATOM   914  C CA  . VAL B 1 47 ? -4.836  -23.673 1.301   1.00 27.57 ? 82   VAL B CA  1 
ATOM   915  C C   . VAL B 1 47 ? -3.410  -24.113 1.578   1.00 30.02 ? 82   VAL B C   1 
ATOM   916  O O   . VAL B 1 47 ? -3.012  -24.293 2.739   1.00 32.95 ? 82   VAL B O   1 
ATOM   917  C CB  . VAL B 1 47 ? -5.253  -22.534 2.228   1.00 25.21 ? 82   VAL B CB  1 
ATOM   918  C CG1 . VAL B 1 47 ? -4.240  -21.391 2.131   1.00 30.90 ? 82   VAL B CG1 1 
ATOM   919  C CG2 . VAL B 1 47 ? -6.649  -22.056 1.846   1.00 25.18 ? 82   VAL B CG2 1 
ATOM   920  N N   . THR B 1 48 ? -2.644  -24.290 0.510   1.00 28.88 ? 83   THR B N   1 
ATOM   921  C CA  . THR B 1 48 ? -1.319  -24.850 0.629   1.00 35.21 ? 83   THR B CA  1 
ATOM   922  C C   . THR B 1 48 ? -0.285  -23.764 0.902   1.00 34.27 ? 83   THR B C   1 
ATOM   923  O O   . THR B 1 48 ? 0.707   -24.005 1.593   1.00 40.92 ? 83   THR B O   1 
ATOM   924  C CB  . THR B 1 48 ? -0.934  -25.721 -0.597  1.00 34.92 ? 83   THR B CB  1 
ATOM   925  O OG1 . THR B 1 48 ? 0.465   -26.006 -0.552  1.00 47.94 ? 83   THR B OG1 1 
ATOM   926  C CG2 . THR B 1 48 ? -1.229  -25.027 -1.918  1.00 36.44 ? 83   THR B CG2 1 
ATOM   927  N N   . GLN B 1 49 ? -0.523  -22.562 0.384   1.00 32.45 ? 84   GLN B N   1 
ATOM   928  C CA  . GLN B 1 49 ? 0.372   -21.433 0.600   1.00 31.45 ? 84   GLN B CA  1 
ATOM   929  C C   . GLN B 1 49 ? -0.463  -20.161 0.744   1.00 30.42 ? 84   GLN B C   1 
ATOM   930  O O   . GLN B 1 49 ? -1.509  -20.034 0.115   1.00 29.35 ? 84   GLN B O   1 
ATOM   931  C CB  . GLN B 1 49 ? 1.346   -21.296 -0.574  1.00 32.93 ? 84   GLN B CB  1 
ATOM   932  C CG  . GLN B 1 49 ? 2.151   -20.012 -0.563  1.00 36.83 ? 84   GLN B CG  1 
ATOM   933  C CD  . GLN B 1 49 ? 2.775   -19.678 -1.907  1.00 39.96 ? 84   GLN B CD  1 
ATOM   934  O OE1 . GLN B 1 49 ? 2.874   -18.502 -2.277  1.00 42.67 ? 84   GLN B OE1 1 
ATOM   935  N NE2 . GLN B 1 49 ? 3.189   -20.699 -2.646  1.00 40.25 ? 84   GLN B NE2 1 
ATOM   936  N N   . CYS B 1 50 ? -0.026  -19.216 1.573   1.00 26.15 ? 85   CYS B N   1 
ATOM   937  C CA  . CYS B 1 50 ? -0.821  -17.993 1.742   1.00 25.01 ? 85   CYS B CA  1 
ATOM   938  C C   . CYS B 1 50 ? 0.045   -16.919 2.361   1.00 26.25 ? 85   CYS B C   1 
ATOM   939  O O   . CYS B 1 50 ? 0.631   -17.109 3.430   1.00 26.64 ? 85   CYS B O   1 
ATOM   940  C CB  . CYS B 1 50 ? -2.076  -18.250 2.604   1.00 23.90 ? 85   CYS B CB  1 
ATOM   941  S SG  . CYS B 1 50 ? -3.274  -16.887 2.740   1.00 24.98 ? 85   CYS B SG  1 
ATOM   942  N N   . ASN B 1 51 ? 0.120   -15.794 1.679   1.00 27.92 ? 86   ASN B N   1 
ATOM   943  C CA  . ASN B 1 51 ? 0.920   -14.690 2.163   1.00 28.70 ? 86   ASN B CA  1 
ATOM   944  C C   . ASN B 1 51 ? 0.209   -13.369 2.008   1.00 25.41 ? 86   ASN B C   1 
ATOM   945  O O   . ASN B 1 51 ? -0.675  -13.204 1.158   1.00 21.75 ? 86   ASN B O   1 
ATOM   946  C CB  . ASN B 1 51 ? 2.321   -14.697 1.506   1.00 33.96 ? 86   ASN B CB  1 
ATOM   947  C CG  . ASN B 1 51 ? 2.296   -14.292 0.034   1.00 38.98 ? 86   ASN B CG  1 
ATOM   948  O OD1 . ASN B 1 51 ? 1.580   -13.372 -0.372  1.00 40.07 ? 86   ASN B OD1 1 
ATOM   949  N ND2 . ASN B 1 51 ? 3.126   -14.958 -0.768  1.00 43.22 ? 86   ASN B ND2 1 
ATOM   950  N N   . VAL B 1 52 ? 0.593   -12.418 2.859   1.00 21.71 ? 87   VAL B N   1 
ATOM   951  C CA  . VAL B 1 52 ? 0.051   -11.097 2.806   1.00 21.55 ? 87   VAL B CA  1 
ATOM   952  C C   . VAL B 1 52 ? 1.195   -10.137 2.431   1.00 21.72 ? 87   VAL B C   1 
ATOM   953  O O   . VAL B 1 52 ? 2.226   -10.158 3.065   1.00 26.17 ? 87   VAL B O   1 
ATOM   954  C CB  . VAL B 1 52 ? -0.475  -10.675 4.206   1.00 20.70 ? 87   VAL B CB  1 
ATOM   955  C CG1 . VAL B 1 52 ? -1.230  -9.359  4.127   1.00 22.21 ? 87   VAL B CG1 1 
ATOM   956  C CG2 . VAL B 1 52 ? -1.343  -11.791 4.809   1.00 21.73 ? 87   VAL B CG2 1 
ATOM   957  N N   . THR B 1 53 ? 0.988   -9.306  1.422   1.00 24.38 ? 88   THR B N   1 
ATOM   958  C CA  . THR B 1 53 ? 2.034   -8.404  0.925   1.00 24.59 ? 88   THR B CA  1 
ATOM   959  C C   . THR B 1 53 ? 1.516   -6.965  0.853   1.00 24.98 ? 88   THR B C   1 
ATOM   960  O O   . THR B 1 53 ? 0.307   -6.717  0.735   1.00 22.35 ? 88   THR B O   1 
ATOM   961  C CB  . THR B 1 53 ? 2.486   -8.858  -0.485  1.00 27.29 ? 88   THR B CB  1 
ATOM   962  O OG1 . THR B 1 53 ? 1.348   -8.834  -1.356  1.00 26.28 ? 88   THR B OG1 1 
ATOM   963  C CG2 . THR B 1 53 ? 3.093   -10.257 -0.474  1.00 27.33 ? 88   THR B CG2 1 
ATOM   964  N N   . ALA B 1 54 ? 2.413   -5.962  0.920   1.00 23.95 ? 89   ALA B N   1 
ATOM   965  C CA  . ALA B 1 54 ? 1.934   -4.584  0.798   1.00 24.10 ? 89   ALA B CA  1 
ATOM   966  C C   . ALA B 1 54 ? 1.845   -4.191  -0.692  1.00 24.81 ? 89   ALA B C   1 
ATOM   967  O O   . ALA B 1 54 ? 2.683   -4.609  -1.483  1.00 30.69 ? 89   ALA B O   1 
ATOM   968  C CB  . ALA B 1 54 ? 2.843   -3.594  1.560   1.00 26.52 ? 89   ALA B CB  1 
ATOM   969  N N   . ASN B 1 55 ? 0.820   -3.423  -1.062  1.00 25.36 ? 90   ASN B N   1 
ATOM   970  C CA  . ASN B 1 55 ? 0.667   -2.955  -2.442  1.00 23.66 ? 90   ASN B CA  1 
ATOM   971  C C   . ASN B 1 55 ? 1.666   -1.840  -2.677  1.00 28.19 ? 90   ASN B C   1 
ATOM   972  O O   . ASN B 1 55 ? 2.362   -1.426  -1.756  1.00 26.18 ? 90   ASN B O   1 
ATOM   973  C CB  . ASN B 1 55 ? -0.739  -2.424  -2.708  1.00 24.17 ? 90   ASN B CB  1 
ATOM   974  C CG  . ASN B 1 55 ? -1.775  -3.526  -2.737  1.00 22.03 ? 90   ASN B CG  1 
ATOM   975  O OD1 . ASN B 1 55 ? -1.450  -4.694  -2.462  1.00 24.63 ? 90   ASN B OD1 1 
ATOM   976  N ND2 . ASN B 1 55 ? -3.010  -3.166  -3.018  1.00 23.75 ? 90   ASN B ND2 1 
ATOM   977  N N   . ASN B 1 56 ? 1.732   -1.348  -3.909  1.00 32.29 ? 91   ASN B N   1 
ATOM   978  C CA  . ASN B 1 56 ? 2.774   -0.394  -4.243  1.00 34.13 ? 91   ASN B CA  1 
ATOM   979  C C   . ASN B 1 56 ? 2.574   0.948   -3.569  1.00 32.93 ? 91   ASN B C   1 
ATOM   980  O O   . ASN B 1 56 ? 3.539   1.689   -3.388  1.00 36.21 ? 91   ASN B O   1 
ATOM   981  C CB  . ASN B 1 56 ? 2.899   -0.252  -5.761  1.00 39.06 ? 91   ASN B CB  1 
ATOM   982  C CG  . ASN B 1 56 ? 3.440   -1.509  -6.386  1.00 44.03 ? 91   ASN B CG  1 
ATOM   983  O OD1 . ASN B 1 56 ? 4.451   -2.048  -5.924  1.00 45.85 ? 91   ASN B OD1 1 
ATOM   984  N ND2 . ASN B 1 56 ? 2.760   -2.010  -7.421  1.00 47.94 ? 91   ASN B ND2 1 
ATOM   985  N N   . ASP B 1 57 ? 1.336   1.238   -3.188  1.00 29.71 ? 92   ASP B N   1 
ATOM   986  C CA  . ASP B 1 57 ? 1.021   2.525   -2.604  1.00 27.10 ? 92   ASP B CA  1 
ATOM   987  C C   . ASP B 1 57 ? 1.407   2.540   -1.133  1.00 27.63 ? 92   ASP B C   1 
ATOM   988  O O   . ASP B 1 57 ? 1.208   3.545   -0.466  1.00 28.80 ? 92   ASP B O   1 
ATOM   989  C CB  . ASP B 1 57 ? -0.438  2.902   -2.810  1.00 26.30 ? 92   ASP B CB  1 
ATOM   990  C CG  . ASP B 1 57 ? -1.409  1.890   -2.190  1.00 30.81 ? 92   ASP B CG  1 
ATOM   991  O OD1 . ASP B 1 57 ? -0.968  0.996   -1.406  1.00 27.19 ? 92   ASP B OD1 1 
ATOM   992  O OD2 . ASP B 1 57 ? -2.615  2.025   -2.474  1.00 31.38 ? 92   ASP B OD2 1 
ATOM   993  N N   . GLY B 1 58 ? 1.963   1.415   -0.675  1.00 29.17 ? 93   GLY B N   1 
ATOM   994  C CA  . GLY B 1 58 ? 2.560   1.265   0.660   1.00 28.97 ? 93   GLY B CA  1 
ATOM   995  C C   . GLY B 1 58 ? 1.563   1.300   1.794   1.00 26.76 ? 93   GLY B C   1 
ATOM   996  O O   . GLY B 1 58 ? 1.970   1.413   2.982   1.00 26.29 ? 93   GLY B O   1 
ATOM   997  N N   . VAL B 1 59 ? 0.275   1.248   1.451   1.00 23.67 ? 94   VAL B N   1 
ATOM   998  C CA  . VAL B 1 59 ? -0.803  1.309   2.434   1.00 24.11 ? 94   VAL B CA  1 
ATOM   999  C C   . VAL B 1 59 ? -1.880  0.238   2.217   1.00 24.95 ? 94   VAL B C   1 
ATOM   1000 O O   . VAL B 1 59 ? -2.475  -0.239  3.167   1.00 22.94 ? 94   VAL B O   1 
ATOM   1001 C CB  . VAL B 1 59 ? -1.437  2.728   2.558   1.00 25.06 ? 94   VAL B CB  1 
ATOM   1002 C CG1 . VAL B 1 59 ? -2.150  3.155   1.285   1.00 27.04 ? 94   VAL B CG1 1 
ATOM   1003 C CG2 . VAL B 1 59 ? -2.371  2.835   3.761   1.00 26.24 ? 94   VAL B CG2 1 
ATOM   1004 N N   . ASN B 1 60 ? -2.177  -0.117  0.971   1.00 24.52 ? 95   ASN B N   1 
ATOM   1005 C CA  . ASN B 1 60 ? -3.098  -1.259  0.768   1.00 24.33 ? 95   ASN B CA  1 
ATOM   1006 C C   . ASN B 1 60 ? -2.341  -2.571  0.762   1.00 22.64 ? 95   ASN B C   1 
ATOM   1007 O O   . ASN B 1 60 ? -1.155  -2.577  0.694   1.00 21.56 ? 95   ASN B O   1 
ATOM   1008 C CB  . ASN B 1 60 ? -3.931  -1.063  -0.503  1.00 22.97 ? 95   ASN B CB  1 
ATOM   1009 C CG  . ASN B 1 60 ? -4.966  0.005   -0.323  1.00 24.11 ? 95   ASN B CG  1 
ATOM   1010 O OD1 . ASN B 1 60 ? -5.961  -0.197  0.360   1.00 26.90 ? 95   ASN B OD1 1 
ATOM   1011 N ND2 . ASN B 1 60 ? -4.697  1.196   -0.872  1.00 27.32 ? 95   ASN B ND2 1 
ATOM   1012 N N   . PHE B 1 61 ? -3.049  -3.717  0.848   1.00 22.75 ? 96   PHE B N   1 
ATOM   1013 C CA  . PHE B 1 61 ? -2.365  -4.979  0.926   1.00 18.75 ? 96   PHE B CA  1 
ATOM   1014 C C   . PHE B 1 61 ? -3.159  -6.007  0.096   1.00 17.23 ? 96   PHE B C   1 
ATOM   1015 O O   . PHE B 1 61 ? -4.309  -5.768  -0.225  1.00 20.21 ? 96   PHE B O   1 
ATOM   1016 C CB  . PHE B 1 61 ? -2.281  -5.474  2.397   1.00 19.15 ? 96   PHE B CB  1 
ATOM   1017 C CG  . PHE B 1 61 ? -3.625  -5.673  3.049   1.00 17.99 ? 96   PHE B CG  1 
ATOM   1018 C CD1 . PHE B 1 61 ? -4.283  -4.641  3.696   1.00 18.60 ? 96   PHE B CD1 1 
ATOM   1019 C CD2 . PHE B 1 61 ? -4.229  -6.934  3.029   1.00 18.70 ? 96   PHE B CD2 1 
ATOM   1020 C CE1 . PHE B 1 61 ? -5.555  -4.810  4.269   1.00 19.74 ? 96   PHE B CE1 1 
ATOM   1021 C CE2 . PHE B 1 61 ? -5.499  -7.103  3.608   1.00 18.58 ? 96   PHE B CE2 1 
ATOM   1022 C CZ  . PHE B 1 61 ? -6.158  -6.050  4.216   1.00 20.53 ? 96   PHE B CZ  1 
ATOM   1023 N N   . THR B 1 62 ? -2.519  -7.105  -0.163  1.00 19.06 ? 97   THR B N   1 
ATOM   1024 C CA  . THR B 1 62 ? -3.088  -8.233  -0.890  1.00 21.24 ? 97   THR B CA  1 
ATOM   1025 C C   . THR B 1 62 ? -2.826  -9.528  -0.143  1.00 21.09 ? 97   THR B C   1 
ATOM   1026 O O   . THR B 1 62 ? -1.696  -9.822  0.241   1.00 22.11 ? 97   THR B O   1 
ATOM   1027 C CB  . THR B 1 62 ? -2.442  -8.304  -2.293  1.00 22.65 ? 97   THR B CB  1 
ATOM   1028 O OG1 . THR B 1 62 ? -2.758  -7.085  -2.974  1.00 24.99 ? 97   THR B OG1 1 
ATOM   1029 C CG2 . THR B 1 62 ? -3.060  -9.486  -3.077  1.00 22.83 ? 97   THR B CG2 1 
ATOM   1030 N N   . VAL B 1 63 ? -3.907  -10.302 0.084   1.00 19.72 ? 98   VAL B N   1 
ATOM   1031 C CA  . VAL B 1 63 ? -3.808  -11.628 0.641   1.00 19.01 ? 98   VAL B CA  1 
ATOM   1032 C C   . VAL B 1 63 ? -3.888  -12.616 -0.541  1.00 19.07 ? 98   VAL B C   1 
ATOM   1033 O O   . VAL B 1 63 ? -4.818  -12.518 -1.363  1.00 23.34 ? 98   VAL B O   1 
ATOM   1034 C CB  . VAL B 1 63 ? -4.959  -11.909 1.635   1.00 17.47 ? 98   VAL B CB  1 
ATOM   1035 C CG1 . VAL B 1 63 ? -4.833  -13.332 2.170   1.00 16.66 ? 98   VAL B CG1 1 
ATOM   1036 C CG2 . VAL B 1 63 ? -4.883  -10.901 2.789   1.00 19.14 ? 98   VAL B CG2 1 
ATOM   1037 N N   . THR B 1 64 ? -2.885  -13.461 -0.692  1.00 20.68 ? 99   THR B N   1 
ATOM   1038 C CA  . THR B 1 64 ? -2.896  -14.391 -1.824  1.00 22.27 ? 99   THR B CA  1 
ATOM   1039 C C   . THR B 1 64 ? -2.712  -15.807 -1.355  1.00 22.47 ? 99   THR B C   1 
ATOM   1040 O O   . THR B 1 64 ? -1.696  -16.134 -0.792  1.00 22.67 ? 99   THR B O   1 
ATOM   1041 C CB  . THR B 1 64 ? -1.813  -14.038 -2.848  1.00 24.11 ? 99   THR B CB  1 
ATOM   1042 O OG1 . THR B 1 64 ? -2.002  -12.678 -3.276  1.00 25.23 ? 99   THR B OG1 1 
ATOM   1043 C CG2 . THR B 1 64 ? -1.918  -15.002 -4.024  1.00 26.59 ? 99   THR B CG2 1 
ATOM   1044 N N   . ALA B 1 65 ? -3.701  -16.646 -1.644  1.00 23.07 ? 100  ALA B N   1 
ATOM   1045 C CA  . ALA B 1 65 ? -3.672  -18.051 -1.201  1.00 22.47 ? 100  ALA B CA  1 
ATOM   1046 C C   . ALA B 1 65 ? -3.609  -18.953 -2.414  1.00 22.71 ? 100  ALA B C   1 
ATOM   1047 O O   . ALA B 1 65 ? -4.339  -18.744 -3.370  1.00 23.46 ? 100  ALA B O   1 
ATOM   1048 C CB  . ALA B 1 65 ? -4.887  -18.372 -0.363  1.00 20.62 ? 100  ALA B CB  1 
ATOM   1049 N N   . GLN B 1 66 ? -2.687  -19.900 -2.404  1.00 22.81 ? 101  GLN B N   1 
ATOM   1050 C CA  . GLN B 1 66 ? -2.627  -20.900 -3.442  1.00 25.40 ? 101  GLN B CA  1 
ATOM   1051 C C   . GLN B 1 66 ? -3.401  -22.105 -2.939  1.00 24.73 ? 101  GLN B C   1 
ATOM   1052 O O   . GLN B 1 66 ? -3.239  -22.523 -1.785  1.00 26.90 ? 101  GLN B O   1 
ATOM   1053 C CB  . GLN B 1 66 ? -1.169  -21.283 -3.743  1.00 25.72 ? 101  GLN B CB  1 
ATOM   1054 C CG  . GLN B 1 66 ? -0.216  -20.102 -3.921  1.00 29.84 ? 101  GLN B CG  1 
ATOM   1055 C CD  . GLN B 1 66 ? -0.534  -19.260 -5.151  1.00 28.70 ? 101  GLN B CD  1 
ATOM   1056 O OE1 . GLN B 1 66 ? -0.931  -19.789 -6.190  1.00 34.01 ? 101  GLN B OE1 1 
ATOM   1057 N NE2 . GLN B 1 66 ? -0.381  -17.952 -5.032  1.00 28.30 ? 101  GLN B NE2 1 
ATOM   1058 N N   . LEU B 1 67 ? -4.248  -22.674 -3.802  1.00 22.90 ? 102  LEU B N   1 
ATOM   1059 C CA  . LEU B 1 67 ? -5.102  -23.783 -3.403  1.00 23.15 ? 102  LEU B CA  1 
ATOM   1060 C C   . LEU B 1 67 ? -4.699  -25.039 -4.159  1.00 27.60 ? 102  LEU B C   1 
ATOM   1061 O O   . LEU B 1 67 ? -4.261  -24.966 -5.308  1.00 27.83 ? 102  LEU B O   1 
ATOM   1062 C CB  . LEU B 1 67 ? -6.555  -23.472 -3.750  1.00 24.20 ? 102  LEU B CB  1 
ATOM   1063 C CG  . LEU B 1 67 ? -7.195  -22.235 -3.173  1.00 24.98 ? 102  LEU B CG  1 
ATOM   1064 C CD1 . LEU B 1 67 ? -8.690  -22.349 -3.340  1.00 26.87 ? 102  LEU B CD1 1 
ATOM   1065 C CD2 . LEU B 1 67 ? -6.843  -22.025 -1.716  1.00 25.52 ? 102  LEU B CD2 1 
ATOM   1066 N N   . THR B 1 68 ? -4.852  -26.175 -3.502  1.00 27.63 ? 103  THR B N   1 
ATOM   1067 C CA  . THR B 1 68 ? -4.631  -27.483 -4.111  1.00 30.93 ? 103  THR B CA  1 
ATOM   1068 C C   . THR B 1 68 ? -5.926  -28.268 -4.008  1.00 28.85 ? 103  THR B C   1 
ATOM   1069 O O   . THR B 1 68 ? -6.587  -28.204 -2.997  1.00 25.91 ? 103  THR B O   1 
ATOM   1070 C CB  . THR B 1 68 ? -3.516  -28.244 -3.377  1.00 35.32 ? 103  THR B CB  1 
ATOM   1071 O OG1 . THR B 1 68 ? -2.312  -27.474 -3.453  1.00 38.06 ? 103  THR B OG1 1 
ATOM   1072 C CG2 . THR B 1 68 ? -3.281  -29.614 -4.013  1.00 36.99 ? 103  THR B CG2 1 
ATOM   1073 N N   . GLY B 1 69 ? -6.282  -29.008 -5.061  1.00 31.88 ? 104  GLY B N   1 
ATOM   1074 C CA  . GLY B 1 69 ? -7.502  -29.827 -5.068  1.00 30.02 ? 104  GLY B CA  1 
ATOM   1075 C C   . GLY B 1 69 ? -8.832  -29.117 -5.194  1.00 31.74 ? 104  GLY B C   1 
ATOM   1076 O O   . GLY B 1 69 ? -9.881  -29.715 -4.961  1.00 29.62 ? 104  GLY B O   1 
ATOM   1077 N N   . ALA B 1 70 ? -8.806  -27.846 -5.579  1.00 27.13 ? 105  ALA B N   1 
ATOM   1078 C CA  . ALA B 1 70 ? -10.023 -27.100 -5.745  1.00 24.82 ? 105  ALA B CA  1 
ATOM   1079 C C   . ALA B 1 70 ? -10.188 -26.727 -7.233  1.00 23.87 ? 105  ALA B C   1 
ATOM   1080 O O   . ALA B 1 70 ? -9.252  -26.845 -8.020  1.00 24.77 ? 105  ALA B O   1 
ATOM   1081 C CB  . ALA B 1 70 ? -9.986  -25.848 -4.872  1.00 23.52 ? 105  ALA B CB  1 
ATOM   1082 N N   . ARG B 1 71 ? -11.359 -26.231 -7.579  1.00 22.78 ? 106  ARG B N   1 
ATOM   1083 C CA  . ARG B 1 71 ? -11.577 -25.779 -8.957  1.00 21.87 ? 106  ARG B CA  1 
ATOM   1084 C C   . ARG B 1 71 ? -10.772 -24.506 -9.238  1.00 21.22 ? 106  ARG B C   1 
ATOM   1085 O O   . ARG B 1 71 ? -10.429 -24.212 -10.400 1.00 22.21 ? 106  ARG B O   1 
ATOM   1086 C CB  . ARG B 1 71 ? -13.051 -25.605 -9.239  1.00 22.75 ? 106  ARG B CB  1 
ATOM   1087 C CG  . ARG B 1 71 ? -13.706 -24.411 -8.593  1.00 20.98 ? 106  ARG B CG  1 
ATOM   1088 C CD  . ARG B 1 71 ? -15.223 -24.465 -8.681  1.00 23.55 ? 106  ARG B CD  1 
ATOM   1089 N NE  . ARG B 1 71 ? -15.722 -25.564 -7.853  1.00 22.68 ? 106  ARG B NE  1 
ATOM   1090 C CZ  . ARG B 1 71 ? -16.944 -26.090 -7.934  1.00 25.82 ? 106  ARG B CZ  1 
ATOM   1091 N NH1 . ARG B 1 71 ? -17.832 -25.615 -8.790  1.00 22.23 ? 106  ARG B NH1 1 
ATOM   1092 N NH2 . ARG B 1 71 ? -17.273 -27.111 -7.127  1.00 25.83 ? 106  ARG B NH2 1 
ATOM   1093 N N   . TYR B 1 72 ? -10.473 -23.759 -8.174  1.00 21.21 ? 107  TYR B N   1 
ATOM   1094 C CA  . TYR B 1 72 ? -9.684  -22.505 -8.268  1.00 21.47 ? 107  TYR B CA  1 
ATOM   1095 C C   . TYR B 1 72 ? -8.249  -22.809 -7.902  1.00 21.30 ? 107  TYR B C   1 
ATOM   1096 O O   . TYR B 1 72 ? -7.995  -23.560 -6.970  1.00 21.87 ? 107  TYR B O   1 
ATOM   1097 C CB  . TYR B 1 72 ? -10.261 -21.407 -7.334  1.00 19.36 ? 107  TYR B CB  1 
ATOM   1098 C CG  . TYR B 1 72 ? -11.705 -21.084 -7.596  1.00 20.35 ? 107  TYR B CG  1 
ATOM   1099 C CD1 . TYR B 1 72 ? -12.085 -20.474 -8.779  1.00 20.24 ? 107  TYR B CD1 1 
ATOM   1100 C CD2 . TYR B 1 72 ? -12.729 -21.490 -6.698  1.00 20.60 ? 107  TYR B CD2 1 
ATOM   1101 C CE1 . TYR B 1 72 ? -13.391 -20.162 -9.040  1.00 17.94 ? 107  TYR B CE1 1 
ATOM   1102 C CE2 . TYR B 1 72 ? -14.064 -21.206 -6.964  1.00 21.37 ? 107  TYR B CE2 1 
ATOM   1103 C CZ  . TYR B 1 72 ? -14.397 -20.565 -8.141  1.00 21.05 ? 107  TYR B CZ  1 
ATOM   1104 O OH  . TYR B 1 72 ? -15.703 -20.258 -8.453  1.00 24.34 ? 107  TYR B OH  1 
ATOM   1105 N N   . GLY B 1 73 ? -7.270  -22.273 -8.651  1.00 19.11 ? 108  GLY B N   1 
ATOM   1106 C CA  . GLY B 1 73 ? -5.892  -22.476 -8.269  1.00 19.13 ? 108  GLY B CA  1 
ATOM   1107 C C   . GLY B 1 73 ? -5.391  -21.453 -7.244  1.00 18.93 ? 108  GLY B C   1 
ATOM   1108 O O   . GLY B 1 73 ? -4.457  -21.718 -6.500  1.00 23.81 ? 108  GLY B O   1 
ATOM   1109 N N   . SER B 1 74 ? -6.079  -20.335 -7.162  1.00 20.54 ? 109  SER B N   1 
ATOM   1110 C CA  . SER B 1 74 ? -5.769  -19.329 -6.152  1.00 21.79 ? 109  SER B CA  1 
ATOM   1111 C C   . SER B 1 74 ? -6.988  -18.469 -5.807  1.00 22.28 ? 109  SER B C   1 
ATOM   1112 O O   . SER B 1 74 ? -7.943  -18.309 -6.587  1.00 19.61 ? 109  SER B O   1 
ATOM   1113 C CB  . SER B 1 74 ? -4.594  -18.460 -6.606  1.00 21.58 ? 109  SER B CB  1 
ATOM   1114 O OG  . SER B 1 74 ? -4.949  -17.649 -7.718  1.00 24.82 ? 109  SER B OG  1 
ATOM   1115 N N   . VAL B 1 75 ? -6.961  -17.920 -4.596  1.00 18.67 ? 110  VAL B N   1 
ATOM   1116 C CA  . VAL B 1 75 ? -8.019  -16.995 -4.119  1.00 21.19 ? 110  VAL B CA  1 
ATOM   1117 C C   . VAL B 1 75 ? -7.270  -15.837 -3.494  1.00 20.56 ? 110  VAL B C   1 
ATOM   1118 O O   . VAL B 1 75 ? -6.392  -16.045 -2.656  1.00 24.37 ? 110  VAL B O   1 
ATOM   1119 C CB  . VAL B 1 75 ? -8.932  -17.656 -3.064  1.00 21.57 ? 110  VAL B CB  1 
ATOM   1120 C CG1 . VAL B 1 75 ? -9.968  -16.677 -2.540  1.00 23.41 ? 110  VAL B CG1 1 
ATOM   1121 C CG2 . VAL B 1 75 ? -9.602  -18.868 -3.692  1.00 23.44 ? 110  VAL B CG2 1 
ATOM   1122 N N   . SER B 1 76 ? -7.577  -14.638 -3.930  1.00 23.23 ? 111  SER B N   1 
ATOM   1123 C CA  . SER B 1 76 ? -6.892  -13.479 -3.348  1.00 22.57 ? 111  SER B CA  1 
ATOM   1124 C C   . SER B 1 76 ? -7.829  -12.371 -2.935  1.00 21.38 ? 111  SER B C   1 
ATOM   1125 O O   . SER B 1 76 ? -9.021  -12.351 -3.280  1.00 19.43 ? 111  SER B O   1 
ATOM   1126 C CB  . SER B 1 76 ? -5.823  -12.976 -4.321  1.00 23.24 ? 111  SER B CB  1 
ATOM   1127 O OG  . SER B 1 76 ? -6.429  -12.435 -5.484  1.00 27.05 ? 111  SER B OG  1 
ATOM   1128 N N   . PHE B 1 77 ? -7.301  -11.415 -2.161  1.00 21.48 ? 112  PHE B N   1 
ATOM   1129 C CA  . PHE B 1 77 ? -8.080  -10.211 -1.787  1.00 21.91 ? 112  PHE B CA  1 
ATOM   1130 C C   . PHE B 1 77 ? -7.129  -9.006  -1.845  1.00 23.82 ? 112  PHE B C   1 
ATOM   1131 O O   . PHE B 1 77 ? -6.000  -9.107  -1.374  1.00 20.55 ? 112  PHE B O   1 
ATOM   1132 C CB  . PHE B 1 77 ? -8.652  -10.323 -0.353  1.00 22.58 ? 112  PHE B CB  1 
ATOM   1133 C CG  . PHE B 1 77 ? -9.251  -9.043  0.147   1.00 23.13 ? 112  PHE B CG  1 
ATOM   1134 C CD1 . PHE B 1 77 ? -10.573 -8.713  -0.147  1.00 25.78 ? 112  PHE B CD1 1 
ATOM   1135 C CD2 . PHE B 1 77 ? -8.495  -8.158  0.930   1.00 25.11 ? 112  PHE B CD2 1 
ATOM   1136 C CE1 . PHE B 1 77 ? -11.130 -7.534  0.308   1.00 29.37 ? 112  PHE B CE1 1 
ATOM   1137 C CE2 . PHE B 1 77 ? -9.049  -6.968  1.382   1.00 25.41 ? 112  PHE B CE2 1 
ATOM   1138 C CZ  . PHE B 1 77 ? -10.362 -6.663  1.085   1.00 26.49 ? 112  PHE B CZ  1 
ATOM   1139 N N   . ASP B 1 78 ? -7.598  -7.888  -2.403  1.00 22.53 ? 113  ASP B N   1 
ATOM   1140 C CA  . ASP B 1 78 ? -6.817  -6.633  -2.535  1.00 24.91 ? 113  ASP B CA  1 
ATOM   1141 C C   . ASP B 1 78 ? -7.574  -5.491  -1.835  1.00 26.05 ? 113  ASP B C   1 
ATOM   1142 O O   . ASP B 1 78 ? -8.700  -5.170  -2.213  1.00 26.96 ? 113  ASP B O   1 
ATOM   1143 C CB  . ASP B 1 78 ? -6.632  -6.351  -4.041  1.00 27.53 ? 113  ASP B CB  1 
ATOM   1144 C CG  . ASP B 1 78 ? -5.713  -5.170  -4.331  1.00 34.59 ? 113  ASP B CG  1 
ATOM   1145 O OD1 . ASP B 1 78 ? -5.661  -4.227  -3.510  1.00 32.91 ? 113  ASP B OD1 1 
ATOM   1146 O OD2 . ASP B 1 78 ? -5.059  -5.180  -5.411  1.00 35.94 ? 113  ASP B OD2 1 
ATOM   1147 N N   . SER B 1 79 ? -7.005  -4.914  -0.763  1.00 25.90 ? 114  SER B N   1 
ATOM   1148 C CA  . SER B 1 79 ? -7.744  -3.926  0.013   1.00 26.71 ? 114  SER B CA  1 
ATOM   1149 C C   . SER B 1 79 ? -8.077  -2.663  -0.801  1.00 27.48 ? 114  SER B C   1 
ATOM   1150 O O   . SER B 1 79 ? -9.046  -1.983  -0.516  1.00 29.88 ? 114  SER B O   1 
ATOM   1151 C CB  . SER B 1 79 ? -6.961  -3.522  1.274   1.00 25.74 ? 114  SER B CB  1 
ATOM   1152 O OG  . SER B 1 79 ? -5.644  -3.161  0.931   1.00 25.40 ? 114  SER B OG  1 
ATOM   1153 N N   . SER B 1 80 ? -7.263  -2.372  -1.797  1.00 33.93 ? 115  SER B N   1 
ATOM   1154 C CA  . SER B 1 80 ? -7.485  -1.190  -2.639  1.00 36.50 ? 115  SER B CA  1 
ATOM   1155 C C   . SER B 1 80 ? -8.786  -1.280  -3.433  1.00 39.90 ? 115  SER B C   1 
ATOM   1156 O O   . SER B 1 80 ? -9.483  -0.275  -3.620  1.00 39.73 ? 115  SER B O   1 
ATOM   1157 C CB  . SER B 1 80 ? -6.295  -0.964  -3.569  1.00 36.33 ? 115  SER B CB  1 
ATOM   1158 O OG  . SER B 1 80 ? -6.242  -1.945  -4.592  1.00 41.36 ? 115  SER B OG  1 
ATOM   1159 N N   . THR B 1 81 ? -9.123  -2.489  -3.891  1.00 39.29 ? 116  THR B N   1 
ATOM   1160 C CA  . THR B 1 81 ? -10.394 -2.709  -4.580  1.00 38.75 ? 116  THR B CA  1 
ATOM   1161 C C   . THR B 1 81 ? -11.502 -3.200  -3.652  1.00 39.69 ? 116  THR B C   1 
ATOM   1162 O O   . THR B 1 81 ? -12.687 -2.911  -3.874  1.00 43.40 ? 116  THR B O   1 
ATOM   1163 C CB  . THR B 1 81 ? -10.212 -3.679  -5.752  1.00 39.63 ? 116  THR B CB  1 
ATOM   1164 O OG1 . THR B 1 81 ? -9.681  -4.927  -5.280  1.00 36.51 ? 116  THR B OG1 1 
ATOM   1165 C CG2 . THR B 1 81 ? -9.250  -3.083  -6.745  1.00 39.98 ? 116  THR B CG2 1 
ATOM   1166 N N   . GLY B 1 82 ? -11.129 -3.936  -2.599  1.00 34.67 ? 117  GLY B N   1 
ATOM   1167 C CA  . GLY B 1 82 ? -12.113 -4.527  -1.710  1.00 31.70 ? 117  GLY B CA  1 
ATOM   1168 C C   . GLY B 1 82 ? -12.706 -5.770  -2.350  1.00 29.51 ? 117  GLY B C   1 
ATOM   1169 O O   . GLY B 1 82 ? -13.770 -6.219  -1.962  1.00 31.51 ? 117  GLY B O   1 
ATOM   1170 N N   . GLN B 1 83 ? -11.998 -6.302  -3.338  1.00 30.76 ? 118  GLN B N   1 
ATOM   1171 C CA  . GLN B 1 83 ? -12.468 -7.468  -4.088  1.00 28.07 ? 118  GLN B CA  1 
ATOM   1172 C C   . GLN B 1 83 ? -11.687 -8.731  -3.806  1.00 25.69 ? 118  GLN B C   1 
ATOM   1173 O O   . GLN B 1 83 ? -10.451 -8.714  -3.717  1.00 23.60 ? 118  GLN B O   1 
ATOM   1174 C CB  . GLN B 1 83 ? -12.325 -7.201  -5.583  1.00 33.92 ? 118  GLN B CB  1 
ATOM   1175 C CG  . GLN B 1 83 ? -13.564 -7.527  -6.364  1.00 40.23 ? 118  GLN B CG  1 
ATOM   1176 C CD  . GLN B 1 83 ? -14.206 -6.279  -6.877  1.00 42.04 ? 118  GLN B CD  1 
ATOM   1177 O OE1 . GLN B 1 83 ? -13.700 -5.189  -6.652  1.00 45.61 ? 118  GLN B OE1 1 
ATOM   1178 N NE2 . GLN B 1 83 ? -15.315 -6.425  -7.591  1.00 47.75 ? 118  GLN B NE2 1 
ATOM   1179 N N   . PHE B 1 84 ? -12.422 -9.845  -3.753  1.00 23.21 ? 119  PHE B N   1 
ATOM   1180 C CA  . PHE B 1 84 ? -11.809 -11.161 -3.761  1.00 21.99 ? 119  PHE B CA  1 
ATOM   1181 C C   . PHE B 1 84 ? -11.745 -11.600 -5.201  1.00 20.06 ? 119  PHE B C   1 
ATOM   1182 O O   . PHE B 1 84 ? -12.656 -11.304 -5.938  1.00 21.57 ? 119  PHE B O   1 
ATOM   1183 C CB  . PHE B 1 84 ? -12.653 -12.147 -2.970  1.00 23.47 ? 119  PHE B CB  1 
ATOM   1184 C CG  . PHE B 1 84 ? -12.713 -11.811 -1.506  1.00 26.04 ? 119  PHE B CG  1 
ATOM   1185 C CD1 . PHE B 1 84 ? -11.756 -12.326 -0.642  1.00 25.64 ? 119  PHE B CD1 1 
ATOM   1186 C CD2 . PHE B 1 84 ? -13.713 -10.970 -1.004  1.00 26.00 ? 119  PHE B CD2 1 
ATOM   1187 C CE1 . PHE B 1 84 ? -11.787 -11.985 0.706   1.00 29.42 ? 119  PHE B CE1 1 
ATOM   1188 C CE2 . PHE B 1 84 ? -13.747 -10.641 0.339   1.00 28.56 ? 119  PHE B CE2 1 
ATOM   1189 C CZ  . PHE B 1 84 ? -12.779 -11.154 1.182   1.00 27.91 ? 119  PHE B CZ  1 
ATOM   1190 N N   . SER B 1 85 ? -10.648 -12.242 -5.562  1.00 17.62 ? 120  SER B N   1 
ATOM   1191 C CA  . SER B 1 85 ? -10.440 -12.756 -6.920  1.00 19.17 ? 120  SER B CA  1 
ATOM   1192 C C   . SER B 1 85 ? -10.256 -14.241 -6.836  1.00 18.60 ? 120  SER B C   1 
ATOM   1193 O O   . SER B 1 85 ? -9.384  -14.728 -6.100  1.00 19.21 ? 120  SER B O   1 
ATOM   1194 C CB  . SER B 1 85 ? -9.187  -12.160 -7.548  1.00 23.03 ? 120  SER B CB  1 
ATOM   1195 O OG  . SER B 1 85 ? -9.409  -10.834 -7.934  1.00 27.70 ? 120  SER B OG  1 
ATOM   1196 N N   . PHE B 1 86 ? -11.063 -14.994 -7.594  1.00 17.55 ? 121  PHE B N   1 
ATOM   1197 C CA  . PHE B 1 86 ? -10.948 -16.440 -7.672  1.00 19.76 ? 121  PHE B CA  1 
ATOM   1198 C C   . PHE B 1 86 ? -10.460 -16.795 -9.067  1.00 18.29 ? 121  PHE B C   1 
ATOM   1199 O O   . PHE B 1 86 ? -11.097 -16.364 -10.021 1.00 21.44 ? 121  PHE B O   1 
ATOM   1200 C CB  . PHE B 1 86 ? -12.315 -17.078 -7.527  1.00 18.44 ? 121  PHE B CB  1 
ATOM   1201 C CG  . PHE B 1 86 ? -12.980 -16.783 -6.208  1.00 22.99 ? 121  PHE B CG  1 
ATOM   1202 C CD1 . PHE B 1 86 ? -13.681 -15.596 -6.013  1.00 24.20 ? 121  PHE B CD1 1 
ATOM   1203 C CD2 . PHE B 1 86 ? -12.898 -17.698 -5.179  1.00 26.69 ? 121  PHE B CD2 1 
ATOM   1204 C CE1 . PHE B 1 86 ? -14.319 -15.336 -4.805  1.00 30.16 ? 121  PHE B CE1 1 
ATOM   1205 C CE2 . PHE B 1 86 ? -13.507 -17.437 -3.965  1.00 28.25 ? 121  PHE B CE2 1 
ATOM   1206 C CZ  . PHE B 1 86 ? -14.213 -16.251 -3.784  1.00 28.89 ? 121  PHE B CZ  1 
ATOM   1207 N N   . GLN B 1 87 ? -9.323  -17.477 -9.145  1.00 18.18 ? 122  GLN B N   1 
ATOM   1208 C CA  . GLN B 1 87 ? -8.682  -17.855 -10.415 1.00 20.91 ? 122  GLN B CA  1 
ATOM   1209 C C   . GLN B 1 87 ? -8.993  -19.319 -10.691 1.00 22.22 ? 122  GLN B C   1 
ATOM   1210 O O   . GLN B 1 87 ? -8.556  -20.190 -9.946  1.00 21.95 ? 122  GLN B O   1 
ATOM   1211 C CB  . GLN B 1 87 ? -7.161  -17.746 -10.303 1.00 23.52 ? 122  GLN B CB  1 
ATOM   1212 C CG  . GLN B 1 87 ? -6.644  -16.334 -10.330 1.00 26.25 ? 122  GLN B CG  1 
ATOM   1213 C CD  . GLN B 1 87 ? -7.110  -15.436 -9.203  1.00 28.50 ? 122  GLN B CD  1 
ATOM   1214 O OE1 . GLN B 1 87 ? -6.791  -15.628 -7.977  1.00 29.79 ? 122  GLN B OE1 1 
ATOM   1215 N NE2 . GLN B 1 87 ? -7.823  -14.389 -9.597  1.00 27.66 ? 122  GLN B NE2 1 
ATOM   1216 N N   . LEU B 1 88 ? -9.672  -19.578 -11.804 1.00 22.35 ? 123  LEU B N   1 
ATOM   1217 C CA  . LEU B 1 88 ? -10.197 -20.917 -12.087 1.00 24.38 ? 123  LEU B CA  1 
ATOM   1218 C C   . LEU B 1 88 ? -9.155  -21.813 -12.766 1.00 28.70 ? 123  LEU B C   1 
ATOM   1219 O O   . LEU B 1 88 ? -8.435  -21.330 -13.650 1.00 31.72 ? 123  LEU B O   1 
ATOM   1220 C CB  . LEU B 1 88 ? -11.444 -20.757 -12.962 1.00 23.36 ? 123  LEU B CB  1 
ATOM   1221 C CG  . LEU B 1 88 ? -12.356 -21.960 -13.216 1.00 23.66 ? 123  LEU B CG  1 
ATOM   1222 C CD1 . LEU B 1 88 ? -12.999 -22.489 -11.939 1.00 21.91 ? 123  LEU B CD1 1 
ATOM   1223 C CD2 . LEU B 1 88 ? -13.416 -21.659 -14.266 1.00 22.71 ? 123  LEU B CD2 1 
HETATM 1224 S S   . SO4 C 2 .  ? -14.184 -27.343 -4.822  1.00 25.60 ? 1124 SO4 B S   1 
HETATM 1225 O O1  . SO4 C 2 .  ? -14.633 -26.764 -3.524  1.00 28.29 ? 1124 SO4 B O1  1 
HETATM 1226 O O2  . SO4 C 2 .  ? -15.333 -28.057 -5.367  1.00 26.24 ? 1124 SO4 B O2  1 
HETATM 1227 O O3  . SO4 C 2 .  ? -13.042 -28.309 -4.706  1.00 27.80 ? 1124 SO4 B O3  1 
HETATM 1228 O O4  . SO4 C 2 .  ? -13.807 -26.240 -5.775  1.00 26.18 ? 1124 SO4 B O4  1 
HETATM 1229 O O   . HOH D 3 .  ? -5.682  6.632   8.137   1.00 30.79 ? 2001 HOH A O   1 
HETATM 1230 O O   . HOH D 3 .  ? -8.959  5.645   6.270   1.00 37.21 ? 2002 HOH A O   1 
HETATM 1231 O O   . HOH D 3 .  ? -5.493  8.051   -2.612  1.00 27.95 ? 2003 HOH A O   1 
HETATM 1232 O O   . HOH D 3 .  ? 1.134   1.772   5.520   1.00 20.92 ? 2004 HOH A O   1 
HETATM 1233 O O   . HOH D 3 .  ? -2.560  17.817  -4.076  1.00 37.60 ? 2005 HOH A O   1 
HETATM 1234 O O   . HOH D 3 .  ? 2.751   4.268   -5.948  1.00 33.42 ? 2006 HOH A O   1 
HETATM 1235 O O   . HOH D 3 .  ? 5.839   1.890   -4.725  1.00 47.16 ? 2007 HOH A O   1 
HETATM 1236 O O   . HOH D 3 .  ? 8.706   5.826   -6.288  1.00 33.68 ? 2008 HOH A O   1 
HETATM 1237 O O   . HOH D 3 .  ? 1.547   7.620   -9.655  1.00 26.14 ? 2009 HOH A O   1 
HETATM 1238 O O   . HOH D 3 .  ? -0.728  2.834   -6.556  1.00 33.68 ? 2010 HOH A O   1 
HETATM 1239 O O   . HOH D 3 .  ? -3.759  8.685   -5.382  1.00 36.27 ? 2011 HOH A O   1 
HETATM 1240 O O   . HOH D 3 .  ? -3.468  3.587   -4.371  1.00 31.28 ? 2012 HOH A O   1 
HETATM 1241 O O   . HOH D 3 .  ? 8.168   6.014   -11.237 1.00 23.10 ? 2013 HOH A O   1 
HETATM 1242 O O   . HOH D 3 .  ? 3.281   7.613   -12.103 1.00 31.96 ? 2014 HOH A O   1 
HETATM 1243 O O   . HOH D 3 .  ? 4.781   11.712  -13.840 1.00 24.18 ? 2015 HOH A O   1 
HETATM 1244 O O   . HOH D 3 .  ? 12.844  7.257   -13.003 1.00 33.97 ? 2016 HOH A O   1 
HETATM 1245 O O   . HOH D 3 .  ? 12.365  7.203   -6.106  1.00 30.21 ? 2017 HOH A O   1 
HETATM 1246 O O   . HOH D 3 .  ? 15.312  6.015   -10.045 1.00 34.84 ? 2018 HOH A O   1 
HETATM 1247 O O   . HOH D 3 .  ? -8.107  5.915   8.276   1.00 40.89 ? 2019 HOH A O   1 
HETATM 1248 O O   . HOH D 3 .  ? 10.740  11.820  -17.816 1.00 39.59 ? 2020 HOH A O   1 
HETATM 1249 O O   . HOH D 3 .  ? 12.913  16.259  -15.888 1.00 32.84 ? 2021 HOH A O   1 
HETATM 1250 O O   . HOH D 3 .  ? 11.761  14.078  -18.209 1.00 47.84 ? 2022 HOH A O   1 
HETATM 1251 O O   . HOH D 3 .  ? 8.971   4.615   -8.539  1.00 33.12 ? 2023 HOH A O   1 
HETATM 1252 O O   . HOH D 3 .  ? 19.373  13.683  -9.523  1.00 25.06 ? 2024 HOH A O   1 
HETATM 1253 O O   . HOH D 3 .  ? 10.146  5.843   -12.937 1.00 38.33 ? 2025 HOH A O   1 
HETATM 1254 O O   . HOH D 3 .  ? 6.595   3.965   -12.259 1.00 38.55 ? 2026 HOH A O   1 
HETATM 1255 O O   . HOH D 3 .  ? 4.491   5.534   -13.149 1.00 40.36 ? 2027 HOH A O   1 
HETATM 1256 O O   . HOH D 3 .  ? 17.089  14.020  -21.520 1.00 43.24 ? 2028 HOH A O   1 
HETATM 1257 O O   . HOH D 3 .  ? 12.464  4.656   -7.470  1.00 41.04 ? 2029 HOH A O   1 
HETATM 1258 O O   . HOH D 3 .  ? 10.750  17.899  -16.134 1.00 39.21 ? 2030 HOH A O   1 
HETATM 1259 O O   . HOH D 3 .  ? 23.783  12.972  -13.851 1.00 36.34 ? 2031 HOH A O   1 
HETATM 1260 O O   . HOH D 3 .  ? 17.875  16.532  -9.635  1.00 28.43 ? 2032 HOH A O   1 
HETATM 1261 O O   . HOH D 3 .  ? 14.670  19.235  -8.284  1.00 25.75 ? 2033 HOH A O   1 
HETATM 1262 O O   . HOH D 3 .  ? 10.908  20.562  -14.554 1.00 36.22 ? 2034 HOH A O   1 
HETATM 1263 O O   . HOH D 3 .  ? 8.227   20.371  -12.111 1.00 30.48 ? 2035 HOH A O   1 
HETATM 1264 O O   . HOH D 3 .  ? 14.509  21.935  -8.617  1.00 36.94 ? 2036 HOH A O   1 
HETATM 1265 O O   . HOH D 3 .  ? 12.536  22.208  -3.347  1.00 22.53 ? 2037 HOH A O   1 
HETATM 1266 O O   . HOH D 3 .  ? 4.796   25.088  -11.626 1.00 31.40 ? 2038 HOH A O   1 
HETATM 1267 O O   . HOH D 3 .  ? 4.098   22.979  -12.654 1.00 38.97 ? 2039 HOH A O   1 
HETATM 1268 O O   . HOH D 3 .  ? -1.415  19.751  -4.400  1.00 27.17 ? 2040 HOH A O   1 
HETATM 1269 O O   . HOH D 3 .  ? -1.487  23.803  -8.077  1.00 36.80 ? 2041 HOH A O   1 
HETATM 1270 O O   . HOH D 3 .  ? -5.685  20.384  -6.307  1.00 35.87 ? 2042 HOH A O   1 
HETATM 1271 O O   . HOH D 3 .  ? 21.790  15.391  2.421   1.00 45.44 ? 2043 HOH A O   1 
HETATM 1272 O O   . HOH D 3 .  ? 4.678   18.062  -13.561 1.00 29.03 ? 2044 HOH A O   1 
HETATM 1273 O O   . HOH D 3 .  ? 0.819   24.381  -9.590  1.00 34.45 ? 2045 HOH A O   1 
HETATM 1274 O O   . HOH D 3 .  ? 11.105  13.757  5.694   1.00 45.87 ? 2046 HOH A O   1 
HETATM 1275 O O   . HOH D 3 .  ? -0.068  11.119  -12.422 1.00 28.08 ? 2047 HOH A O   1 
HETATM 1276 O O   . HOH D 3 .  ? 2.480   13.374  -13.558 1.00 33.76 ? 2048 HOH A O   1 
HETATM 1277 O O   . HOH D 3 .  ? -3.421  12.896  -12.288 1.00 34.73 ? 2049 HOH A O   1 
HETATM 1278 O O   . HOH D 3 .  ? -6.272  18.540  -8.974  1.00 38.72 ? 2050 HOH A O   1 
HETATM 1279 O O   . HOH D 3 .  ? -11.968 13.339  -11.830 1.00 49.08 ? 2051 HOH A O   1 
HETATM 1280 O O   . HOH D 3 .  ? -1.592  21.745  -2.253  1.00 32.57 ? 2052 HOH A O   1 
HETATM 1281 O O   . HOH D 3 .  ? 7.744   18.365  1.081   1.00 19.79 ? 2053 HOH A O   1 
HETATM 1282 O O   . HOH D 3 .  ? 13.037  17.770  0.655   1.00 23.61 ? 2054 HOH A O   1 
HETATM 1283 O O   . HOH D 3 .  ? 13.870  20.830  1.329   1.00 42.12 ? 2055 HOH A O   1 
HETATM 1284 O O   . HOH D 3 .  ? 17.098  16.926  -4.752  1.00 18.07 ? 2056 HOH A O   1 
HETATM 1285 O O   . HOH D 3 .  ? 18.610  20.517  -3.670  1.00 39.15 ? 2057 HOH A O   1 
HETATM 1286 O O   . HOH D 3 .  ? 18.237  12.964  1.068   1.00 26.86 ? 2058 HOH A O   1 
HETATM 1287 O O   . HOH D 3 .  ? 16.369  13.260  3.689   1.00 33.24 ? 2059 HOH A O   1 
HETATM 1288 O O   . HOH D 3 .  ? 19.587  15.164  1.339   1.00 26.55 ? 2060 HOH A O   1 
HETATM 1289 O O   . HOH D 3 .  ? 21.947  10.611  -1.873  1.00 18.73 ? 2061 HOH A O   1 
HETATM 1290 O O   . HOH D 3 .  ? 20.178  11.483  1.248   1.00 35.70 ? 2062 HOH A O   1 
HETATM 1291 O O   . HOH D 3 .  ? 23.631  15.503  -6.678  1.00 41.19 ? 2063 HOH A O   1 
HETATM 1292 O O   . HOH D 3 .  ? 24.907  15.545  -2.864  1.00 32.73 ? 2064 HOH A O   1 
HETATM 1293 O O   . HOH D 3 .  ? 21.968  14.210  -9.730  1.00 29.63 ? 2065 HOH A O   1 
HETATM 1294 O O   . HOH D 3 .  ? 16.991  18.224  -7.300  1.00 23.75 ? 2066 HOH A O   1 
HETATM 1295 O O   . HOH D 3 .  ? 12.747  14.602  4.077   1.00 37.23 ? 2067 HOH A O   1 
HETATM 1296 O O   . HOH D 3 .  ? -2.534  19.425  9.997   1.00 42.55 ? 2068 HOH A O   1 
HETATM 1297 O O   . HOH D 3 .  ? 9.674   12.021  5.097   1.00 31.21 ? 2069 HOH A O   1 
HETATM 1298 O O   . HOH D 3 .  ? 9.891   9.649   5.362   1.00 25.91 ? 2070 HOH A O   1 
HETATM 1299 O O   . HOH D 3 .  ? 13.751  11.179  5.934   1.00 33.57 ? 2071 HOH A O   1 
HETATM 1300 O O   . HOH D 3 .  ? 11.857  5.898   -2.869  1.00 32.60 ? 2072 HOH A O   1 
HETATM 1301 O O   . HOH D 3 .  ? 13.652  5.289   -3.774  1.00 38.99 ? 2073 HOH A O   1 
HETATM 1302 O O   . HOH D 3 .  ? 16.901  6.189   -2.291  1.00 21.28 ? 2074 HOH A O   1 
HETATM 1303 O O   . HOH D 3 .  ? 18.605  5.195   2.754   1.00 47.27 ? 2075 HOH A O   1 
HETATM 1304 O O   . HOH D 3 .  ? 18.405  9.860   4.074   1.00 40.19 ? 2076 HOH A O   1 
HETATM 1305 O O   . HOH D 3 .  ? 12.648  8.582   5.901   1.00 28.46 ? 2077 HOH A O   1 
HETATM 1306 O O   . HOH D 3 .  ? 7.605   3.209   4.690   1.00 26.92 ? 2078 HOH A O   1 
HETATM 1307 O O   . HOH E 3 .  ? -14.792 -27.099 3.735   1.00 38.93 ? 2001 HOH B O   1 
HETATM 1308 O O   . HOH E 3 .  ? -9.797  -27.074 2.566   1.00 37.89 ? 2002 HOH B O   1 
HETATM 1309 O O   . HOH E 3 .  ? -16.875 -18.849 2.511   1.00 40.11 ? 2003 HOH B O   1 
HETATM 1310 O O   . HOH E 3 .  ? -11.987 -21.909 6.580   1.00 33.94 ? 2004 HOH B O   1 
HETATM 1311 O O   . HOH E 3 .  ? -2.024  -19.863 5.898   1.00 41.08 ? 2005 HOH B O   1 
HETATM 1312 O O   . HOH E 3 .  ? -13.649 -11.922 8.842   1.00 38.56 ? 2006 HOH B O   1 
HETATM 1313 O O   . HOH E 3 .  ? -10.202 -12.735 11.289  1.00 23.84 ? 2007 HOH B O   1 
HETATM 1314 O O   . HOH E 3 .  ? -10.523 -19.113 8.976   1.00 22.54 ? 2008 HOH B O   1 
HETATM 1315 O O   . HOH E 3 .  ? -10.953 -5.432  10.580  1.00 31.14 ? 2009 HOH B O   1 
HETATM 1316 O O   . HOH E 3 .  ? -5.946  -9.044  14.012  1.00 41.93 ? 2010 HOH B O   1 
HETATM 1317 O O   . HOH E 3 .  ? -8.201  -0.889  11.475  1.00 48.58 ? 2011 HOH B O   1 
HETATM 1318 O O   . HOH E 3 .  ? -9.315  -4.265  4.049   1.00 44.77 ? 2012 HOH B O   1 
HETATM 1319 O O   . HOH E 3 .  ? -7.891  -1.229  3.563   1.00 34.74 ? 2013 HOH B O   1 
HETATM 1320 O O   . HOH E 3 .  ? -4.577  -2.368  15.350  1.00 23.51 ? 2014 HOH B O   1 
HETATM 1321 O O   . HOH E 3 .  ? -7.641  -2.261  15.080  1.00 35.14 ? 2015 HOH B O   1 
HETATM 1322 O O   . HOH E 3 .  ? -0.762  -4.761  15.317  1.00 39.42 ? 2016 HOH B O   1 
HETATM 1323 O O   . HOH E 3 .  ? -4.100  -10.247 13.947  1.00 39.55 ? 2017 HOH B O   1 
HETATM 1324 O O   . HOH E 3 .  ? -8.476  -13.515 13.591  1.00 39.51 ? 2018 HOH B O   1 
HETATM 1325 O O   . HOH E 3 .  ? -7.046  -0.049  13.625  1.00 39.93 ? 2019 HOH B O   1 
HETATM 1326 O O   . HOH E 3 .  ? -11.982 -4.995  7.398   1.00 37.48 ? 2020 HOH B O   1 
HETATM 1327 O O   . HOH E 3 .  ? -10.663 -3.216  11.872  1.00 34.20 ? 2021 HOH B O   1 
HETATM 1328 O O   . HOH E 3 .  ? 1.217   5.623   16.019  1.00 39.06 ? 2022 HOH B O   1 
HETATM 1329 O O   . HOH E 3 .  ? -11.022 -5.922  5.207   1.00 47.57 ? 2023 HOH B O   1 
HETATM 1330 O O   . HOH E 3 .  ? -0.202  0.156   16.235  1.00 22.31 ? 2024 HOH B O   1 
HETATM 1331 O O   . HOH E 3 .  ? -0.167  6.388   17.766  1.00 44.56 ? 2025 HOH B O   1 
HETATM 1332 O O   . HOH E 3 .  ? 3.948   -1.018  7.553   1.00 31.71 ? 2026 HOH B O   1 
HETATM 1333 O O   . HOH E 3 .  ? 4.788   -6.408  1.572   1.00 37.94 ? 2027 HOH B O   1 
HETATM 1334 O O   . HOH E 3 .  ? 5.537   -14.809 8.343   1.00 48.28 ? 2028 HOH B O   1 
HETATM 1335 O O   . HOH E 3 .  ? 6.790   -13.533 12.170  1.00 45.26 ? 2029 HOH B O   1 
HETATM 1336 O O   . HOH E 3 .  ? 0.488   -19.418 5.732   1.00 43.13 ? 2030 HOH B O   1 
HETATM 1337 O O   . HOH E 3 .  ? 5.146   -15.132 15.375  1.00 48.55 ? 2031 HOH B O   1 
HETATM 1338 O O   . HOH E 3 .  ? 1.585   -14.626 -6.875  1.00 38.18 ? 2032 HOH B O   1 
HETATM 1339 O O   . HOH E 3 .  ? -5.947  -17.299 14.520  1.00 35.46 ? 2033 HOH B O   1 
HETATM 1340 O O   . HOH E 3 .  ? -8.743  -20.878 10.246  1.00 35.14 ? 2034 HOH B O   1 
HETATM 1341 O O   . HOH E 3 .  ? -8.140  -23.568 16.050  1.00 42.24 ? 2035 HOH B O   1 
HETATM 1342 O O   . HOH E 3 .  ? -6.893  -29.380 7.684   1.00 48.85 ? 2036 HOH B O   1 
HETATM 1343 O O   . HOH E 3 .  ? -9.087  -28.349 6.372   1.00 39.01 ? 2037 HOH B O   1 
HETATM 1344 O O   . HOH E 3 .  ? 0.473   -16.775 -2.424  1.00 33.43 ? 2038 HOH B O   1 
HETATM 1345 O O   . HOH E 3 .  ? 4.519   -20.949 -5.043  1.00 37.10 ? 2039 HOH B O   1 
HETATM 1346 O O   . HOH E 3 .  ? 1.851   -19.718 3.613   1.00 41.84 ? 2040 HOH B O   1 
HETATM 1347 O O   . HOH E 3 .  ? -0.084  -11.412 -1.560  1.00 25.68 ? 2041 HOH B O   1 
HETATM 1348 O O   . HOH E 3 .  ? 0.218   -6.159  -2.633  1.00 32.37 ? 2042 HOH B O   1 
HETATM 1349 O O   . HOH E 3 .  ? -3.297  -0.404  -4.208  1.00 32.68 ? 2043 HOH B O   1 
HETATM 1350 O O   . HOH E 3 .  ? 1.679   -4.213  -6.177  1.00 48.08 ? 2044 HOH B O   1 
HETATM 1351 O O   . HOH E 3 .  ? -0.232  -2.859  -6.247  1.00 36.30 ? 2045 HOH B O   1 
HETATM 1352 O O   . HOH E 3 .  ? -0.937  0.379   -5.296  1.00 31.73 ? 2046 HOH B O   1 
HETATM 1353 O O   . HOH E 3 .  ? 1.610   -0.261  -8.938  1.00 51.66 ? 2047 HOH B O   1 
HETATM 1354 O O   . HOH E 3 .  ? -2.238  -7.380  -5.423  1.00 37.15 ? 2048 HOH B O   1 
HETATM 1355 O O   . HOH E 3 .  ? -0.764  -16.290 -7.446  1.00 39.53 ? 2049 HOH B O   1 
HETATM 1356 O O   . HOH E 3 .  ? -6.706  -26.065 -6.502  1.00 29.77 ? 2050 HOH B O   1 
HETATM 1357 O O   . HOH E 3 .  ? -2.364  -23.503 -6.935  1.00 33.54 ? 2051 HOH B O   1 
HETATM 1358 O O   . HOH E 3 .  ? -11.315 -25.914 -12.619 1.00 36.97 ? 2052 HOH B O   1 
HETATM 1359 O O   . HOH E 3 .  ? -5.779  -6.416  -7.718  1.00 32.76 ? 2053 HOH B O   1 
HETATM 1360 O O   . HOH E 3 .  ? -8.600  -6.589  -7.080  1.00 37.15 ? 2054 HOH B O   1 
HETATM 1361 O O   . HOH E 3 .  ? -8.636  -9.168  -5.730  1.00 31.71 ? 2055 HOH B O   1 
# 
